data_2XLC
#
_entry.id   2XLC
#
_cell.length_a   82.049
_cell.length_b   116.052
_cell.length_c   100.248
_cell.angle_alpha   90.00
_cell.angle_beta   105.60
_cell.angle_gamma   90.00
#
_symmetry.space_group_name_H-M   'P 1 21 1'
#
loop_
_entity.id
_entity.type
_entity.pdbx_description
1 polymer 'ACETYL XYLAN ESTERASE'
2 non-polymer 'DIETHYL PHOSPHONATE'
3 water water
#
_entity_poly.entity_id   1
_entity_poly.type   'polypeptide(L)'
_entity_poly.pdbx_seq_one_letter_code
;(MSE)QLFDLSLEELKKYKPKKTARPDFADFWKKSLEELRQVEAEPTLESYDYPVKGVKVYRLTYQSFGHSKIEGFYAVP
DQTGPHPALVRFHGYNASYDDGIHDIVNWALHGYATFG(MSE)LVRGQGGSEDTSVTPGGHALGW(MSE)TKGILSKDTY
YYRGVYLDAVRALEVIQSFPEVDEHRIGVIGGSQGGALAIAAAALSDIPKVVVADYPYLSNFERAVDVALEQPYLEINSY
FRRNSDPEVEEKAFETLSYFDLINLAGWVKQPTL(MSE)AIGLIDQVTPPSTVFAAYNHLETDKELKVYRYFGHEFIPAF
QTEKLSFLQKHLLLST
;
_entity_poly.pdbx_strand_id   A,B,C,D,E,F
#
loop_
_chem_comp.id
_chem_comp.type
_chem_comp.name
_chem_comp.formula
DEP non-polymer 'DIETHYL PHOSPHONATE' 'C4 H11 O3 P'
#
# COMPACT_ATOMS: atom_id res chain seq x y z
N SER A 7 -1.22 -25.00 -16.76
CA SER A 7 -0.84 -23.61 -16.97
C SER A 7 0.53 -23.43 -17.55
N LEU A 8 1.55 -24.04 -16.98
CA LEU A 8 2.75 -24.07 -17.81
C LEU A 8 2.41 -24.72 -19.16
N GLU A 9 1.48 -25.67 -19.15
CA GLU A 9 1.09 -26.35 -20.38
C GLU A 9 0.42 -25.41 -21.37
N GLU A 10 -0.51 -24.59 -20.90
CA GLU A 10 -1.16 -23.62 -21.77
C GLU A 10 -0.15 -22.62 -22.30
N LEU A 11 0.76 -22.18 -21.44
CA LEU A 11 1.80 -21.24 -21.83
C LEU A 11 2.74 -21.82 -22.88
N LYS A 12 3.08 -23.09 -22.72
CA LYS A 12 4.03 -23.75 -23.62
C LYS A 12 3.48 -23.82 -25.04
N LYS A 13 2.15 -23.83 -25.16
CA LYS A 13 1.52 -23.95 -26.47
C LYS A 13 1.00 -22.61 -27.01
N TYR A 14 1.25 -21.53 -26.27
CA TYR A 14 0.75 -20.22 -26.64
C TYR A 14 1.56 -19.57 -27.75
N LYS A 15 0.93 -19.39 -28.90
CA LYS A 15 1.59 -18.79 -30.05
C LYS A 15 0.61 -17.91 -30.82
N PRO A 16 0.46 -16.65 -30.39
CA PRO A 16 -0.50 -15.74 -30.99
C PRO A 16 -0.21 -15.45 -32.45
N LYS A 17 -1.25 -15.19 -33.24
CA LYS A 17 -1.07 -14.83 -34.64
C LYS A 17 -0.22 -13.58 -34.75
N LYS A 18 0.70 -13.56 -35.72
CA LYS A 18 1.54 -12.40 -35.94
C LYS A 18 0.67 -11.18 -36.26
N THR A 19 1.17 -10.01 -35.90
CA THR A 19 0.46 -8.77 -36.18
C THR A 19 1.20 -7.96 -37.23
N ALA A 20 2.32 -8.51 -37.70
CA ALA A 20 3.13 -7.84 -38.71
C ALA A 20 2.29 -7.39 -39.88
N ARG A 21 2.38 -6.11 -40.23
CA ARG A 21 1.66 -5.56 -41.35
C ARG A 21 2.35 -5.98 -42.64
N PRO A 22 1.65 -5.87 -43.78
CA PRO A 22 2.18 -6.31 -45.08
C PRO A 22 3.49 -5.64 -45.49
N ASP A 23 3.74 -4.43 -44.99
CA ASP A 23 4.94 -3.69 -45.35
C ASP A 23 6.03 -3.83 -44.28
N PHE A 24 5.87 -4.81 -43.41
CA PHE A 24 6.81 -5.04 -42.31
C PHE A 24 8.26 -5.05 -42.77
N ALA A 25 8.59 -5.90 -43.74
CA ALA A 25 9.95 -6.04 -44.22
C ALA A 25 10.46 -4.75 -44.86
N ASP A 26 9.62 -4.14 -45.69
CA ASP A 26 9.99 -2.90 -46.36
C ASP A 26 10.35 -1.80 -45.37
N PHE A 27 9.55 -1.66 -44.31
CA PHE A 27 9.80 -0.64 -43.31
C PHE A 27 11.21 -0.77 -42.73
N TRP A 28 11.61 -2.00 -42.43
CA TRP A 28 12.93 -2.23 -41.83
C TRP A 28 14.06 -2.13 -42.84
N LYS A 29 13.80 -2.45 -44.09
CA LYS A 29 14.84 -2.35 -45.09
C LYS A 29 15.13 -0.91 -45.33
N LYS A 30 14.09 -0.10 -45.24
CA LYS A 30 14.16 1.31 -45.51
C LYS A 30 14.69 2.05 -44.34
N SER A 31 14.77 1.38 -43.22
CA SER A 31 15.18 2.02 -42.01
C SER A 31 16.64 1.74 -41.83
N LEU A 32 16.98 0.49 -42.09
CA LEU A 32 18.35 0.05 -42.07
C LEU A 32 19.14 0.77 -43.12
N GLU A 33 18.41 1.31 -44.08
CA GLU A 33 18.96 2.04 -45.19
C GLU A 33 19.18 3.49 -44.81
N GLU A 34 18.27 4.07 -44.05
CA GLU A 34 18.48 5.41 -43.60
C GLU A 34 19.62 5.46 -42.63
N LEU A 35 19.95 4.34 -42.04
CA LEU A 35 20.97 4.29 -41.04
C LEU A 35 22.28 4.14 -41.73
N ARG A 36 22.28 3.49 -42.86
CA ARG A 36 23.48 3.32 -43.62
C ARG A 36 23.92 4.66 -44.11
N GLN A 37 22.97 5.59 -44.14
CA GLN A 37 23.17 6.93 -44.66
C GLN A 37 24.07 7.76 -43.74
N VAL A 38 24.14 7.37 -42.48
CA VAL A 38 24.89 8.12 -41.48
C VAL A 38 26.25 7.51 -41.20
N GLU A 39 27.31 8.31 -41.24
CA GLU A 39 28.63 7.82 -40.89
C GLU A 39 28.66 7.59 -39.37
N ALA A 40 29.28 6.50 -38.92
CA ALA A 40 29.38 6.12 -37.53
C ALA A 40 30.34 6.99 -36.78
N GLU A 41 31.47 7.26 -37.38
CA GLU A 41 32.39 8.21 -36.84
C GLU A 41 32.59 7.97 -35.36
N PRO A 42 33.08 6.77 -35.05
CA PRO A 42 33.31 6.35 -33.67
C PRO A 42 34.33 7.21 -32.94
N THR A 43 34.23 7.22 -31.62
CA THR A 43 35.13 7.98 -30.79
C THR A 43 35.46 7.23 -29.51
N LEU A 44 36.72 6.83 -29.38
CA LEU A 44 37.17 6.12 -28.19
C LEU A 44 37.98 7.03 -27.27
N GLU A 45 37.80 6.84 -25.97
CA GLU A 45 38.46 7.67 -24.98
C GLU A 45 38.69 6.88 -23.71
N SER A 46 39.95 6.67 -23.36
CA SER A 46 40.28 5.87 -22.17
C SER A 46 39.62 6.47 -20.93
N TYR A 47 39.27 5.60 -19.99
CA TYR A 47 38.59 6.00 -18.77
C TYR A 47 39.14 5.21 -17.60
N ASP A 48 39.55 5.86 -16.53
CA ASP A 48 40.18 5.16 -15.43
C ASP A 48 39.20 4.46 -14.51
N TYR A 49 39.47 3.23 -14.16
CA TYR A 49 38.57 2.52 -13.33
C TYR A 49 39.38 1.61 -12.47
N PRO A 50 39.05 1.52 -11.20
CA PRO A 50 39.81 0.67 -10.32
C PRO A 50 39.76 -0.78 -10.66
N VAL A 51 40.35 -1.17 -11.77
CA VAL A 51 40.40 -2.57 -12.09
C VAL A 51 41.68 -2.96 -12.76
N LYS A 52 42.10 -4.18 -12.52
CA LYS A 52 43.27 -4.68 -13.16
C LYS A 52 42.90 -5.71 -14.21
N GLY A 53 43.64 -5.69 -15.29
CA GLY A 53 43.43 -6.67 -16.34
C GLY A 53 42.38 -6.23 -17.33
N VAL A 54 41.85 -5.04 -17.11
CA VAL A 54 40.81 -4.53 -18.01
C VAL A 54 41.01 -3.06 -18.29
N LYS A 55 40.94 -2.68 -19.56
CA LYS A 55 41.00 -1.27 -19.92
C LYS A 55 39.58 -0.81 -20.25
N VAL A 56 39.21 0.36 -19.73
CA VAL A 56 37.86 0.89 -19.92
C VAL A 56 37.89 2.11 -20.82
N TYR A 57 36.89 2.22 -21.70
CA TYR A 57 36.81 3.34 -22.61
C TYR A 57 35.41 3.92 -22.66
N ARG A 58 35.32 5.16 -23.14
CA ARG A 58 34.05 5.76 -23.48
C ARG A 58 33.90 5.67 -24.99
N LEU A 59 32.90 4.92 -25.45
CA LEU A 59 32.69 4.75 -26.88
C LEU A 59 31.58 5.66 -27.40
N THR A 60 31.82 6.30 -28.53
CA THR A 60 30.85 7.19 -29.14
C THR A 60 30.72 6.88 -30.63
N TYR A 61 29.50 7.02 -31.14
CA TYR A 61 29.24 6.82 -32.56
C TYR A 61 27.95 7.47 -32.96
N GLN A 62 27.81 7.76 -34.25
CA GLN A 62 26.58 8.36 -34.76
C GLN A 62 25.64 7.33 -35.34
N SER A 63 24.36 7.53 -35.11
CA SER A 63 23.35 6.63 -35.59
C SER A 63 22.19 7.35 -36.18
N PHE A 64 21.14 6.62 -36.46
CA PHE A 64 19.92 7.14 -37.03
C PHE A 64 19.61 8.51 -36.55
N GLY A 65 19.33 9.43 -37.46
CA GLY A 65 18.94 10.77 -37.12
C GLY A 65 20.08 11.67 -36.77
N HIS A 66 21.28 11.15 -36.85
CA HIS A 66 22.45 11.89 -36.46
C HIS A 66 22.46 12.07 -34.98
N SER A 67 22.09 11.03 -34.28
CA SER A 67 22.12 11.00 -32.84
C SER A 67 23.43 10.38 -32.42
N LYS A 68 24.04 10.94 -31.39
CA LYS A 68 25.28 10.40 -30.89
C LYS A 68 25.01 9.43 -29.76
N ILE A 69 25.28 8.16 -29.99
CA ILE A 69 25.07 7.13 -29.00
C ILE A 69 26.36 6.91 -28.22
N GLU A 70 26.22 6.63 -26.92
CA GLU A 70 27.35 6.53 -26.01
C GLU A 70 27.26 5.28 -25.13
N GLY A 71 28.31 5.02 -24.37
CA GLY A 71 28.31 3.94 -23.42
C GLY A 71 29.73 3.54 -23.13
N PHE A 72 29.93 2.80 -22.07
CA PHE A 72 31.26 2.35 -21.69
C PHE A 72 31.66 1.10 -22.45
N TYR A 73 32.94 1.03 -22.80
CA TYR A 73 33.47 -0.10 -23.54
C TYR A 73 34.67 -0.64 -22.80
N ALA A 74 34.52 -1.84 -22.24
CA ALA A 74 35.59 -2.45 -21.45
C ALA A 74 36.21 -3.62 -22.20
N VAL A 75 37.54 -3.64 -22.25
CA VAL A 75 38.26 -4.67 -22.96
C VAL A 75 39.23 -5.42 -22.06
N PRO A 76 39.28 -6.75 -22.17
CA PRO A 76 40.23 -7.54 -21.43
C PRO A 76 41.65 -7.04 -21.72
N ASP A 77 42.41 -6.69 -20.72
CA ASP A 77 43.70 -6.11 -20.93
C ASP A 77 44.70 -7.21 -21.24
N GLN A 78 44.48 -7.87 -22.37
CA GLN A 78 45.33 -8.94 -22.87
C GLN A 78 45.24 -9.06 -24.39
N THR A 79 46.30 -9.53 -25.01
CA THR A 79 46.39 -9.70 -26.47
C THR A 79 45.14 -10.27 -27.17
N GLY A 80 44.57 -9.49 -28.07
CA GLY A 80 43.38 -9.87 -28.80
C GLY A 80 43.59 -11.02 -29.73
N PRO A 81 42.63 -11.30 -30.56
CA PRO A 81 41.36 -10.62 -30.58
C PRO A 81 40.52 -11.26 -29.54
N HIS A 82 39.44 -10.62 -29.12
CA HIS A 82 38.60 -11.19 -28.08
C HIS A 82 37.21 -11.37 -28.58
N PRO A 83 36.47 -12.26 -27.94
CA PRO A 83 35.04 -12.34 -28.19
C PRO A 83 34.40 -11.07 -27.64
N ALA A 84 33.27 -10.67 -28.20
CA ALA A 84 32.66 -9.41 -27.80
C ALA A 84 31.18 -9.55 -27.44
N LEU A 85 30.73 -8.68 -26.55
CA LEU A 85 29.33 -8.63 -26.17
C LEU A 85 28.81 -7.22 -26.27
N VAL A 86 27.65 -7.05 -26.88
CA VAL A 86 26.93 -5.80 -26.78
C VAL A 86 25.81 -5.99 -25.77
N ARG A 87 25.88 -5.23 -24.69
CA ARG A 87 24.93 -5.37 -23.60
C ARG A 87 23.90 -4.25 -23.60
N PHE A 88 22.63 -4.61 -23.46
CA PHE A 88 21.57 -3.61 -23.43
C PHE A 88 20.89 -3.56 -22.08
N HIS A 89 20.73 -2.36 -21.54
CA HIS A 89 20.18 -2.19 -20.19
C HIS A 89 18.65 -2.17 -20.19
N GLY A 90 18.07 -2.23 -19.00
CA GLY A 90 16.62 -2.27 -18.84
C GLY A 90 15.95 -0.91 -18.94
N TYR A 91 14.63 -0.93 -19.07
CA TYR A 91 13.84 0.30 -19.22
C TYR A 91 13.99 1.20 -18.00
N ASN A 92 14.55 2.37 -18.21
CA ASN A 92 14.72 3.34 -17.13
C ASN A 92 15.55 2.78 -15.99
N ALA A 93 16.34 1.75 -16.29
CA ALA A 93 17.12 1.07 -15.26
C ALA A 93 18.63 1.15 -15.52
N SER A 94 19.09 2.25 -16.09
CA SER A 94 20.52 2.46 -16.29
C SER A 94 21.10 3.36 -15.20
N TYR A 95 21.87 2.78 -14.29
CA TYR A 95 22.49 3.54 -13.21
C TYR A 95 23.99 3.69 -13.44
N ASP A 96 24.45 4.94 -13.51
CA ASP A 96 25.85 5.22 -13.82
C ASP A 96 26.32 4.43 -15.05
N ASP A 97 25.46 4.34 -16.05
CA ASP A 97 25.81 3.69 -17.30
C ASP A 97 26.15 2.22 -17.11
N GLY A 98 25.72 1.65 -15.99
CA GLY A 98 26.01 0.25 -15.68
C GLY A 98 27.46 -0.09 -15.92
N ILE A 99 28.36 0.78 -15.49
CA ILE A 99 29.78 0.59 -15.74
C ILE A 99 30.33 -0.65 -15.02
N HIS A 100 29.83 -0.90 -13.82
CA HIS A 100 30.34 -2.01 -13.02
C HIS A 100 30.06 -3.36 -13.67
N ASP A 101 28.87 -3.49 -14.25
CA ASP A 101 28.50 -4.73 -14.94
C ASP A 101 29.35 -4.91 -16.19
N ILE A 102 29.57 -3.81 -16.90
CA ILE A 102 30.36 -3.86 -18.12
C ILE A 102 31.78 -4.32 -17.82
N VAL A 103 32.40 -3.70 -16.81
CA VAL A 103 33.75 -4.10 -16.41
C VAL A 103 33.79 -5.59 -16.05
N ASN A 104 32.80 -6.04 -15.31
CA ASN A 104 32.73 -7.45 -14.90
C ASN A 104 32.66 -8.39 -16.09
N TRP A 105 31.89 -8.00 -17.11
CA TRP A 105 31.82 -8.80 -18.32
C TRP A 105 33.18 -8.92 -18.98
N ALA A 106 33.92 -7.82 -19.00
CA ALA A 106 35.27 -7.80 -19.57
C ALA A 106 36.18 -8.73 -18.76
N LEU A 107 36.00 -8.74 -17.45
CA LEU A 107 36.78 -9.61 -16.59
C LEU A 107 36.49 -11.08 -16.88
N HIS A 108 35.35 -11.35 -17.51
CA HIS A 108 34.98 -12.70 -17.90
C HIS A 108 35.58 -13.09 -19.24
N GLY A 109 36.32 -12.16 -19.86
CA GLY A 109 37.01 -12.43 -21.12
C GLY A 109 36.31 -11.86 -22.33
N TYR A 110 35.32 -11.00 -22.12
CA TYR A 110 34.56 -10.43 -23.23
C TYR A 110 34.81 -8.94 -23.39
N ALA A 111 35.24 -8.53 -24.58
CA ALA A 111 35.29 -7.12 -24.93
C ALA A 111 33.84 -6.69 -25.09
N THR A 112 33.32 -6.01 -24.09
CA THR A 112 31.89 -5.74 -24.03
C THR A 112 31.52 -4.26 -24.00
N PHE A 113 30.49 -3.91 -24.76
CA PHE A 113 30.02 -2.53 -24.85
C PHE A 113 28.59 -2.41 -24.35
N GLY A 114 28.39 -1.54 -23.38
CA GLY A 114 27.05 -1.30 -22.83
C GLY A 114 26.43 -0.08 -23.48
N MSE A 115 25.65 -0.31 -24.53
CA MSE A 115 25.01 0.79 -25.25
C MSE A 115 23.94 1.44 -24.39
O MSE A 115 23.06 0.77 -23.86
CB MSE A 115 24.40 0.31 -26.57
CG MSE A 115 23.92 1.44 -27.46
SE MSE A 115 22.59 0.89 -28.77
CE MSE A 115 21.05 0.71 -27.60
N LEU A 116 24.02 2.76 -24.26
CA LEU A 116 23.02 3.49 -23.51
C LEU A 116 21.86 3.85 -24.44
N VAL A 117 20.65 3.58 -23.99
CA VAL A 117 19.45 3.77 -24.76
C VAL A 117 19.08 5.24 -24.88
N ARG A 118 19.00 5.69 -26.12
CA ARG A 118 18.75 7.06 -26.44
C ARG A 118 17.67 7.69 -25.62
N GLY A 119 18.02 8.75 -24.91
CA GLY A 119 17.07 9.45 -24.13
C GLY A 119 16.89 8.85 -22.79
N GLN A 120 17.22 7.59 -22.64
CA GLN A 120 17.06 6.96 -21.36
C GLN A 120 18.35 7.03 -20.64
N GLY A 121 19.28 6.25 -21.09
CA GLY A 121 20.52 6.07 -20.41
C GLY A 121 21.69 6.97 -20.60
N GLY A 122 21.79 7.67 -21.70
CA GLY A 122 22.99 8.47 -21.76
C GLY A 122 23.40 8.74 -23.15
N SER A 123 22.43 8.57 -24.01
CA SER A 123 22.68 8.81 -25.36
C SER A 123 21.69 9.80 -25.73
N GLU A 124 21.90 10.28 -26.89
CA GLU A 124 21.14 11.38 -27.46
C GLU A 124 20.00 10.91 -28.35
N ASP A 125 18.79 11.39 -28.07
CA ASP A 125 17.66 11.09 -28.95
C ASP A 125 17.32 12.32 -29.77
N THR A 126 17.58 12.22 -31.07
CA THR A 126 17.50 13.36 -31.96
C THR A 126 16.11 13.52 -32.57
N SER A 127 15.27 12.49 -32.40
CA SER A 127 13.96 12.46 -33.04
C SER A 127 12.95 13.39 -32.37
N VAL A 128 12.25 14.17 -33.19
CA VAL A 128 11.20 15.07 -32.71
C VAL A 128 10.10 14.30 -32.00
N THR A 129 9.38 14.98 -31.12
CA THR A 129 8.21 14.41 -30.47
C THR A 129 6.96 14.92 -31.19
N PRO A 130 6.38 14.10 -32.06
CA PRO A 130 5.26 14.48 -32.93
C PRO A 130 4.11 15.14 -32.17
N GLY A 131 3.63 14.50 -31.12
CA GLY A 131 2.53 15.06 -30.34
C GLY A 131 2.54 14.56 -28.91
N GLY A 132 1.43 14.73 -28.21
CA GLY A 132 1.34 14.29 -26.82
C GLY A 132 1.60 12.79 -26.69
N HIS A 133 1.92 12.37 -25.46
CA HIS A 133 2.07 10.96 -25.17
C HIS A 133 2.08 10.75 -23.66
N ALA A 134 1.88 9.51 -23.21
CA ALA A 134 1.87 9.21 -21.79
C ALA A 134 3.26 9.35 -21.18
N LEU A 135 3.31 9.65 -19.88
CA LEU A 135 4.56 9.75 -19.16
C LEU A 135 5.43 8.52 -19.41
N GLY A 136 6.62 8.74 -19.98
CA GLY A 136 7.52 7.64 -20.31
C GLY A 136 7.93 7.67 -21.78
N TRP A 137 8.65 6.65 -22.21
CA TRP A 137 9.10 6.56 -23.59
C TRP A 137 8.17 5.68 -24.44
N MSE A 138 7.42 4.81 -23.78
CA MSE A 138 6.63 3.80 -24.47
C MSE A 138 5.77 4.33 -25.62
O MSE A 138 5.64 3.68 -26.65
CB MSE A 138 5.75 3.04 -23.47
CG MSE A 138 6.53 2.15 -22.53
SE MSE A 138 7.69 0.98 -23.53
CE MSE A 138 6.34 -0.02 -24.54
N THR A 139 5.17 5.49 -25.43
CA THR A 139 4.20 6.00 -26.39
C THR A 139 4.69 7.21 -27.19
N LYS A 140 5.97 7.54 -27.05
CA LYS A 140 6.56 8.65 -27.78
C LYS A 140 6.62 8.36 -29.28
N GLY A 141 5.93 9.18 -30.08
CA GLY A 141 5.86 8.99 -31.52
C GLY A 141 5.04 7.77 -31.91
N ILE A 142 4.12 7.38 -31.02
CA ILE A 142 3.35 6.16 -31.18
C ILE A 142 2.41 6.15 -32.40
N LEU A 143 2.10 7.34 -32.91
CA LEU A 143 1.13 7.45 -34.00
C LEU A 143 1.70 7.17 -35.39
N SER A 144 2.97 6.78 -35.44
CA SER A 144 3.60 6.44 -36.71
C SER A 144 4.88 5.64 -36.51
N LYS A 145 5.02 4.55 -37.27
CA LYS A 145 6.22 3.72 -37.15
C LYS A 145 7.47 4.47 -37.60
N ASP A 146 7.31 5.54 -38.36
CA ASP A 146 8.44 6.35 -38.77
C ASP A 146 8.97 7.18 -37.60
N THR A 147 8.07 7.59 -36.72
CA THR A 147 8.42 8.49 -35.63
C THR A 147 8.55 7.77 -34.29
N TYR A 148 8.23 6.48 -34.26
CA TYR A 148 8.20 5.76 -32.99
C TYR A 148 9.57 5.69 -32.31
N TYR A 149 9.55 5.84 -30.99
CA TYR A 149 10.75 5.88 -30.18
C TYR A 149 11.71 4.72 -30.45
N TYR A 150 11.19 3.50 -30.47
CA TYR A 150 12.06 2.33 -30.58
C TYR A 150 12.65 2.11 -31.97
N ARG A 151 12.16 2.85 -32.96
CA ARG A 151 12.75 2.77 -34.30
C ARG A 151 14.21 3.19 -34.20
N GLY A 152 14.45 4.39 -33.68
CA GLY A 152 15.80 4.89 -33.49
C GLY A 152 16.65 3.95 -32.65
N VAL A 153 16.11 3.53 -31.52
CA VAL A 153 16.86 2.70 -30.59
C VAL A 153 17.23 1.36 -31.21
N TYR A 154 16.28 0.73 -31.89
CA TYR A 154 16.56 -0.52 -32.58
C TYR A 154 17.74 -0.33 -33.54
N LEU A 155 17.69 0.74 -34.33
CA LEU A 155 18.76 1.01 -35.29
C LEU A 155 20.09 1.27 -34.60
N ASP A 156 20.05 1.91 -33.43
CA ASP A 156 21.25 2.16 -32.64
C ASP A 156 21.91 0.84 -32.27
N ALA A 157 21.09 -0.15 -31.96
CA ALA A 157 21.59 -1.47 -31.59
C ALA A 157 22.32 -2.11 -32.77
N VAL A 158 21.73 -2.03 -33.96
CA VAL A 158 22.37 -2.57 -35.15
C VAL A 158 23.74 -1.92 -35.36
N ARG A 159 23.78 -0.59 -35.30
CA ARG A 159 25.04 0.11 -35.49
C ARG A 159 26.06 -0.26 -34.43
N ALA A 160 25.62 -0.38 -33.19
CA ALA A 160 26.50 -0.80 -32.10
C ALA A 160 27.30 -2.01 -32.56
N LEU A 161 26.61 -2.98 -33.15
CA LEU A 161 27.26 -4.18 -33.64
C LEU A 161 28.21 -3.89 -34.79
N GLU A 162 27.86 -2.91 -35.58
CA GLU A 162 28.65 -2.52 -36.70
C GLU A 162 29.93 -1.86 -36.28
N VAL A 163 29.89 -1.11 -35.19
CA VAL A 163 31.06 -0.41 -34.70
C VAL A 163 32.09 -1.33 -34.05
N ILE A 164 31.66 -2.06 -33.03
CA ILE A 164 32.56 -2.97 -32.32
C ILE A 164 33.11 -4.06 -33.23
N GLN A 165 32.32 -4.44 -34.23
CA GLN A 165 32.73 -5.48 -35.16
C GLN A 165 33.94 -5.05 -35.97
N SER A 166 34.10 -3.74 -36.14
CA SER A 166 35.21 -3.21 -36.92
C SER A 166 36.47 -3.04 -36.09
N PHE A 167 36.36 -3.22 -34.78
CA PHE A 167 37.51 -3.10 -33.91
C PHE A 167 38.49 -4.25 -34.12
N PRO A 168 39.78 -3.93 -34.29
CA PRO A 168 40.82 -4.93 -34.51
C PRO A 168 40.93 -5.93 -33.37
N GLU A 169 40.64 -5.51 -32.15
CA GLU A 169 40.78 -6.40 -30.99
C GLU A 169 39.57 -7.32 -30.87
N VAL A 170 38.53 -7.05 -31.65
CA VAL A 170 37.30 -7.82 -31.61
C VAL A 170 37.24 -8.86 -32.71
N ASP A 171 36.94 -10.10 -32.34
CA ASP A 171 36.73 -11.17 -33.30
C ASP A 171 35.30 -11.11 -33.84
N GLU A 172 35.14 -10.57 -35.03
CA GLU A 172 33.80 -10.32 -35.59
C GLU A 172 32.92 -11.56 -35.64
N HIS A 173 33.53 -12.74 -35.60
CA HIS A 173 32.73 -13.95 -35.72
C HIS A 173 32.40 -14.56 -34.36
N ARG A 174 32.73 -13.82 -33.30
CA ARG A 174 32.41 -14.25 -31.96
C ARG A 174 31.80 -13.11 -31.14
N ILE A 175 30.77 -12.48 -31.71
CA ILE A 175 30.06 -11.40 -31.04
C ILE A 175 28.71 -11.88 -30.54
N GLY A 176 28.47 -11.66 -29.24
CA GLY A 176 27.18 -12.01 -28.64
C GLY A 176 26.38 -10.78 -28.26
N VAL A 177 25.06 -10.94 -28.24
CA VAL A 177 24.18 -9.84 -27.87
C VAL A 177 23.32 -10.28 -26.68
N ILE A 178 23.39 -9.52 -25.59
CA ILE A 178 22.67 -9.89 -24.36
C ILE A 178 21.96 -8.70 -23.70
N GLY A 179 21.01 -9.02 -22.82
CA GLY A 179 20.26 -8.01 -22.09
C GLY A 179 19.05 -8.59 -21.39
N GLY A 180 18.54 -7.86 -20.40
CA GLY A 180 17.34 -8.26 -19.68
C GLY A 180 16.19 -7.30 -19.91
N SER A 181 14.96 -7.81 -19.86
CA SER A 181 13.78 -6.98 -20.10
C SER A 181 13.93 -6.19 -21.39
N GLN A 182 14.00 -4.87 -21.28
CA GLN A 182 14.22 -4.04 -22.46
C GLN A 182 15.49 -4.47 -23.18
N GLY A 183 16.52 -4.79 -22.41
CA GLY A 183 17.78 -5.24 -22.97
C GLY A 183 17.61 -6.50 -23.79
N GLY A 184 16.81 -7.43 -23.29
CA GLY A 184 16.55 -8.68 -24.00
C GLY A 184 15.83 -8.45 -25.31
N ALA A 185 14.89 -7.52 -25.32
CA ALA A 185 14.18 -7.16 -26.53
C ALA A 185 15.14 -6.60 -27.57
N LEU A 186 16.01 -5.69 -27.14
CA LEU A 186 17.00 -5.11 -28.03
C LEU A 186 17.96 -6.18 -28.53
N ALA A 187 18.31 -7.12 -27.66
CA ALA A 187 19.18 -8.22 -28.05
C ALA A 187 18.55 -9.00 -29.20
N ILE A 188 17.28 -9.38 -29.03
CA ILE A 188 16.55 -10.12 -30.05
C ILE A 188 16.36 -9.29 -31.32
N ALA A 189 15.89 -8.05 -31.16
CA ALA A 189 15.67 -7.18 -32.30
C ALA A 189 16.95 -7.03 -33.10
N ALA A 190 18.05 -6.73 -32.42
CA ALA A 190 19.34 -6.57 -33.07
C ALA A 190 19.70 -7.83 -33.87
N ALA A 191 19.60 -8.98 -33.21
CA ALA A 191 19.89 -10.25 -33.87
C ALA A 191 18.99 -10.47 -35.08
N ALA A 192 17.74 -10.02 -34.98
CA ALA A 192 16.79 -10.19 -36.06
C ALA A 192 17.09 -9.28 -37.25
N LEU A 193 17.68 -8.13 -36.97
CA LEU A 193 17.95 -7.14 -38.02
C LEU A 193 19.39 -7.18 -38.52
N SER A 194 20.24 -7.94 -37.83
CA SER A 194 21.65 -8.02 -38.19
C SER A 194 22.18 -9.44 -38.09
N ASP A 195 23.09 -9.80 -39.01
CA ASP A 195 23.71 -11.12 -39.00
C ASP A 195 25.01 -11.11 -38.21
N ILE A 196 25.39 -9.95 -37.70
CA ILE A 196 26.65 -9.80 -36.98
C ILE A 196 26.72 -10.68 -35.74
N PRO A 197 25.71 -10.57 -34.86
CA PRO A 197 25.72 -11.35 -33.62
C PRO A 197 25.66 -12.85 -33.89
N LYS A 198 26.51 -13.61 -33.21
CA LYS A 198 26.52 -15.06 -33.36
C LYS A 198 25.56 -15.71 -32.38
N VAL A 199 25.27 -15.02 -31.28
CA VAL A 199 24.48 -15.60 -30.22
C VAL A 199 23.59 -14.57 -29.52
N VAL A 200 22.50 -15.04 -28.93
CA VAL A 200 21.55 -14.15 -28.25
C VAL A 200 21.15 -14.68 -26.88
N VAL A 201 21.21 -13.80 -25.88
CA VAL A 201 20.72 -14.10 -24.55
C VAL A 201 19.77 -13.02 -24.09
N ALA A 202 18.53 -13.40 -23.83
CA ALA A 202 17.53 -12.47 -23.40
C ALA A 202 16.88 -12.88 -22.10
N ASP A 203 16.83 -12.01 -21.12
CA ASP A 203 16.19 -12.32 -19.88
C ASP A 203 14.84 -11.74 -19.96
N TYR A 204 13.80 -12.47 -19.59
CA TYR A 204 12.45 -11.94 -19.62
C TYR A 204 12.31 -10.78 -20.56
N PRO A 205 12.19 -11.04 -21.84
CA PRO A 205 12.19 -9.99 -22.83
C PRO A 205 10.97 -9.13 -22.85
N TYR A 206 11.17 -7.88 -23.17
CA TYR A 206 10.18 -6.85 -23.18
C TYR A 206 9.68 -6.50 -24.59
N LEU A 207 8.78 -5.54 -24.73
CA LEU A 207 8.28 -5.18 -26.04
C LEU A 207 7.87 -6.42 -26.82
N SER A 208 7.01 -7.23 -26.22
CA SER A 208 6.56 -8.46 -26.86
C SER A 208 5.06 -8.70 -26.68
N ASN A 209 4.37 -9.01 -27.78
CA ASN A 209 2.95 -9.31 -27.74
C ASN A 209 2.14 -8.17 -27.13
N PHE A 210 2.35 -6.96 -27.66
CA PHE A 210 1.74 -5.75 -27.11
C PHE A 210 0.25 -5.88 -26.85
N GLU A 211 -0.48 -6.46 -27.80
CA GLU A 211 -1.93 -6.50 -27.69
C GLU A 211 -2.42 -7.34 -26.53
N ARG A 212 -1.58 -8.25 -26.03
CA ARG A 212 -1.94 -8.99 -24.82
C ARG A 212 -1.31 -8.37 -23.58
N ALA A 213 -0.08 -7.90 -23.72
CA ALA A 213 0.64 -7.29 -22.61
C ALA A 213 -0.24 -6.25 -21.92
N VAL A 214 -0.95 -5.48 -22.73
CA VAL A 214 -1.79 -4.40 -22.23
C VAL A 214 -2.99 -4.91 -21.42
N ASP A 215 -3.27 -6.20 -21.52
CA ASP A 215 -4.41 -6.80 -20.83
C ASP A 215 -4.00 -7.62 -19.61
N VAL A 216 -2.72 -7.94 -19.51
CA VAL A 216 -2.25 -8.83 -18.46
C VAL A 216 -1.23 -8.17 -17.52
N ALA A 217 -0.56 -7.14 -18.02
CA ALA A 217 0.43 -6.43 -17.21
C ALA A 217 -0.22 -5.76 -15.99
N LEU A 218 0.32 -6.04 -14.81
CA LEU A 218 -0.19 -5.43 -13.58
C LEU A 218 0.77 -4.36 -13.07
N GLU A 219 1.79 -4.07 -13.87
CA GLU A 219 2.76 -3.10 -13.46
C GLU A 219 3.33 -2.36 -14.65
N GLN A 220 4.03 -1.28 -14.37
CA GLN A 220 4.65 -0.48 -15.41
C GLN A 220 5.77 -1.30 -15.99
N PRO A 221 6.20 -0.95 -17.19
CA PRO A 221 5.61 0.17 -17.92
C PRO A 221 4.68 -0.16 -19.08
N TYR A 222 4.30 -1.42 -19.25
CA TYR A 222 3.38 -1.75 -20.34
C TYR A 222 2.14 -0.89 -20.22
N LEU A 223 1.81 -0.52 -18.98
CA LEU A 223 0.63 0.28 -18.70
C LEU A 223 0.70 1.70 -19.28
N GLU A 224 1.88 2.12 -19.71
CA GLU A 224 2.02 3.44 -20.31
C GLU A 224 1.12 3.54 -21.54
N ILE A 225 1.00 2.43 -22.26
CA ILE A 225 0.11 2.35 -23.41
C ILE A 225 -1.34 2.56 -22.97
N ASN A 226 -1.77 1.79 -21.98
CA ASN A 226 -3.11 1.96 -21.42
C ASN A 226 -3.30 3.42 -21.03
N SER A 227 -2.32 3.95 -20.31
CA SER A 227 -2.37 5.32 -19.82
C SER A 227 -2.53 6.30 -20.98
N TYR A 228 -1.87 6.00 -22.09
CA TYR A 228 -1.93 6.84 -23.28
C TYR A 228 -3.34 6.84 -23.89
N PHE A 229 -4.00 5.69 -23.88
CA PHE A 229 -5.35 5.58 -24.42
C PHE A 229 -6.38 6.28 -23.53
N ARG A 230 -6.11 6.35 -22.24
CA ARG A 230 -7.02 7.03 -21.32
C ARG A 230 -7.03 8.53 -21.62
N ARG A 231 -5.89 9.04 -22.08
CA ARG A 231 -5.75 10.46 -22.38
C ARG A 231 -6.21 10.78 -23.80
N ASN A 232 -6.19 9.78 -24.66
CA ASN A 232 -6.64 9.94 -26.04
C ASN A 232 -7.66 8.88 -26.40
N SER A 233 -8.94 9.19 -26.16
CA SER A 233 -10.01 8.21 -26.28
C SER A 233 -10.38 7.88 -27.72
N ASP A 234 -9.94 8.72 -28.66
CA ASP A 234 -10.23 8.49 -30.06
C ASP A 234 -9.91 7.04 -30.48
N PRO A 235 -10.94 6.31 -30.94
CA PRO A 235 -10.80 4.92 -31.33
C PRO A 235 -9.78 4.73 -32.46
N GLU A 236 -9.68 5.72 -33.33
CA GLU A 236 -8.67 5.70 -34.38
C GLU A 236 -7.27 5.63 -33.77
N VAL A 237 -7.06 6.43 -32.73
CA VAL A 237 -5.77 6.50 -32.05
C VAL A 237 -5.27 5.13 -31.61
N GLU A 238 -6.17 4.35 -31.01
CA GLU A 238 -5.81 3.01 -30.53
C GLU A 238 -5.42 2.11 -31.70
N GLU A 239 -6.22 2.17 -32.77
CA GLU A 239 -5.92 1.43 -34.00
C GLU A 239 -4.52 1.75 -34.50
N LYS A 240 -4.25 3.04 -34.71
CA LYS A 240 -2.95 3.46 -35.22
C LYS A 240 -1.81 3.05 -34.29
N ALA A 241 -2.04 3.20 -32.99
CA ALA A 241 -1.03 2.87 -32.00
C ALA A 241 -0.59 1.41 -32.08
N PHE A 242 -1.55 0.49 -32.06
CA PHE A 242 -1.24 -0.93 -32.16
C PHE A 242 -0.65 -1.27 -33.51
N GLU A 243 -1.01 -0.49 -34.52
CA GLU A 243 -0.46 -0.69 -35.84
C GLU A 243 1.04 -0.42 -35.84
N THR A 244 1.44 0.74 -35.31
CA THR A 244 2.84 1.10 -35.30
C THR A 244 3.63 0.18 -34.37
N LEU A 245 2.97 -0.29 -33.32
CA LEU A 245 3.62 -1.16 -32.34
C LEU A 245 4.00 -2.51 -32.92
N SER A 246 3.23 -2.98 -33.90
CA SER A 246 3.48 -4.30 -34.50
C SER A 246 4.81 -4.34 -35.24
N TYR A 247 5.32 -3.18 -35.65
CA TYR A 247 6.57 -3.12 -36.38
C TYR A 247 7.77 -3.37 -35.46
N PHE A 248 7.52 -3.36 -34.15
CA PHE A 248 8.59 -3.50 -33.18
C PHE A 248 8.36 -4.66 -32.23
N ASP A 249 7.20 -5.31 -32.39
CA ASP A 249 6.84 -6.42 -31.53
C ASP A 249 7.71 -7.63 -31.79
N LEU A 250 8.26 -8.21 -30.73
CA LEU A 250 9.15 -9.35 -30.85
C LEU A 250 8.52 -10.51 -31.60
N ILE A 251 7.21 -10.72 -31.43
CA ILE A 251 6.54 -11.84 -32.09
C ILE A 251 6.64 -11.73 -33.61
N ASN A 252 6.86 -10.51 -34.10
CA ASN A 252 6.98 -10.29 -35.53
C ASN A 252 8.44 -10.31 -35.99
N LEU A 253 9.35 -10.03 -35.06
CA LEU A 253 10.78 -10.03 -35.38
C LEU A 253 11.42 -11.39 -35.14
N ALA A 254 10.88 -12.14 -34.18
CA ALA A 254 11.45 -13.42 -33.80
C ALA A 254 11.71 -14.31 -35.01
N GLY A 255 10.87 -14.16 -36.03
CA GLY A 255 10.97 -14.97 -37.24
C GLY A 255 12.29 -14.81 -37.97
N TRP A 256 12.94 -13.67 -37.78
CA TRP A 256 14.19 -13.39 -38.48
C TRP A 256 15.44 -13.82 -37.73
N VAL A 257 15.30 -14.22 -36.48
CA VAL A 257 16.45 -14.62 -35.68
C VAL A 257 16.95 -16.03 -36.03
N LYS A 258 18.18 -16.09 -36.55
CA LYS A 258 18.80 -17.37 -36.91
C LYS A 258 19.93 -17.77 -35.96
N GLN A 259 20.25 -16.91 -35.00
CA GLN A 259 21.31 -17.20 -34.03
C GLN A 259 20.78 -18.09 -32.91
N PRO A 260 21.64 -18.96 -32.38
CA PRO A 260 21.26 -19.71 -31.19
C PRO A 260 20.92 -18.73 -30.08
N THR A 261 19.74 -18.87 -29.48
CA THR A 261 19.29 -17.92 -28.47
C THR A 261 18.77 -18.59 -27.20
N LEU A 262 19.13 -18.01 -26.07
CA LEU A 262 18.74 -18.53 -24.76
C LEU A 262 17.89 -17.50 -24.01
N MSE A 263 16.74 -17.95 -23.49
CA MSE A 263 15.83 -17.05 -22.80
C MSE A 263 15.49 -17.52 -21.39
O MSE A 263 15.64 -18.70 -21.06
CB MSE A 263 14.52 -16.89 -23.59
CG MSE A 263 14.70 -16.26 -24.96
SE MSE A 263 12.98 -15.78 -25.74
CE MSE A 263 13.62 -14.94 -27.36
N ALA A 264 15.02 -16.59 -20.56
CA ALA A 264 14.58 -16.90 -19.22
C ALA A 264 13.24 -16.22 -18.95
N ILE A 265 12.47 -16.80 -18.04
CA ILE A 265 11.21 -16.18 -17.61
C ILE A 265 10.78 -16.71 -16.24
N GLY A 266 10.39 -15.80 -15.37
CA GLY A 266 9.88 -16.16 -14.04
C GLY A 266 8.38 -16.19 -14.08
N LEU A 267 7.79 -17.26 -13.55
CA LEU A 267 6.35 -17.48 -13.66
C LEU A 267 5.49 -16.52 -12.84
N ILE A 268 6.11 -15.73 -11.97
CA ILE A 268 5.35 -14.73 -11.22
C ILE A 268 5.73 -13.31 -11.64
N ASP A 269 6.34 -13.19 -12.82
CA ASP A 269 6.72 -11.89 -13.36
C ASP A 269 5.48 -11.08 -13.74
N GLN A 270 5.33 -9.91 -13.13
CA GLN A 270 4.16 -9.07 -13.37
C GLN A 270 4.45 -7.87 -14.25
N VAL A 271 5.74 -7.59 -14.45
CA VAL A 271 6.17 -6.52 -15.33
C VAL A 271 6.14 -7.00 -16.77
N THR A 272 6.76 -8.17 -16.97
CA THR A 272 6.88 -8.76 -18.28
C THR A 272 6.23 -10.15 -18.23
N PRO A 273 4.88 -10.18 -18.37
CA PRO A 273 4.08 -11.38 -18.15
C PRO A 273 4.57 -12.59 -18.93
N PRO A 274 4.62 -13.76 -18.28
CA PRO A 274 5.09 -15.00 -18.87
C PRO A 274 4.53 -15.24 -20.27
N SER A 275 3.23 -15.02 -20.45
CA SER A 275 2.59 -15.25 -21.73
C SER A 275 3.30 -14.47 -22.85
N THR A 276 3.56 -13.20 -22.61
CA THR A 276 4.19 -12.34 -23.62
C THR A 276 5.59 -12.85 -23.97
N VAL A 277 6.27 -13.45 -23.00
CA VAL A 277 7.61 -13.97 -23.24
C VAL A 277 7.55 -15.31 -23.99
N PHE A 278 6.63 -16.17 -23.59
CA PHE A 278 6.42 -17.43 -24.32
C PHE A 278 6.06 -17.15 -25.77
N ALA A 279 5.18 -16.18 -25.98
CA ALA A 279 4.79 -15.78 -27.32
C ALA A 279 6.01 -15.53 -28.18
N ALA A 280 6.91 -14.67 -27.68
CA ALA A 280 8.15 -14.39 -28.37
C ALA A 280 8.94 -15.67 -28.64
N TYR A 281 9.14 -16.47 -27.60
CA TYR A 281 9.90 -17.71 -27.71
C TYR A 281 9.31 -18.67 -28.75
N ASN A 282 7.98 -18.79 -28.77
CA ASN A 282 7.32 -19.70 -29.68
C ASN A 282 7.31 -19.22 -31.12
N HIS A 283 7.75 -17.99 -31.35
CA HIS A 283 7.86 -17.46 -32.71
C HIS A 283 9.29 -17.52 -33.21
N LEU A 284 10.20 -17.93 -32.37
CA LEU A 284 11.57 -18.11 -32.79
C LEU A 284 11.63 -19.41 -33.56
N GLU A 285 12.37 -19.43 -34.67
CA GLU A 285 12.52 -20.65 -35.43
C GLU A 285 14.00 -20.79 -35.64
N THR A 286 14.68 -21.12 -34.56
CA THR A 286 16.13 -21.27 -34.52
C THR A 286 16.49 -22.12 -33.33
N ASP A 287 17.77 -22.47 -33.23
CA ASP A 287 18.30 -23.21 -32.09
C ASP A 287 18.06 -22.36 -30.84
N LYS A 288 17.10 -22.78 -30.03
CA LYS A 288 16.63 -21.96 -28.91
C LYS A 288 16.39 -22.76 -27.64
N GLU A 289 16.29 -22.04 -26.52
CA GLU A 289 15.92 -22.66 -25.25
C GLU A 289 15.33 -21.65 -24.28
N LEU A 290 14.31 -22.06 -23.55
CA LEU A 290 13.65 -21.20 -22.58
C LEU A 290 13.77 -21.77 -21.18
N LYS A 291 14.55 -21.11 -20.33
CA LYS A 291 14.66 -21.51 -18.93
C LYS A 291 13.50 -20.92 -18.14
N VAL A 292 12.73 -21.79 -17.49
CA VAL A 292 11.55 -21.36 -16.75
C VAL A 292 11.77 -21.44 -15.24
N TYR A 293 11.51 -20.35 -14.53
CA TYR A 293 11.71 -20.32 -13.10
C TYR A 293 10.41 -20.02 -12.35
N ARG A 294 9.89 -21.05 -11.69
CA ARG A 294 8.59 -20.99 -11.04
C ARG A 294 8.44 -19.89 -9.98
N TYR A 295 9.52 -19.61 -9.24
CA TYR A 295 9.42 -18.76 -8.06
C TYR A 295 9.99 -17.36 -8.22
N PHE A 296 10.29 -16.97 -9.45
CA PHE A 296 10.89 -15.66 -9.69
C PHE A 296 10.03 -14.76 -10.57
N GLY A 297 10.19 -13.47 -10.36
CA GLY A 297 9.53 -12.42 -11.10
C GLY A 297 10.50 -11.62 -11.94
N HIS A 298 10.23 -10.33 -12.08
CA HIS A 298 11.08 -9.47 -12.88
C HIS A 298 12.25 -9.03 -12.04
N GLU A 299 13.20 -9.92 -11.89
CA GLU A 299 14.34 -9.67 -11.05
C GLU A 299 15.49 -10.56 -11.42
N PHE A 300 16.68 -10.18 -10.99
CA PHE A 300 17.89 -10.96 -11.16
C PHE A 300 17.64 -12.40 -10.73
N ILE A 301 17.85 -13.34 -11.65
CA ILE A 301 17.67 -14.75 -11.36
C ILE A 301 19.01 -15.47 -11.31
N PRO A 302 19.53 -15.66 -10.11
CA PRO A 302 20.83 -16.31 -9.90
C PRO A 302 21.05 -17.58 -10.73
N ALA A 303 20.12 -18.52 -10.65
CA ALA A 303 20.24 -19.78 -11.38
C ALA A 303 20.40 -19.61 -12.88
N PHE A 304 19.86 -18.54 -13.42
CA PHE A 304 19.95 -18.29 -14.86
C PHE A 304 21.24 -17.59 -15.26
N GLN A 305 21.85 -16.89 -14.31
CA GLN A 305 23.08 -16.19 -14.59
C GLN A 305 24.18 -17.18 -14.94
N THR A 306 24.25 -18.25 -14.17
CA THR A 306 25.20 -19.31 -14.46
C THR A 306 24.83 -20.03 -15.76
N GLU A 307 23.53 -20.08 -16.06
CA GLU A 307 23.08 -20.67 -17.32
C GLU A 307 23.66 -19.93 -18.52
N LYS A 308 23.56 -18.61 -18.52
CA LYS A 308 24.03 -17.82 -19.66
C LYS A 308 25.54 -17.70 -19.72
N LEU A 309 26.21 -17.87 -18.58
CA LEU A 309 27.67 -17.90 -18.58
C LEU A 309 28.17 -19.12 -19.36
N SER A 310 27.55 -20.27 -19.14
CA SER A 310 27.88 -21.47 -19.88
C SER A 310 27.58 -21.29 -21.36
N PHE A 311 26.35 -20.85 -21.63
CA PHE A 311 25.92 -20.61 -23.00
C PHE A 311 26.92 -19.73 -23.74
N LEU A 312 27.30 -18.62 -23.13
CA LEU A 312 28.22 -17.68 -23.75
C LEU A 312 29.61 -18.28 -23.87
N GLN A 313 30.04 -18.97 -22.82
CA GLN A 313 31.37 -19.56 -22.80
C GLN A 313 31.52 -20.59 -23.92
N LYS A 314 30.52 -21.45 -24.09
CA LYS A 314 30.60 -22.51 -25.09
C LYS A 314 30.53 -21.97 -26.51
N HIS A 315 29.85 -20.85 -26.70
CA HIS A 315 29.69 -20.29 -28.05
C HIS A 315 30.71 -19.22 -28.40
N LEU A 316 31.26 -18.54 -27.40
CA LEU A 316 32.12 -17.38 -27.67
C LEU A 316 33.56 -17.56 -27.18
N LEU A 317 33.75 -18.29 -26.09
CA LEU A 317 35.10 -18.60 -25.62
C LEU A 317 35.55 -19.95 -26.17
N SER B 7 19.84 19.05 10.57
CA SER B 7 19.59 18.36 9.32
C SER B 7 20.51 17.15 9.21
N LEU B 8 21.52 17.23 8.37
CA LEU B 8 22.53 16.20 8.32
C LEU B 8 23.73 16.69 9.10
N GLU B 9 23.61 17.89 9.66
CA GLU B 9 24.65 18.46 10.49
C GLU B 9 24.56 17.83 11.85
N GLU B 10 23.34 17.57 12.29
CA GLU B 10 23.10 16.95 13.57
C GLU B 10 23.48 15.49 13.53
N LEU B 11 23.46 14.91 12.33
CA LEU B 11 23.76 13.50 12.14
C LEU B 11 25.26 13.26 12.15
N LYS B 12 26.01 14.20 11.61
CA LYS B 12 27.45 14.09 11.56
C LYS B 12 28.03 14.23 12.94
N LYS B 13 27.21 14.76 13.84
CA LYS B 13 27.62 15.04 15.19
C LYS B 13 27.08 14.02 16.18
N TYR B 14 26.29 13.06 15.72
CA TYR B 14 25.66 12.08 16.58
C TYR B 14 26.57 10.97 17.06
N LYS B 15 26.76 10.90 18.36
CA LYS B 15 27.58 9.88 18.96
C LYS B 15 26.91 9.36 20.19
N PRO B 16 25.88 8.57 20.03
CA PRO B 16 25.16 8.06 21.17
C PRO B 16 26.11 7.58 22.23
N LYS B 17 25.62 7.39 23.43
CA LYS B 17 26.43 6.89 24.52
C LYS B 17 26.54 5.39 24.39
N LYS B 18 27.68 4.83 24.72
CA LYS B 18 27.83 3.40 24.53
C LYS B 18 27.09 2.61 25.57
N THR B 19 26.76 1.38 25.23
CA THR B 19 26.00 0.54 26.12
C THR B 19 26.87 -0.59 26.68
N ALA B 20 28.08 -0.72 26.17
CA ALA B 20 28.96 -1.78 26.60
C ALA B 20 28.90 -1.92 28.10
N ARG B 21 28.88 -3.18 28.62
CA ARG B 21 28.82 -3.48 30.02
C ARG B 21 30.22 -3.73 30.53
N PRO B 22 30.40 -3.71 31.80
CA PRO B 22 31.73 -3.90 32.38
C PRO B 22 32.48 -5.13 31.90
N ASP B 23 31.79 -6.22 31.61
CA ASP B 23 32.45 -7.45 31.22
C ASP B 23 32.52 -7.61 29.72
N PHE B 24 32.30 -6.52 29.01
CA PHE B 24 32.32 -6.54 27.56
C PHE B 24 33.55 -7.26 27.03
N ALA B 25 34.73 -6.87 27.50
CA ALA B 25 35.96 -7.43 26.97
C ALA B 25 36.16 -8.87 27.42
N ASP B 26 35.67 -9.18 28.61
CA ASP B 26 35.83 -10.49 29.18
C ASP B 26 34.91 -11.47 28.49
N PHE B 27 33.74 -11.02 28.07
CA PHE B 27 32.83 -11.89 27.38
C PHE B 27 33.44 -12.34 26.07
N TRP B 28 34.05 -11.40 25.37
CA TRP B 28 34.65 -11.65 24.07
C TRP B 28 35.97 -12.41 24.16
N LYS B 29 36.73 -12.16 25.20
CA LYS B 29 37.98 -12.88 25.44
C LYS B 29 37.64 -14.30 25.76
N LYS B 30 36.57 -14.47 26.50
CA LYS B 30 36.09 -15.79 26.90
C LYS B 30 35.50 -16.54 25.73
N SER B 31 34.82 -15.83 24.85
CA SER B 31 34.21 -16.44 23.68
C SER B 31 35.25 -16.78 22.63
N LEU B 32 36.31 -16.00 22.56
CA LEU B 32 37.42 -16.32 21.67
C LEU B 32 38.16 -17.56 22.17
N GLU B 33 38.17 -17.75 23.49
CA GLU B 33 38.85 -18.90 24.10
C GLU B 33 38.07 -20.20 23.86
N GLU B 34 36.75 -20.08 23.75
CA GLU B 34 35.92 -21.22 23.40
C GLU B 34 36.11 -21.59 21.94
N LEU B 35 36.26 -20.57 21.09
CA LEU B 35 36.51 -20.79 19.67
C LEU B 35 37.83 -21.52 19.49
N ARG B 36 38.87 -21.03 20.16
CA ARG B 36 40.19 -21.63 20.06
C ARG B 36 40.12 -23.10 20.44
N GLN B 37 39.10 -23.45 21.22
CA GLN B 37 38.94 -24.80 21.74
C GLN B 37 38.59 -25.79 20.63
N VAL B 38 38.05 -25.28 19.53
CA VAL B 38 37.59 -26.12 18.44
C VAL B 38 38.59 -26.15 17.29
N GLU B 39 39.07 -27.34 16.96
CA GLU B 39 40.01 -27.48 15.86
C GLU B 39 39.27 -27.18 14.57
N ALA B 40 39.87 -26.35 13.72
CA ALA B 40 39.22 -25.92 12.50
C ALA B 40 38.91 -27.01 11.50
N GLU B 41 39.83 -27.94 11.29
CA GLU B 41 39.54 -29.05 10.40
C GLU B 41 39.07 -28.57 9.04
N PRO B 42 39.75 -27.57 8.50
CA PRO B 42 39.39 -26.99 7.20
C PRO B 42 39.31 -28.00 6.06
N THR B 43 38.36 -27.80 5.16
CA THR B 43 38.18 -28.70 4.02
C THR B 43 37.95 -27.94 2.72
N LEU B 44 38.58 -28.44 1.65
CA LEU B 44 38.47 -27.83 0.32
C LEU B 44 38.02 -28.84 -0.73
N GLU B 45 37.20 -28.38 -1.66
CA GLU B 45 36.65 -29.25 -2.69
C GLU B 45 36.39 -28.45 -3.96
N SER B 46 37.10 -28.79 -5.03
CA SER B 46 36.95 -28.06 -6.27
C SER B 46 35.51 -28.06 -6.73
N TYR B 47 35.07 -26.94 -7.27
CA TYR B 47 33.71 -26.74 -7.70
C TYR B 47 33.70 -26.14 -9.10
N ASP B 48 32.98 -26.77 -10.01
CA ASP B 48 32.96 -26.35 -11.38
C ASP B 48 32.06 -25.16 -11.62
N TYR B 49 32.55 -24.13 -12.29
CA TYR B 49 31.78 -22.95 -12.61
C TYR B 49 32.25 -22.46 -13.93
N PRO B 50 31.36 -21.94 -14.73
CA PRO B 50 31.75 -21.41 -16.02
C PRO B 50 32.56 -20.14 -15.95
N VAL B 51 33.81 -20.23 -15.57
CA VAL B 51 34.66 -19.07 -15.54
C VAL B 51 36.07 -19.41 -15.98
N LYS B 52 36.75 -18.46 -16.59
CA LYS B 52 38.11 -18.64 -16.99
C LYS B 52 39.03 -17.80 -16.14
N GLY B 53 40.16 -18.33 -15.74
CA GLY B 53 41.09 -17.55 -14.94
C GLY B 53 40.79 -17.54 -13.46
N VAL B 54 39.88 -18.42 -13.04
CA VAL B 54 39.50 -18.52 -11.64
C VAL B 54 39.14 -19.95 -11.26
N LYS B 55 39.69 -20.41 -10.14
CA LYS B 55 39.37 -21.74 -9.62
C LYS B 55 38.42 -21.62 -8.42
N VAL B 56 37.29 -22.30 -8.48
CA VAL B 56 36.29 -22.21 -7.43
C VAL B 56 36.29 -23.45 -6.54
N TYR B 57 36.12 -23.24 -5.24
CA TYR B 57 36.12 -24.34 -4.28
C TYR B 57 34.97 -24.21 -3.29
N ARG B 58 34.64 -25.32 -2.66
CA ARG B 58 33.74 -25.32 -1.52
C ARG B 58 34.60 -25.42 -0.27
N LEU B 59 34.58 -24.39 0.56
CA LEU B 59 35.38 -24.36 1.78
C LEU B 59 34.55 -24.73 3.02
N THR B 60 35.11 -25.59 3.84
CA THR B 60 34.44 -26.02 5.06
C THR B 60 35.39 -25.95 6.25
N TYR B 61 34.86 -25.52 7.40
CA TYR B 61 35.65 -25.53 8.63
C TYR B 61 34.75 -25.59 9.86
N GLN B 62 35.31 -25.91 10.99
CA GLN B 62 34.52 -25.99 12.19
C GLN B 62 34.71 -24.83 13.06
N SER B 63 33.63 -24.41 13.70
CA SER B 63 33.62 -23.23 14.48
C SER B 63 32.98 -23.46 15.83
N PHE B 64 32.67 -22.37 16.48
CA PHE B 64 32.04 -22.38 17.77
C PHE B 64 30.97 -23.46 17.90
N GLY B 65 30.94 -24.14 19.02
CA GLY B 65 29.92 -25.11 19.28
C GLY B 65 29.94 -26.25 18.34
N HIS B 66 31.02 -26.36 17.61
CA HIS B 66 31.23 -27.40 16.64
C HIS B 66 30.28 -27.39 15.49
N SER B 67 29.89 -26.23 15.03
CA SER B 67 29.05 -26.16 13.86
C SER B 67 29.94 -26.03 12.70
N LYS B 68 29.49 -26.55 11.58
CA LYS B 68 30.27 -26.59 10.39
C LYS B 68 29.88 -25.44 9.53
N ILE B 69 30.85 -24.63 9.18
CA ILE B 69 30.62 -23.44 8.37
C ILE B 69 31.07 -23.70 6.95
N GLU B 70 30.34 -23.14 5.99
CA GLU B 70 30.62 -23.39 4.59
C GLU B 70 30.54 -22.13 3.77
N GLY B 71 30.90 -22.25 2.50
CA GLY B 71 30.86 -21.13 1.60
C GLY B 71 31.74 -21.39 0.41
N PHE B 72 31.53 -20.63 -0.65
CA PHE B 72 32.37 -20.78 -1.83
C PHE B 72 33.67 -19.99 -1.69
N TYR B 73 34.74 -20.58 -2.19
CA TYR B 73 36.05 -19.95 -2.13
C TYR B 73 36.64 -19.89 -3.55
N ALA B 74 36.75 -18.68 -4.08
CA ALA B 74 37.24 -18.50 -5.44
C ALA B 74 38.63 -17.89 -5.45
N VAL B 75 39.53 -18.49 -6.21
CA VAL B 75 40.91 -18.03 -6.26
C VAL B 75 41.33 -17.69 -7.68
N PRO B 76 42.02 -16.56 -7.85
CA PRO B 76 42.57 -16.19 -9.15
C PRO B 76 43.44 -17.31 -9.68
N ASP B 77 43.12 -17.81 -10.87
CA ASP B 77 43.85 -18.94 -11.44
C ASP B 77 45.24 -18.51 -11.91
N GLN B 78 46.07 -18.10 -10.96
CA GLN B 78 47.40 -17.60 -11.25
C GLN B 78 48.30 -17.79 -10.04
N THR B 79 49.57 -18.07 -10.27
CA THR B 79 50.52 -18.25 -9.19
C THR B 79 50.43 -17.10 -8.17
N GLY B 80 50.17 -17.45 -6.91
CA GLY B 80 50.07 -16.46 -5.86
C GLY B 80 51.43 -16.00 -5.37
N PRO B 81 51.51 -15.56 -4.11
CA PRO B 81 50.36 -15.48 -3.22
C PRO B 81 49.45 -14.32 -3.61
N HIS B 82 48.18 -14.40 -3.23
CA HIS B 82 47.21 -13.37 -3.61
C HIS B 82 46.69 -12.62 -2.39
N PRO B 83 46.20 -11.39 -2.60
CA PRO B 83 45.46 -10.70 -1.56
C PRO B 83 44.14 -11.43 -1.39
N ALA B 84 43.56 -11.36 -0.19
CA ALA B 84 42.35 -12.12 0.10
C ALA B 84 41.22 -11.26 0.66
N LEU B 85 39.99 -11.66 0.38
CA LEU B 85 38.81 -11.01 0.94
C LEU B 85 37.90 -12.04 1.59
N VAL B 86 37.43 -11.74 2.79
CA VAL B 86 36.33 -12.50 3.37
C VAL B 86 35.07 -11.67 3.23
N ARG B 87 34.11 -12.18 2.45
CA ARG B 87 32.90 -11.44 2.15
C ARG B 87 31.74 -11.96 2.98
N PHE B 88 30.97 -11.03 3.55
CA PHE B 88 29.81 -11.42 4.36
C PHE B 88 28.52 -10.92 3.71
N HIS B 89 27.54 -11.82 3.58
CA HIS B 89 26.29 -11.50 2.91
C HIS B 89 25.29 -10.81 3.85
N GLY B 90 24.21 -10.30 3.26
CA GLY B 90 23.20 -9.58 4.01
C GLY B 90 22.19 -10.48 4.71
N TYR B 91 21.41 -9.88 5.61
CA TYR B 91 20.43 -10.60 6.40
C TYR B 91 19.37 -11.26 5.52
N ASN B 92 19.33 -12.58 5.54
CA ASN B 92 18.35 -13.33 4.78
C ASN B 92 18.46 -13.04 3.29
N ALA B 93 19.64 -12.55 2.87
CA ALA B 93 19.84 -12.14 1.48
C ALA B 93 20.94 -12.94 0.78
N SER B 94 21.09 -14.21 1.14
CA SER B 94 22.03 -15.08 0.46
C SER B 94 21.33 -15.95 -0.58
N TYR B 95 21.55 -15.65 -1.85
CA TYR B 95 20.96 -16.42 -2.94
C TYR B 95 22.02 -17.29 -3.63
N ASP B 96 21.80 -18.59 -3.63
CA ASP B 96 22.77 -19.53 -4.20
C ASP B 96 24.17 -19.25 -3.67
N ASP B 97 24.25 -18.94 -2.38
CA ASP B 97 25.54 -18.74 -1.72
C ASP B 97 26.31 -17.59 -2.33
N GLY B 98 25.62 -16.71 -3.04
CA GLY B 98 26.26 -15.57 -3.69
C GLY B 98 27.53 -15.97 -4.44
N ILE B 99 27.45 -17.08 -5.15
CA ILE B 99 28.61 -17.60 -5.87
C ILE B 99 29.09 -16.67 -6.98
N HIS B 100 28.16 -16.01 -7.64
CA HIS B 100 28.50 -15.14 -8.76
C HIS B 100 29.32 -13.94 -8.32
N ASP B 101 28.96 -13.37 -7.17
CA ASP B 101 29.68 -12.23 -6.62
C ASP B 101 31.08 -12.65 -6.18
N ILE B 102 31.17 -13.84 -5.60
CA ILE B 102 32.45 -14.35 -5.12
C ILE B 102 33.40 -14.56 -6.29
N VAL B 103 32.92 -15.21 -7.34
CA VAL B 103 33.73 -15.41 -8.54
C VAL B 103 34.21 -14.09 -9.11
N ASN B 104 33.32 -13.11 -9.16
CA ASN B 104 33.67 -11.79 -9.68
C ASN B 104 34.77 -11.11 -8.87
N TRP B 105 34.72 -11.26 -7.56
CA TRP B 105 35.77 -10.73 -6.70
C TRP B 105 37.11 -11.36 -7.02
N ALA B 106 37.09 -12.67 -7.26
CA ALA B 106 38.30 -13.38 -7.63
C ALA B 106 38.85 -12.86 -8.96
N LEU B 107 37.93 -12.55 -9.87
CA LEU B 107 38.33 -12.01 -11.18
C LEU B 107 38.99 -10.64 -11.01
N HIS B 108 38.73 -10.00 -9.88
CA HIS B 108 39.34 -8.70 -9.59
C HIS B 108 40.73 -8.86 -8.98
N GLY B 109 41.16 -10.11 -8.79
CA GLY B 109 42.49 -10.40 -8.28
C GLY B 109 42.52 -10.76 -6.81
N TYR B 110 41.35 -11.03 -6.23
CA TYR B 110 41.27 -11.36 -4.82
C TYR B 110 40.86 -12.80 -4.58
N ALA B 111 41.69 -13.53 -3.83
CA ALA B 111 41.29 -14.84 -3.34
C ALA B 111 40.24 -14.58 -2.27
N THR B 112 38.97 -14.79 -2.61
CA THR B 112 37.88 -14.35 -1.76
C THR B 112 36.95 -15.48 -1.32
N PHE B 113 36.57 -15.44 -0.05
CA PHE B 113 35.70 -16.46 0.54
C PHE B 113 34.41 -15.84 1.05
N GLY B 114 33.28 -16.35 0.55
CA GLY B 114 31.98 -15.86 0.98
C GLY B 114 31.40 -16.74 2.08
N MSE B 115 31.67 -16.36 3.32
CA MSE B 115 31.17 -17.14 4.45
C MSE B 115 29.65 -17.07 4.53
O MSE B 115 29.06 -15.99 4.49
CB MSE B 115 31.78 -16.63 5.76
CG MSE B 115 31.51 -17.56 6.94
SE MSE B 115 31.71 -16.69 8.66
CE MSE B 115 30.05 -15.64 8.65
N LEU B 116 29.03 -18.24 4.63
CA LEU B 116 27.58 -18.30 4.77
C LEU B 116 27.21 -18.25 6.25
N VAL B 117 26.30 -17.32 6.59
CA VAL B 117 25.95 -17.10 7.99
C VAL B 117 25.08 -18.25 8.53
N ARG B 118 25.56 -18.87 9.60
CA ARG B 118 24.90 -20.05 10.16
C ARG B 118 23.38 -19.86 10.29
N GLY B 119 22.63 -20.78 9.69
CA GLY B 119 21.17 -20.70 9.72
C GLY B 119 20.58 -20.02 8.51
N GLN B 120 21.12 -18.91 8.07
CA GLN B 120 20.52 -18.26 6.93
C GLN B 120 21.10 -18.68 5.61
N GLY B 121 22.41 -18.80 5.55
CA GLY B 121 23.05 -18.97 4.28
C GLY B 121 23.32 -20.37 3.89
N GLY B 122 23.69 -21.23 4.80
CA GLY B 122 24.01 -22.51 4.23
C GLY B 122 25.17 -23.08 4.98
N SER B 123 25.18 -22.68 6.23
CA SER B 123 26.10 -23.14 7.20
C SER B 123 25.19 -23.70 8.22
N GLU B 124 25.80 -24.27 9.23
CA GLU B 124 25.14 -24.98 10.32
C GLU B 124 25.16 -24.18 11.60
N ASP B 125 23.98 -24.01 12.22
CA ASP B 125 23.90 -23.38 13.53
C ASP B 125 23.63 -24.44 14.59
N THR B 126 24.63 -24.67 15.43
CA THR B 126 24.60 -25.78 16.36
C THR B 126 23.99 -25.36 17.69
N SER B 127 23.80 -24.06 17.88
CA SER B 127 23.35 -23.54 19.17
C SER B 127 21.86 -23.78 19.42
N VAL B 128 21.56 -24.29 20.60
CA VAL B 128 20.18 -24.50 21.04
C VAL B 128 19.37 -23.21 21.02
N THR B 129 18.06 -23.32 20.88
CA THR B 129 17.16 -22.18 20.98
C THR B 129 16.54 -22.17 22.38
N PRO B 130 17.06 -21.32 23.28
CA PRO B 130 16.69 -21.29 24.68
C PRO B 130 15.18 -21.24 24.91
N GLY B 131 14.53 -20.27 24.26
CA GLY B 131 13.08 -20.12 24.43
C GLY B 131 12.45 -19.48 23.20
N GLY B 132 11.24 -18.99 23.37
CA GLY B 132 10.54 -18.35 22.26
C GLY B 132 11.30 -17.14 21.75
N HIS B 133 10.96 -16.71 20.53
CA HIS B 133 11.51 -15.49 19.96
C HIS B 133 10.70 -15.07 18.74
N ALA B 134 10.86 -13.83 18.31
CA ALA B 134 10.12 -13.33 17.16
C ALA B 134 10.60 -13.99 15.87
N LEU B 135 9.72 -14.05 14.88
CA LEU B 135 10.05 -14.61 13.58
C LEU B 135 11.34 -13.97 13.04
N GLY B 136 12.34 -14.80 12.81
CA GLY B 136 13.63 -14.32 12.33
C GLY B 136 14.77 -14.76 13.24
N TRP B 137 15.97 -14.25 12.97
CA TRP B 137 17.14 -14.61 13.75
C TRP B 137 17.46 -13.56 14.82
N MSE B 138 16.96 -12.34 14.60
CA MSE B 138 17.33 -11.21 15.44
C MSE B 138 17.21 -11.47 16.95
O MSE B 138 18.04 -11.01 17.72
CB MSE B 138 16.51 -9.97 15.06
CG MSE B 138 16.87 -9.41 13.70
SE MSE B 138 18.78 -9.07 13.57
CE MSE B 138 18.92 -7.76 15.02
N THR B 139 16.18 -12.20 17.37
CA THR B 139 15.90 -12.35 18.79
C THR B 139 16.15 -13.76 19.33
N LYS B 140 16.77 -14.60 18.50
CA LYS B 140 17.08 -15.96 18.90
C LYS B 140 18.16 -15.97 19.99
N GLY B 141 17.83 -16.52 21.15
CA GLY B 141 18.74 -16.55 22.29
C GLY B 141 18.99 -15.16 22.88
N ILE B 142 18.02 -14.28 22.69
CA ILE B 142 18.17 -12.88 23.05
C ILE B 142 18.31 -12.64 24.56
N LEU B 143 17.89 -13.62 25.36
CA LEU B 143 17.84 -13.44 26.81
C LEU B 143 19.19 -13.68 27.50
N SER B 144 20.22 -13.94 26.71
CA SER B 144 21.55 -14.12 27.27
C SER B 144 22.64 -13.99 26.20
N LYS B 145 23.68 -13.22 26.51
CA LYS B 145 24.78 -13.03 25.56
C LYS B 145 25.51 -14.33 25.27
N ASP B 146 25.39 -15.31 26.15
CA ASP B 146 26.01 -16.61 25.92
C ASP B 146 25.27 -17.39 24.84
N THR B 147 23.96 -17.17 24.76
CA THR B 147 23.12 -17.95 23.86
C THR B 147 22.72 -17.17 22.61
N TYR B 148 23.08 -15.89 22.57
CA TYR B 148 22.63 -15.04 21.47
C TYR B 148 23.13 -15.48 20.10
N TYR B 149 22.24 -15.40 19.12
CA TYR B 149 22.52 -15.85 17.75
C TYR B 149 23.83 -15.32 17.19
N TYR B 150 24.07 -14.02 17.32
CA TYR B 150 25.23 -13.41 16.68
C TYR B 150 26.56 -13.70 17.38
N ARG B 151 26.50 -14.29 18.57
CA ARG B 151 27.72 -14.71 19.23
C ARG B 151 28.44 -15.72 18.34
N GLY B 152 27.73 -16.79 18.00
CA GLY B 152 28.28 -17.83 17.14
C GLY B 152 28.73 -17.28 15.80
N VAL B 153 27.89 -16.47 15.17
CA VAL B 153 28.20 -15.93 13.85
C VAL B 153 29.44 -15.03 13.88
N TYR B 154 29.51 -14.15 14.88
CA TYR B 154 30.68 -13.31 15.05
C TYR B 154 31.95 -14.16 15.11
N LEU B 155 31.90 -15.21 15.92
CA LEU B 155 33.05 -16.09 16.09
C LEU B 155 33.39 -16.84 14.79
N ASP B 156 32.36 -17.18 14.01
CA ASP B 156 32.56 -17.80 12.71
C ASP B 156 33.37 -16.88 11.78
N ALA B 157 33.10 -15.59 11.87
CA ALA B 157 33.80 -14.61 11.08
C ALA B 157 35.29 -14.60 11.43
N VAL B 158 35.58 -14.59 12.73
CA VAL B 158 36.96 -14.59 13.17
C VAL B 158 37.68 -15.81 12.64
N ARG B 159 37.06 -16.98 12.78
CA ARG B 159 37.69 -18.20 12.29
C ARG B 159 37.88 -18.18 10.79
N ALA B 160 36.89 -17.66 10.06
CA ALA B 160 37.02 -17.53 8.63
C ALA B 160 38.38 -16.92 8.30
N LEU B 161 38.72 -15.84 8.98
CA LEU B 161 39.99 -15.16 8.77
C LEU B 161 41.17 -16.05 9.15
N GLU B 162 41.01 -16.80 10.24
CA GLU B 162 42.07 -17.69 10.71
C GLU B 162 42.34 -18.79 9.69
N VAL B 163 41.28 -19.30 9.08
CA VAL B 163 41.40 -20.37 8.10
C VAL B 163 42.11 -19.92 6.82
N ILE B 164 41.51 -18.98 6.11
CA ILE B 164 42.09 -18.48 4.87
C ILE B 164 43.51 -17.96 5.06
N GLN B 165 43.75 -17.32 6.20
CA GLN B 165 45.06 -16.77 6.51
C GLN B 165 46.14 -17.83 6.49
N SER B 166 45.76 -19.09 6.69
CA SER B 166 46.71 -20.19 6.71
C SER B 166 46.96 -20.77 5.33
N PHE B 167 46.16 -20.36 4.34
CA PHE B 167 46.34 -20.85 2.99
C PHE B 167 47.63 -20.32 2.36
N PRO B 168 48.42 -21.22 1.77
CA PRO B 168 49.69 -20.86 1.15
C PRO B 168 49.52 -19.83 0.03
N GLU B 169 48.40 -19.88 -0.68
CA GLU B 169 48.19 -18.98 -1.82
C GLU B 169 47.75 -17.60 -1.34
N VAL B 170 47.43 -17.50 -0.06
CA VAL B 170 46.95 -16.24 0.50
C VAL B 170 48.06 -15.48 1.22
N ASP B 171 48.20 -14.20 0.90
CA ASP B 171 49.13 -13.33 1.61
C ASP B 171 48.49 -12.81 2.89
N GLU B 172 48.87 -13.41 4.02
CA GLU B 172 48.23 -13.10 5.29
C GLU B 172 48.25 -11.62 5.66
N HIS B 173 49.16 -10.85 5.09
CA HIS B 173 49.23 -9.45 5.46
C HIS B 173 48.42 -8.56 4.53
N ARG B 174 47.74 -9.18 3.57
CA ARG B 174 46.89 -8.45 2.64
C ARG B 174 45.48 -9.04 2.57
N ILE B 175 44.87 -9.20 3.74
CA ILE B 175 43.50 -9.71 3.84
C ILE B 175 42.51 -8.61 4.18
N GLY B 176 41.49 -8.47 3.35
CA GLY B 176 40.45 -7.47 3.59
C GLY B 176 39.13 -8.12 3.98
N VAL B 177 38.33 -7.37 4.73
CA VAL B 177 37.03 -7.87 5.16
C VAL B 177 35.93 -6.91 4.70
N ILE B 178 34.97 -7.42 3.94
CA ILE B 178 33.94 -6.57 3.35
C ILE B 178 32.54 -7.17 3.45
N GLY B 179 31.53 -6.31 3.30
CA GLY B 179 30.14 -6.74 3.36
C GLY B 179 29.18 -5.57 3.44
N GLY B 180 27.92 -5.81 3.10
CA GLY B 180 26.89 -4.78 3.19
C GLY B 180 25.84 -5.16 4.23
N SER B 181 25.24 -4.14 4.85
CA SER B 181 24.23 -4.36 5.88
C SER B 181 24.74 -5.32 6.93
N GLN B 182 24.13 -6.50 7.03
CA GLN B 182 24.61 -7.52 7.96
C GLN B 182 26.08 -7.83 7.69
N GLY B 183 26.43 -7.88 6.41
CA GLY B 183 27.79 -8.17 6.00
C GLY B 183 28.75 -7.13 6.53
N GLY B 184 28.36 -5.87 6.46
CA GLY B 184 29.18 -4.77 6.95
C GLY B 184 29.41 -4.85 8.44
N ALA B 185 28.37 -5.23 9.18
CA ALA B 185 28.49 -5.40 10.62
C ALA B 185 29.48 -6.52 10.93
N LEU B 186 29.36 -7.65 10.24
CA LEU B 186 30.29 -8.76 10.43
C LEU B 186 31.71 -8.35 10.06
N ALA B 187 31.84 -7.54 9.01
CA ALA B 187 33.14 -7.04 8.61
C ALA B 187 33.78 -6.26 9.75
N ILE B 188 33.02 -5.32 10.31
CA ILE B 188 33.50 -4.49 11.42
C ILE B 188 33.76 -5.33 12.67
N ALA B 189 32.80 -6.16 13.04
CA ALA B 189 32.95 -7.03 14.20
C ALA B 189 34.20 -7.88 14.09
N ALA B 190 34.38 -8.53 12.94
CA ALA B 190 35.55 -9.36 12.70
C ALA B 190 36.83 -8.56 12.88
N ALA B 191 36.88 -7.40 12.25
CA ALA B 191 38.04 -6.53 12.35
C ALA B 191 38.30 -6.13 13.79
N ALA B 192 37.22 -5.93 14.55
CA ALA B 192 37.33 -5.51 15.94
C ALA B 192 37.85 -6.63 16.83
N LEU B 193 37.53 -7.87 16.48
CA LEU B 193 37.89 -9.02 17.29
C LEU B 193 39.16 -9.73 16.81
N SER B 194 39.64 -9.34 15.64
CA SER B 194 40.81 -9.99 15.05
C SER B 194 41.75 -8.97 14.40
N ASP B 195 43.05 -9.22 14.51
CA ASP B 195 44.06 -8.35 13.90
C ASP B 195 44.44 -8.84 12.51
N ILE B 196 43.84 -9.93 12.09
CA ILE B 196 44.16 -10.52 10.79
C ILE B 196 43.84 -9.59 9.62
N PRO B 197 42.61 -9.06 9.58
CA PRO B 197 42.22 -8.18 8.47
C PRO B 197 43.03 -6.89 8.45
N LYS B 198 43.51 -6.51 7.27
CA LYS B 198 44.26 -5.27 7.12
C LYS B 198 43.33 -4.10 6.84
N VAL B 199 42.17 -4.40 6.27
CA VAL B 199 41.25 -3.35 5.82
C VAL B 199 39.78 -3.75 5.98
N VAL B 200 38.93 -2.74 6.10
CA VAL B 200 37.51 -2.96 6.31
C VAL B 200 36.64 -2.11 5.38
N VAL B 201 35.64 -2.71 4.77
CA VAL B 201 34.70 -1.99 3.92
C VAL B 201 33.27 -2.38 4.31
N ALA B 202 32.52 -1.46 4.85
CA ALA B 202 31.16 -1.73 5.25
C ALA B 202 30.15 -0.86 4.56
N ASP B 203 29.24 -1.42 3.78
CA ASP B 203 28.20 -0.60 3.20
C ASP B 203 27.16 -0.57 4.22
N TYR B 204 26.64 0.58 4.56
CA TYR B 204 25.58 0.74 5.53
C TYR B 204 25.43 -0.45 6.45
N PRO B 205 26.21 -0.44 7.53
CA PRO B 205 26.29 -1.56 8.44
C PRO B 205 25.09 -1.77 9.31
N TYR B 206 24.85 -3.01 9.68
CA TYR B 206 23.68 -3.40 10.46
C TYR B 206 24.08 -3.63 11.91
N LEU B 207 23.15 -4.13 12.71
CA LEU B 207 23.41 -4.39 14.12
C LEU B 207 24.17 -3.24 14.77
N SER B 208 23.62 -2.03 14.69
CA SER B 208 24.29 -0.86 15.25
C SER B 208 23.31 0.07 15.97
N ASN B 209 23.67 0.47 17.19
CA ASN B 209 22.84 1.40 17.97
C ASN B 209 21.42 0.86 18.16
N PHE B 210 21.33 -0.37 18.65
CA PHE B 210 20.06 -1.06 18.81
C PHE B 210 18.98 -0.23 19.49
N GLU B 211 19.34 0.48 20.53
CA GLU B 211 18.35 1.22 21.26
C GLU B 211 17.77 2.41 20.55
N ARG B 212 18.29 2.75 19.39
CA ARG B 212 17.77 3.85 18.66
C ARG B 212 17.23 3.33 17.38
N ALA B 213 17.84 2.26 16.92
CA ALA B 213 17.47 1.65 15.68
C ALA B 213 16.07 1.13 15.78
N VAL B 214 15.59 1.06 17.00
CA VAL B 214 14.29 0.51 17.29
C VAL B 214 13.21 1.57 17.27
N ASP B 215 13.61 2.81 17.39
CA ASP B 215 12.68 3.88 17.42
C ASP B 215 12.63 4.55 16.08
N VAL B 216 13.43 4.07 15.15
CA VAL B 216 13.65 4.83 13.96
C VAL B 216 13.53 3.98 12.72
N ALA B 217 13.76 2.69 12.84
CA ALA B 217 13.66 1.83 11.68
C ALA B 217 12.24 1.72 11.27
N LEU B 218 12.00 1.67 9.97
CA LEU B 218 10.65 1.65 9.43
C LEU B 218 10.42 0.38 8.64
N GLU B 219 11.35 -0.56 8.74
CA GLU B 219 11.25 -1.82 8.03
C GLU B 219 12.04 -2.88 8.75
N GLN B 220 11.78 -4.13 8.40
CA GLN B 220 12.52 -5.24 8.94
C GLN B 220 13.99 -5.02 8.67
N PRO B 221 14.86 -5.65 9.45
CA PRO B 221 14.43 -6.57 10.48
C PRO B 221 14.78 -6.07 11.88
N TYR B 222 15.00 -4.77 12.01
CA TYR B 222 15.27 -4.18 13.31
C TYR B 222 13.96 -4.26 14.09
N LEU B 223 12.86 -4.39 13.36
CA LEU B 223 11.55 -4.47 13.96
C LEU B 223 11.28 -5.81 14.63
N GLU B 224 12.09 -6.81 14.31
CA GLU B 224 11.95 -8.12 14.92
C GLU B 224 12.06 -7.99 16.44
N ILE B 225 12.93 -7.08 16.88
CA ILE B 225 13.08 -6.79 18.30
C ILE B 225 11.78 -6.22 18.88
N ASN B 226 11.23 -5.20 18.22
CA ASN B 226 9.94 -4.65 18.62
C ASN B 226 8.90 -5.77 18.68
N SER B 227 8.89 -6.58 17.63
CA SER B 227 7.94 -7.67 17.51
C SER B 227 8.08 -8.63 18.68
N TYR B 228 9.33 -8.86 19.09
CA TYR B 228 9.63 -9.75 20.22
C TYR B 228 9.09 -9.22 21.53
N PHE B 229 9.22 -7.91 21.72
CA PHE B 229 8.75 -7.22 22.92
C PHE B 229 7.24 -7.07 22.95
N ARG B 230 6.59 -7.28 21.82
CA ARG B 230 5.15 -7.19 21.77
C ARG B 230 4.58 -8.51 22.25
N ARG B 231 5.37 -9.56 22.08
CA ARG B 231 4.95 -10.90 22.44
C ARG B 231 5.46 -11.29 23.82
N ASN B 232 6.31 -10.46 24.38
CA ASN B 232 6.82 -10.68 25.72
C ASN B 232 6.96 -9.35 26.42
N SER B 233 5.89 -8.95 27.09
CA SER B 233 5.73 -7.63 27.65
C SER B 233 6.50 -7.41 28.93
N ASP B 234 7.07 -8.48 29.45
CA ASP B 234 7.80 -8.42 30.71
C ASP B 234 8.89 -7.37 30.67
N PRO B 235 8.72 -6.33 31.48
CA PRO B 235 9.69 -5.24 31.50
C PRO B 235 11.07 -5.76 31.79
N GLU B 236 11.16 -6.89 32.46
CA GLU B 236 12.48 -7.46 32.71
C GLU B 236 13.06 -8.04 31.43
N VAL B 237 12.18 -8.56 30.57
CA VAL B 237 12.60 -9.13 29.29
C VAL B 237 13.27 -8.08 28.41
N GLU B 238 12.67 -6.90 28.35
CA GLU B 238 13.23 -5.83 27.54
C GLU B 238 14.60 -5.42 28.05
N GLU B 239 14.73 -5.29 29.36
CA GLU B 239 16.01 -4.94 29.96
C GLU B 239 17.07 -5.96 29.59
N LYS B 240 16.78 -7.24 29.85
CA LYS B 240 17.74 -8.29 29.55
C LYS B 240 18.10 -8.30 28.06
N ALA B 241 17.10 -8.11 27.22
CA ALA B 241 17.31 -8.12 25.77
C ALA B 241 18.31 -7.06 25.33
N PHE B 242 18.07 -5.81 25.73
CA PHE B 242 18.98 -4.73 25.36
C PHE B 242 20.35 -4.93 26.00
N GLU B 243 20.38 -5.60 27.14
CA GLU B 243 21.62 -5.89 27.81
C GLU B 243 22.48 -6.81 26.94
N THR B 244 21.89 -7.91 26.49
CA THR B 244 22.65 -8.88 25.71
C THR B 244 23.01 -8.29 24.35
N LEU B 245 22.16 -7.41 23.84
CA LEU B 245 22.38 -6.79 22.54
C LEU B 245 23.59 -5.87 22.53
N SER B 246 23.89 -5.27 23.68
CA SER B 246 25.01 -4.33 23.77
C SER B 246 26.35 -5.02 23.52
N TYR B 247 26.39 -6.33 23.74
CA TYR B 247 27.63 -7.08 23.56
C TYR B 247 27.97 -7.25 22.08
N PHE B 248 27.02 -6.93 21.22
CA PHE B 248 27.18 -7.16 19.79
C PHE B 248 26.97 -5.87 18.99
N ASP B 249 26.61 -4.80 19.69
CA ASP B 249 26.36 -3.52 19.05
C ASP B 249 27.65 -2.91 18.53
N LEU B 250 27.63 -2.47 17.27
CA LEU B 250 28.81 -1.91 16.64
C LEU B 250 29.37 -0.71 17.40
N ILE B 251 28.51 0.08 18.04
CA ILE B 251 28.98 1.26 18.75
C ILE B 251 29.92 0.89 19.89
N ASN B 252 29.81 -0.36 20.34
CA ASN B 252 30.65 -0.84 21.43
C ASN B 252 31.88 -1.57 20.91
N LEU B 253 31.79 -2.09 19.69
CA LEU B 253 32.91 -2.80 19.07
C LEU B 253 33.80 -1.86 18.26
N ALA B 254 33.21 -0.82 17.69
CA ALA B 254 33.93 0.12 16.84
C ALA B 254 35.24 0.59 17.49
N GLY B 255 35.23 0.69 18.82
CA GLY B 255 36.42 1.15 19.53
C GLY B 255 37.65 0.29 19.33
N TRP B 256 37.44 -0.98 18.99
CA TRP B 256 38.54 -1.91 18.85
C TRP B 256 39.12 -1.99 17.44
N VAL B 257 38.45 -1.36 16.48
CA VAL B 257 38.90 -1.41 15.08
C VAL B 257 40.05 -0.45 14.81
N LYS B 258 41.20 -0.97 14.40
CA LYS B 258 42.33 -0.10 14.06
C LYS B 258 42.74 -0.23 12.60
N GLN B 259 42.00 -1.05 11.85
CA GLN B 259 42.24 -1.13 10.42
C GLN B 259 41.62 0.09 9.74
N PRO B 260 42.24 0.53 8.64
CA PRO B 260 41.62 1.56 7.81
C PRO B 260 40.27 1.04 7.32
N THR B 261 39.21 1.80 7.54
CA THR B 261 37.87 1.33 7.20
C THR B 261 37.06 2.36 6.41
N LEU B 262 36.33 1.87 5.41
CA LEU B 262 35.53 2.72 4.55
C LEU B 262 34.07 2.33 4.66
N MSE B 263 33.20 3.32 4.85
CA MSE B 263 31.77 3.07 5.02
C MSE B 263 30.92 3.88 4.05
O MSE B 263 31.33 4.92 3.55
CB MSE B 263 31.33 3.41 6.44
CG MSE B 263 31.96 2.56 7.51
SE MSE B 263 31.08 2.87 9.22
CE MSE B 263 32.10 1.55 10.26
N ALA B 264 29.70 3.39 3.83
CA ALA B 264 28.72 4.08 3.01
C ALA B 264 27.38 4.15 3.72
N ILE B 265 26.59 5.16 3.38
CA ILE B 265 25.23 5.27 3.91
C ILE B 265 24.36 6.14 3.01
N GLY B 266 23.16 5.66 2.70
CA GLY B 266 22.19 6.43 1.94
C GLY B 266 21.22 7.14 2.88
N LEU B 267 21.00 8.43 2.62
CA LEU B 267 20.24 9.27 3.55
C LEU B 267 18.75 8.96 3.60
N ILE B 268 18.27 8.11 2.68
CA ILE B 268 16.86 7.72 2.72
C ILE B 268 16.72 6.23 3.06
N ASP B 269 17.78 5.66 3.63
CA ASP B 269 17.76 4.26 4.04
C ASP B 269 16.81 4.07 5.23
N GLN B 270 15.83 3.20 5.06
CA GLN B 270 14.83 2.97 6.10
C GLN B 270 15.00 1.62 6.81
N VAL B 271 15.84 0.77 6.24
CA VAL B 271 16.16 -0.52 6.84
C VAL B 271 17.24 -0.31 7.89
N THR B 272 18.30 0.38 7.47
CA THR B 272 19.43 0.64 8.32
C THR B 272 19.60 2.16 8.43
N PRO B 273 18.82 2.78 9.35
CA PRO B 273 18.71 4.24 9.45
C PRO B 273 20.05 4.95 9.57
N PRO B 274 20.21 6.06 8.83
CA PRO B 274 21.45 6.83 8.79
C PRO B 274 22.04 7.05 10.18
N SER B 275 21.20 7.46 11.13
CA SER B 275 21.67 7.73 12.48
C SER B 275 22.45 6.54 13.05
N THR B 276 21.90 5.34 12.92
CA THR B 276 22.54 4.16 13.48
C THR B 276 23.90 3.91 12.83
N VAL B 277 24.02 4.26 11.56
CA VAL B 277 25.28 4.09 10.84
C VAL B 277 26.31 5.15 11.21
N PHE B 278 25.86 6.40 11.34
CA PHE B 278 26.73 7.47 11.80
C PHE B 278 27.25 7.16 13.20
N ALA B 279 26.35 6.67 14.06
CA ALA B 279 26.73 6.29 15.41
C ALA B 279 27.94 5.36 15.38
N ALA B 280 27.84 4.31 14.58
CA ALA B 280 28.93 3.35 14.43
C ALA B 280 30.20 4.07 13.96
N TYR B 281 30.06 4.86 12.90
CA TYR B 281 31.19 5.57 12.32
C TYR B 281 31.87 6.50 13.31
N ASN B 282 31.06 7.22 14.09
CA ASN B 282 31.60 8.18 15.05
C ASN B 282 32.25 7.53 16.27
N HIS B 283 32.11 6.21 16.38
CA HIS B 283 32.76 5.49 17.47
C HIS B 283 34.03 4.80 17.00
N LEU B 284 34.35 4.99 15.73
CA LEU B 284 35.59 4.50 15.20
C LEU B 284 36.66 5.53 15.45
N GLU B 285 37.82 5.08 15.92
CA GLU B 285 38.93 5.96 16.17
C GLU B 285 40.09 5.32 15.45
N THR B 286 40.03 5.43 14.13
CA THR B 286 41.00 4.83 13.25
C THR B 286 40.92 5.55 11.93
N ASP B 287 41.84 5.23 11.04
CA ASP B 287 41.82 5.81 9.71
C ASP B 287 40.52 5.40 9.01
N LYS B 288 39.59 6.34 8.88
CA LYS B 288 38.24 6.01 8.46
C LYS B 288 37.67 7.02 7.47
N GLU B 289 36.60 6.63 6.80
CA GLU B 289 35.87 7.55 5.91
C GLU B 289 34.44 7.07 5.68
N LEU B 290 33.51 8.02 5.66
CA LEU B 290 32.10 7.73 5.45
C LEU B 290 31.57 8.39 4.19
N LYS B 291 31.27 7.59 3.16
CA LYS B 291 30.69 8.13 1.94
C LYS B 291 29.18 8.27 2.12
N VAL B 292 28.68 9.48 1.93
CA VAL B 292 27.27 9.78 2.15
C VAL B 292 26.54 10.01 0.82
N TYR B 293 25.44 9.29 0.63
CA TYR B 293 24.68 9.39 -0.62
C TYR B 293 23.25 9.84 -0.37
N ARG B 294 22.98 11.08 -0.73
CA ARG B 294 21.71 11.73 -0.44
C ARG B 294 20.47 11.01 -1.01
N TYR B 295 20.60 10.40 -2.18
CA TYR B 295 19.42 9.90 -2.88
C TYR B 295 19.26 8.38 -2.86
N PHE B 296 20.04 7.70 -2.03
CA PHE B 296 19.98 6.24 -1.98
C PHE B 296 19.52 5.72 -0.62
N GLY B 297 18.89 4.55 -0.66
CA GLY B 297 18.40 3.85 0.51
C GLY B 297 19.22 2.61 0.73
N HIS B 298 18.57 1.56 1.20
CA HIS B 298 19.24 0.30 1.47
C HIS B 298 19.33 -0.50 0.19
N GLU B 299 20.22 -0.08 -0.69
CA GLU B 299 20.34 -0.70 -1.99
C GLU B 299 21.72 -0.55 -2.58
N PHE B 300 22.06 -1.42 -3.51
CA PHE B 300 23.31 -1.31 -4.24
C PHE B 300 23.53 0.13 -4.67
N ILE B 301 24.65 0.70 -4.23
CA ILE B 301 25.00 2.08 -4.60
C ILE B 301 26.17 2.10 -5.57
N PRO B 302 25.87 2.24 -6.86
CA PRO B 302 26.89 2.25 -7.91
C PRO B 302 28.11 3.10 -7.55
N ALA B 303 27.88 4.37 -7.23
CA ALA B 303 28.96 5.29 -6.88
C ALA B 303 29.92 4.73 -5.83
N PHE B 304 29.38 4.06 -4.83
CA PHE B 304 30.20 3.50 -3.76
C PHE B 304 31.00 2.27 -4.20
N GLN B 305 30.44 1.51 -5.14
CA GLN B 305 31.12 0.33 -5.64
C GLN B 305 32.53 0.73 -6.06
N THR B 306 32.61 1.66 -7.00
CA THR B 306 33.88 2.11 -7.51
C THR B 306 34.75 2.70 -6.40
N GLU B 307 34.11 3.28 -5.40
CA GLU B 307 34.83 3.80 -4.24
C GLU B 307 35.60 2.70 -3.53
N LYS B 308 34.93 1.59 -3.25
CA LYS B 308 35.57 0.50 -2.51
C LYS B 308 36.55 -0.31 -3.35
N LEU B 309 36.38 -0.26 -4.66
CA LEU B 309 37.33 -0.91 -5.55
C LEU B 309 38.69 -0.21 -5.44
N SER B 310 38.66 1.12 -5.44
CA SER B 310 39.89 1.90 -5.27
C SER B 310 40.50 1.64 -3.91
N PHE B 311 39.67 1.77 -2.89
CA PHE B 311 40.10 1.54 -1.52
C PHE B 311 40.80 0.19 -1.39
N LEU B 312 40.17 -0.85 -1.90
CA LEU B 312 40.73 -2.20 -1.81
C LEU B 312 41.98 -2.33 -2.67
N GLN B 313 41.95 -1.78 -3.86
CA GLN B 313 43.09 -1.85 -4.77
C GLN B 313 44.30 -1.15 -4.16
N LYS B 314 44.04 -0.01 -3.51
CA LYS B 314 45.07 0.85 -2.95
C LYS B 314 45.64 0.34 -1.63
N HIS B 315 45.01 -0.68 -1.05
CA HIS B 315 45.49 -1.28 0.20
C HIS B 315 45.88 -2.75 0.04
N LEU B 316 45.31 -3.44 -0.95
CA LEU B 316 45.52 -4.87 -1.08
C LEU B 316 46.25 -5.29 -2.35
N LEU B 317 46.05 -4.57 -3.44
CA LEU B 317 46.78 -4.83 -4.67
C LEU B 317 48.01 -3.94 -4.75
N SER C 7 -14.67 -11.91 -22.57
CA SER C 7 -15.38 -11.32 -21.44
C SER C 7 -16.38 -10.20 -21.74
N LEU C 8 -16.08 -9.24 -22.60
CA LEU C 8 -17.17 -8.35 -22.94
C LEU C 8 -18.35 -9.18 -23.42
N GLU C 9 -18.04 -10.32 -24.04
CA GLU C 9 -19.07 -11.23 -24.55
C GLU C 9 -19.96 -11.70 -23.40
N GLU C 10 -19.34 -12.30 -22.39
CA GLU C 10 -20.07 -12.81 -21.24
C GLU C 10 -20.87 -11.70 -20.56
N LEU C 11 -20.26 -10.53 -20.44
CA LEU C 11 -20.93 -9.38 -19.81
C LEU C 11 -22.15 -8.93 -20.60
N LYS C 12 -22.02 -8.90 -21.92
CA LYS C 12 -23.11 -8.47 -22.79
C LYS C 12 -24.35 -9.31 -22.56
N LYS C 13 -24.16 -10.59 -22.30
CA LYS C 13 -25.27 -11.53 -22.16
C LYS C 13 -25.71 -11.75 -20.72
N TYR C 14 -25.08 -11.04 -19.79
CA TYR C 14 -25.37 -11.23 -18.36
C TYR C 14 -26.67 -10.55 -17.94
N LYS C 15 -27.64 -11.36 -17.52
CA LYS C 15 -28.93 -10.85 -17.10
C LYS C 15 -29.48 -11.68 -15.95
N PRO C 16 -29.07 -11.37 -14.72
CA PRO C 16 -29.44 -12.15 -13.54
C PRO C 16 -30.95 -12.15 -13.30
N LYS C 17 -31.46 -13.23 -12.72
CA LYS C 17 -32.87 -13.30 -12.37
C LYS C 17 -33.23 -12.17 -11.41
N LYS C 18 -34.38 -11.55 -11.63
CA LYS C 18 -34.84 -10.48 -10.74
C LYS C 18 -34.99 -11.01 -9.32
N THR C 19 -34.80 -10.12 -8.35
CA THR C 19 -34.95 -10.51 -6.95
C THR C 19 -36.18 -9.83 -6.35
N ALA C 20 -36.88 -9.07 -7.18
CA ALA C 20 -38.07 -8.36 -6.73
C ALA C 20 -39.02 -9.32 -6.01
N ARG C 21 -39.43 -8.91 -4.80
CA ARG C 21 -40.36 -9.71 -4.03
C ARG C 21 -41.77 -9.51 -4.57
N PRO C 22 -42.70 -10.41 -4.22
CA PRO C 22 -44.07 -10.35 -4.76
C PRO C 22 -44.81 -9.03 -4.45
N ASP C 23 -44.43 -8.34 -3.39
CA ASP C 23 -45.09 -7.10 -3.02
C ASP C 23 -44.32 -5.87 -3.51
N PHE C 24 -43.40 -6.09 -4.44
CA PHE C 24 -42.55 -5.03 -4.96
C PHE C 24 -43.34 -3.79 -5.38
N ALA C 25 -44.32 -3.98 -6.25
CA ALA C 25 -45.13 -2.86 -6.75
C ALA C 25 -45.91 -2.17 -5.64
N ASP C 26 -46.54 -2.97 -4.78
CA ASP C 26 -47.32 -2.44 -3.67
C ASP C 26 -46.48 -1.55 -2.76
N PHE C 27 -45.27 -2.01 -2.44
CA PHE C 27 -44.39 -1.24 -1.57
C PHE C 27 -44.17 0.17 -2.12
N TRP C 28 -43.92 0.27 -3.42
CA TRP C 28 -43.66 1.56 -4.04
C TRP C 28 -44.92 2.40 -4.22
N LYS C 29 -46.04 1.75 -4.47
CA LYS C 29 -47.31 2.45 -4.55
C LYS C 29 -47.63 3.08 -3.20
N LYS C 30 -47.46 2.29 -2.14
CA LYS C 30 -47.71 2.77 -0.78
C LYS C 30 -46.74 3.89 -0.41
N SER C 31 -45.48 3.73 -0.82
CA SER C 31 -44.45 4.73 -0.52
C SER C 31 -44.75 6.06 -1.23
N LEU C 32 -45.16 5.98 -2.48
CA LEU C 32 -45.53 7.16 -3.25
C LEU C 32 -46.75 7.84 -2.63
N GLU C 33 -47.65 7.05 -2.06
CA GLU C 33 -48.82 7.59 -1.39
C GLU C 33 -48.41 8.41 -0.17
N GLU C 34 -47.45 7.88 0.59
CA GLU C 34 -46.95 8.58 1.76
C GLU C 34 -46.30 9.90 1.37
N LEU C 35 -45.58 9.89 0.25
CA LEU C 35 -44.95 11.10 -0.26
C LEU C 35 -46.02 12.13 -0.61
N ARG C 36 -47.05 11.69 -1.33
CA ARG C 36 -48.15 12.58 -1.72
C ARG C 36 -48.77 13.22 -0.48
N GLN C 37 -48.60 12.56 0.65
CA GLN C 37 -49.20 13.01 1.92
C GLN C 37 -48.55 14.30 2.40
N VAL C 38 -47.33 14.57 1.94
CA VAL C 38 -46.55 15.69 2.42
C VAL C 38 -46.56 16.85 1.44
N GLU C 39 -46.80 18.06 1.92
CA GLU C 39 -46.87 19.22 1.05
C GLU C 39 -45.49 19.79 0.74
N ALA C 40 -45.24 20.01 -0.54
CA ALA C 40 -43.95 20.50 -1.00
C ALA C 40 -43.52 21.81 -0.36
N GLU C 41 -44.41 22.80 -0.35
CA GLU C 41 -44.07 24.09 0.22
C GLU C 41 -42.66 24.49 -0.17
N PRO C 42 -42.39 24.54 -1.47
CA PRO C 42 -41.05 24.82 -1.97
C PRO C 42 -40.59 26.22 -1.65
N THR C 43 -39.29 26.43 -1.64
CA THR C 43 -38.72 27.69 -1.21
C THR C 43 -37.53 28.09 -2.07
N LEU C 44 -37.63 29.24 -2.73
CA LEU C 44 -36.54 29.71 -3.56
C LEU C 44 -35.91 30.98 -3.03
N GLU C 45 -34.60 31.05 -3.09
CA GLU C 45 -33.82 32.14 -2.53
C GLU C 45 -32.61 32.43 -3.41
N SER C 46 -32.56 33.63 -3.97
CA SER C 46 -31.48 33.98 -4.87
C SER C 46 -30.13 33.84 -4.16
N TYR C 47 -29.13 33.43 -4.93
CA TYR C 47 -27.81 33.15 -4.37
C TYR C 47 -26.72 33.73 -5.27
N ASP C 48 -25.81 34.51 -4.71
CA ASP C 48 -24.76 35.15 -5.50
C ASP C 48 -23.64 34.23 -5.94
N TYR C 49 -23.34 34.25 -7.24
CA TYR C 49 -22.29 33.41 -7.80
C TYR C 49 -21.64 34.12 -8.97
N PRO C 50 -20.32 34.03 -9.05
CA PRO C 50 -19.57 34.72 -10.10
C PRO C 50 -19.76 34.15 -11.49
N VAL C 51 -20.96 34.30 -12.03
CA VAL C 51 -21.22 33.86 -13.39
C VAL C 51 -22.15 34.86 -14.07
N LYS C 52 -22.09 34.93 -15.39
CA LYS C 52 -22.96 35.82 -16.15
C LYS C 52 -23.87 35.00 -17.04
N GLY C 53 -25.11 35.44 -17.19
CA GLY C 53 -26.05 34.70 -18.02
C GLY C 53 -26.74 33.56 -17.30
N VAL C 54 -26.60 33.54 -15.97
CA VAL C 54 -27.21 32.50 -15.16
C VAL C 54 -27.62 33.03 -13.79
N LYS C 55 -28.84 32.70 -13.37
CA LYS C 55 -29.31 33.05 -12.04
C LYS C 55 -29.23 31.82 -11.15
N VAL C 56 -28.67 31.97 -9.96
CA VAL C 56 -28.54 30.85 -9.04
C VAL C 56 -29.45 31.01 -7.83
N TYR C 57 -30.08 29.92 -7.42
CA TYR C 57 -30.99 29.94 -6.28
C TYR C 57 -30.72 28.80 -5.33
N ARG C 58 -31.21 28.95 -4.11
CA ARG C 58 -31.25 27.86 -3.16
C ARG C 58 -32.68 27.33 -3.15
N LEU C 59 -32.85 26.08 -3.56
CA LEU C 59 -34.18 25.49 -3.61
C LEU C 59 -34.44 24.59 -2.40
N THR C 60 -35.62 24.74 -1.81
CA THR C 60 -36.01 23.95 -0.65
C THR C 60 -37.41 23.37 -0.84
N TYR C 61 -37.60 22.14 -0.40
CA TYR C 61 -38.94 21.54 -0.41
C TYR C 61 -39.06 20.42 0.62
N GLN C 62 -40.27 20.02 0.91
CA GLN C 62 -40.46 18.98 1.85
C GLN C 62 -40.76 17.71 1.17
N SER C 63 -40.25 16.63 1.72
CA SER C 63 -40.44 15.32 1.15
C SER C 63 -40.85 14.34 2.22
N PHE C 64 -40.91 13.08 1.85
CA PHE C 64 -41.25 11.99 2.73
C PHE C 64 -40.69 12.17 4.12
N GLY C 65 -41.52 11.91 5.11
CA GLY C 65 -41.15 12.00 6.50
C GLY C 65 -40.98 13.40 6.99
N HIS C 66 -41.40 14.33 6.19
CA HIS C 66 -41.27 15.71 6.56
C HIS C 66 -39.85 16.18 6.71
N SER C 67 -38.98 15.72 5.83
CA SER C 67 -37.61 16.16 5.85
C SER C 67 -37.39 17.26 4.83
N LYS C 68 -36.56 18.24 5.15
CA LYS C 68 -36.33 19.35 4.24
C LYS C 68 -35.17 19.07 3.31
N ILE C 69 -35.49 18.94 2.03
CA ILE C 69 -34.50 18.65 1.00
C ILE C 69 -34.03 19.93 0.33
N GLU C 70 -32.73 20.06 0.09
CA GLU C 70 -32.20 21.27 -0.49
C GLU C 70 -31.30 20.99 -1.68
N GLY C 71 -30.75 22.05 -2.25
CA GLY C 71 -29.88 21.95 -3.40
C GLY C 71 -29.88 23.23 -4.20
N PHE C 72 -28.77 23.54 -4.86
CA PHE C 72 -28.71 24.74 -5.67
C PHE C 72 -29.51 24.57 -6.96
N TYR C 73 -30.17 25.64 -7.37
CA TYR C 73 -30.96 25.63 -8.59
C TYR C 73 -30.51 26.77 -9.49
N ALA C 74 -29.89 26.42 -10.62
CA ALA C 74 -29.37 27.41 -11.54
C ALA C 74 -30.20 27.48 -12.81
N VAL C 75 -30.58 28.69 -13.20
CA VAL C 75 -31.41 28.89 -14.37
C VAL C 75 -30.74 29.80 -15.37
N PRO C 76 -30.81 29.43 -16.67
CA PRO C 76 -30.29 30.28 -17.74
C PRO C 76 -30.93 31.66 -17.66
N ASP C 77 -30.12 32.70 -17.55
CA ASP C 77 -30.63 34.05 -17.40
C ASP C 77 -31.22 34.58 -18.70
N GLN C 78 -32.28 33.92 -19.16
CA GLN C 78 -32.93 34.27 -20.43
C GLN C 78 -34.37 33.79 -20.43
N THR C 79 -35.26 34.58 -21.01
CA THR C 79 -36.68 34.23 -21.05
C THR C 79 -36.89 32.77 -21.43
N GLY C 80 -37.58 32.03 -20.58
CA GLY C 80 -37.87 30.63 -20.83
C GLY C 80 -39.03 30.44 -21.79
N PRO C 81 -39.74 29.31 -21.68
CA PRO C 81 -39.42 28.25 -20.72
C PRO C 81 -38.16 27.50 -21.15
N HIS C 82 -37.49 26.86 -20.21
CA HIS C 82 -36.25 26.15 -20.50
C HIS C 82 -36.41 24.66 -20.27
N PRO C 83 -35.55 23.86 -20.93
CA PRO C 83 -35.43 22.46 -20.59
C PRO C 83 -34.80 22.35 -19.22
N ALA C 84 -35.09 21.30 -18.48
CA ALA C 84 -34.60 21.18 -17.11
C ALA C 84 -33.88 19.86 -16.84
N LEU C 85 -32.92 19.91 -15.92
CA LEU C 85 -32.21 18.71 -15.48
C LEU C 85 -32.25 18.61 -13.96
N VAL C 86 -32.56 17.43 -13.44
CA VAL C 86 -32.36 17.14 -12.02
C VAL C 86 -31.13 16.27 -11.88
N ARG C 87 -30.07 16.86 -11.30
CA ARG C 87 -28.78 16.19 -11.19
C ARG C 87 -28.57 15.57 -9.82
N PHE C 88 -28.10 14.32 -9.80
CA PHE C 88 -27.86 13.62 -8.55
C PHE C 88 -26.38 13.34 -8.36
N HIS C 89 -25.87 13.66 -7.18
CA HIS C 89 -24.44 13.52 -6.91
C HIS C 89 -24.06 12.10 -6.46
N GLY C 90 -22.75 11.84 -6.37
CA GLY C 90 -22.26 10.52 -6.01
C GLY C 90 -22.25 10.28 -4.52
N TYR C 91 -22.07 9.01 -4.16
CA TYR C 91 -22.05 8.60 -2.76
C TYR C 91 -20.93 9.27 -1.98
N ASN C 92 -21.30 10.10 -1.01
CA ASN C 92 -20.32 10.78 -0.17
C ASN C 92 -19.40 11.68 -0.99
N ALA C 93 -19.85 12.04 -2.18
CA ALA C 93 -19.03 12.81 -3.11
C ALA C 93 -19.63 14.17 -3.46
N SER C 94 -20.34 14.77 -2.52
CA SER C 94 -20.89 16.11 -2.72
C SER C 94 -20.00 17.17 -2.06
N TYR C 95 -19.28 17.95 -2.84
CA TYR C 95 -18.41 18.97 -2.28
C TYR C 95 -18.93 20.39 -2.54
N ASP C 96 -19.35 21.06 -1.48
CA ASP C 96 -19.91 22.39 -1.60
C ASP C 96 -21.21 22.35 -2.35
N ASP C 97 -21.98 21.31 -2.12
CA ASP C 97 -23.27 21.15 -2.79
C ASP C 97 -23.07 21.05 -4.29
N GLY C 98 -21.85 20.81 -4.71
CA GLY C 98 -21.53 20.66 -6.12
C GLY C 98 -22.09 21.78 -6.98
N ILE C 99 -21.93 23.01 -6.50
CA ILE C 99 -22.51 24.17 -7.16
C ILE C 99 -21.88 24.50 -8.50
N HIS C 100 -20.56 24.40 -8.58
CA HIS C 100 -19.87 24.78 -9.79
C HIS C 100 -20.38 24.01 -10.99
N ASP C 101 -20.83 22.79 -10.75
CA ASP C 101 -21.28 21.96 -11.84
C ASP C 101 -22.72 22.23 -12.21
N ILE C 102 -23.50 22.65 -11.23
CA ILE C 102 -24.88 23.01 -11.49
C ILE C 102 -24.92 24.26 -12.36
N VAL C 103 -24.09 25.24 -12.03
CA VAL C 103 -24.00 26.45 -12.83
C VAL C 103 -23.58 26.10 -14.25
N ASN C 104 -22.55 25.29 -14.39
CA ASN C 104 -22.05 24.91 -15.70
C ASN C 104 -23.09 24.21 -16.55
N TRP C 105 -24.06 23.58 -15.90
CA TRP C 105 -25.11 22.88 -16.61
C TRP C 105 -26.12 23.88 -17.10
N ALA C 106 -26.31 24.93 -16.31
CA ALA C 106 -27.22 26.00 -16.64
C ALA C 106 -26.67 26.73 -17.84
N LEU C 107 -25.37 26.95 -17.82
CA LEU C 107 -24.69 27.64 -18.92
C LEU C 107 -24.87 26.87 -20.22
N HIS C 108 -25.20 25.59 -20.12
CA HIS C 108 -25.43 24.77 -21.31
C HIS C 108 -26.88 24.90 -21.80
N GLY C 109 -27.67 25.70 -21.10
CA GLY C 109 -29.04 25.96 -21.49
C GLY C 109 -30.09 25.18 -20.72
N TYR C 110 -29.67 24.57 -19.61
CA TYR C 110 -30.58 23.76 -18.82
C TYR C 110 -30.85 24.38 -17.45
N ALA C 111 -32.12 24.59 -17.14
CA ALA C 111 -32.53 24.96 -15.79
C ALA C 111 -32.35 23.70 -14.95
N THR C 112 -31.27 23.66 -14.19
CA THR C 112 -30.87 22.42 -13.53
C THR C 112 -30.79 22.52 -12.00
N PHE C 113 -31.30 21.48 -11.33
CA PHE C 113 -31.33 21.43 -9.88
C PHE C 113 -30.51 20.25 -9.36
N GLY C 114 -29.53 20.55 -8.52
CA GLY C 114 -28.70 19.52 -7.91
C GLY C 114 -29.22 19.13 -6.54
N MSE C 115 -30.06 18.11 -6.51
CA MSE C 115 -30.62 17.64 -5.25
C MSE C 115 -29.54 17.03 -4.36
O MSE C 115 -28.79 16.15 -4.78
CB MSE C 115 -31.72 16.61 -5.50
CG MSE C 115 -32.52 16.28 -4.24
SE MSE C 115 -33.47 14.58 -4.36
CE MSE C 115 -31.94 13.37 -4.12
N LEU C 116 -29.48 17.51 -3.12
CA LEU C 116 -28.53 16.98 -2.15
C LEU C 116 -29.15 15.78 -1.44
N VAL C 117 -28.46 14.65 -1.43
CA VAL C 117 -28.95 13.41 -0.87
C VAL C 117 -28.92 13.51 0.63
N ARG C 118 -30.05 13.22 1.27
CA ARG C 118 -30.23 13.39 2.69
C ARG C 118 -29.16 12.74 3.52
N GLY C 119 -28.67 13.46 4.50
CA GLY C 119 -27.64 12.93 5.33
C GLY C 119 -26.26 13.18 4.79
N GLN C 120 -26.07 13.01 3.48
CA GLN C 120 -24.75 13.23 2.95
C GLN C 120 -24.53 14.60 2.44
N GLY C 121 -25.29 14.95 1.43
CA GLY C 121 -25.17 16.24 0.79
C GLY C 121 -25.54 17.48 1.55
N GLY C 122 -26.69 17.55 2.14
CA GLY C 122 -26.96 18.80 2.77
C GLY C 122 -28.42 18.99 2.84
N SER C 123 -29.08 17.87 2.82
CA SER C 123 -30.51 17.90 2.96
C SER C 123 -30.74 17.33 4.34
N GLU C 124 -31.97 17.05 4.71
CA GLU C 124 -32.22 16.54 6.03
C GLU C 124 -32.83 15.15 6.06
N ASP C 125 -32.19 14.23 6.77
CA ASP C 125 -32.75 12.89 6.87
C ASP C 125 -33.51 12.74 8.17
N THR C 126 -34.83 12.63 8.06
CA THR C 126 -35.71 12.66 9.21
C THR C 126 -35.95 11.27 9.76
N SER C 127 -35.55 10.25 9.02
CA SER C 127 -35.86 8.87 9.39
C SER C 127 -34.99 8.36 10.54
N VAL C 128 -35.65 7.74 11.52
CA VAL C 128 -34.97 7.14 12.66
C VAL C 128 -33.99 6.06 12.21
N THR C 129 -32.97 5.81 13.03
CA THR C 129 -32.05 4.71 12.79
C THR C 129 -32.45 3.53 13.68
N PRO C 130 -33.13 2.54 13.07
CA PRO C 130 -33.73 1.42 13.80
C PRO C 130 -32.74 0.73 14.75
N GLY C 131 -31.57 0.36 14.23
CA GLY C 131 -30.57 -0.33 15.03
C GLY C 131 -29.17 -0.11 14.50
N GLY C 132 -28.23 -0.93 14.96
CA GLY C 132 -26.85 -0.81 14.50
C GLY C 132 -26.72 -0.99 13.00
N HIS C 133 -25.61 -0.51 12.45
CA HIS C 133 -25.31 -0.71 11.04
C HIS C 133 -23.84 -0.40 10.78
N ALA C 134 -23.32 -0.81 9.64
CA ALA C 134 -21.93 -0.57 9.29
C ALA C 134 -21.68 0.90 9.01
N LEU C 135 -20.44 1.34 9.23
CA LEU C 135 -20.05 2.72 8.96
C LEU C 135 -20.47 3.11 7.53
N GLY C 136 -21.32 4.12 7.43
CA GLY C 136 -21.82 4.58 6.14
C GLY C 136 -23.33 4.61 6.10
N TRP C 137 -23.90 4.87 4.92
CA TRP C 137 -25.35 4.93 4.77
C TRP C 137 -25.92 3.62 4.23
N MSE C 138 -25.06 2.83 3.57
CA MSE C 138 -25.50 1.64 2.85
C MSE C 138 -26.42 0.72 3.66
O MSE C 138 -27.38 0.18 3.11
CB MSE C 138 -24.31 0.86 2.31
CG MSE C 138 -23.56 1.58 1.22
SE MSE C 138 -24.73 2.10 -0.26
CE MSE C 138 -25.38 0.30 -0.73
N THR C 139 -26.13 0.55 4.94
CA THR C 139 -26.85 -0.43 5.75
C THR C 139 -27.77 0.18 6.79
N LYS C 140 -27.95 1.49 6.74
CA LYS C 140 -28.85 2.17 7.66
C LYS C 140 -30.32 1.79 7.41
N GLY C 141 -30.95 1.19 8.42
CA GLY C 141 -32.33 0.72 8.31
C GLY C 141 -32.46 -0.48 7.40
N ILE C 142 -31.38 -1.24 7.26
CA ILE C 142 -31.30 -2.33 6.31
C ILE C 142 -32.25 -3.49 6.63
N LEU C 143 -32.72 -3.56 7.87
CA LEU C 143 -33.53 -4.70 8.31
C LEU C 143 -35.01 -4.58 7.93
N SER C 144 -35.36 -3.53 7.20
CA SER C 144 -36.72 -3.36 6.73
C SER C 144 -36.81 -2.35 5.59
N LYS C 145 -37.54 -2.71 4.55
CA LYS C 145 -37.70 -1.82 3.40
C LYS C 145 -38.45 -0.54 3.76
N ASP C 146 -39.19 -0.57 4.86
CA ASP C 146 -39.89 0.63 5.34
C ASP C 146 -38.92 1.63 5.94
N THR C 147 -37.85 1.12 6.55
CA THR C 147 -36.91 1.96 7.27
C THR C 147 -35.62 2.20 6.49
N TYR C 148 -35.48 1.54 5.34
CA TYR C 148 -34.22 1.60 4.61
C TYR C 148 -33.87 3.01 4.12
N TYR C 149 -32.59 3.35 4.22
CA TYR C 149 -32.10 4.68 3.90
C TYR C 149 -32.54 5.18 2.53
N TYR C 150 -32.42 4.35 1.51
CA TYR C 150 -32.69 4.79 0.14
C TYR C 150 -34.17 4.94 -0.20
N ARG C 151 -35.04 4.45 0.69
CA ARG C 151 -36.47 4.66 0.51
C ARG C 151 -36.75 6.15 0.47
N GLY C 152 -36.33 6.84 1.53
CA GLY C 152 -36.51 8.29 1.63
C GLY C 152 -35.86 9.02 0.46
N VAL C 153 -34.62 8.67 0.18
CA VAL C 153 -33.86 9.34 -0.88
C VAL C 153 -34.51 9.16 -2.25
N TYR C 154 -34.92 7.92 -2.56
CA TYR C 154 -35.63 7.65 -3.81
C TYR C 154 -36.85 8.57 -3.94
N LEU C 155 -37.63 8.66 -2.86
CA LEU C 155 -38.84 9.49 -2.87
C LEU C 155 -38.51 10.97 -3.01
N ASP C 156 -37.39 11.39 -2.43
CA ASP C 156 -36.92 12.77 -2.57
C ASP C 156 -36.67 13.09 -4.05
N ALA C 157 -36.12 12.12 -4.77
CA ALA C 157 -35.85 12.29 -6.19
C ALA C 157 -37.15 12.51 -6.96
N VAL C 158 -38.15 11.69 -6.68
CA VAL C 158 -39.45 11.83 -7.34
C VAL C 158 -40.01 13.23 -7.10
N ARG C 159 -39.99 13.67 -5.84
CA ARG C 159 -40.51 15.00 -5.52
C ARG C 159 -39.73 16.09 -6.21
N ALA C 160 -38.41 15.95 -6.25
CA ALA C 160 -37.57 16.90 -6.94
C ALA C 160 -38.17 17.20 -8.30
N LEU C 161 -38.52 16.14 -9.03
CA LEU C 161 -39.13 16.26 -10.35
C LEU C 161 -40.48 16.96 -10.28
N GLU C 162 -41.26 16.63 -9.26
CA GLU C 162 -42.59 17.23 -9.08
C GLU C 162 -42.49 18.72 -8.84
N VAL C 163 -41.50 19.14 -8.06
CA VAL C 163 -41.32 20.55 -7.73
C VAL C 163 -40.89 21.40 -8.92
N ILE C 164 -39.73 21.10 -9.48
CA ILE C 164 -39.21 21.85 -10.61
C ILE C 164 -40.14 21.82 -11.82
N GLN C 165 -40.90 20.75 -11.96
CA GLN C 165 -41.83 20.62 -13.07
C GLN C 165 -42.91 21.69 -12.99
N SER C 166 -43.21 22.12 -11.77
CA SER C 166 -44.26 23.11 -11.55
C SER C 166 -43.76 24.54 -11.80
N PHE C 167 -42.45 24.70 -11.99
CA PHE C 167 -41.89 26.03 -12.23
C PHE C 167 -42.30 26.54 -13.60
N PRO C 168 -42.78 27.79 -13.66
CA PRO C 168 -43.22 28.41 -14.90
C PRO C 168 -42.10 28.50 -15.95
N GLU C 169 -40.86 28.64 -15.49
CA GLU C 169 -39.74 28.79 -16.43
C GLU C 169 -39.28 27.44 -16.97
N VAL C 170 -39.81 26.38 -16.38
CA VAL C 170 -39.44 25.02 -16.78
C VAL C 170 -40.46 24.40 -17.71
N ASP C 171 -39.98 23.86 -18.82
CA ASP C 171 -40.85 23.13 -19.75
C ASP C 171 -41.01 21.69 -19.27
N GLU C 172 -42.15 21.40 -18.66
CA GLU C 172 -42.38 20.10 -18.03
C GLU C 172 -42.18 18.93 -18.98
N HIS C 173 -42.28 19.19 -20.28
CA HIS C 173 -42.17 18.14 -21.29
C HIS C 173 -40.71 17.84 -21.64
N ARG C 174 -39.80 18.67 -21.16
CA ARG C 174 -38.39 18.55 -21.51
C ARG C 174 -37.49 18.50 -20.27
N ILE C 175 -37.82 17.60 -19.36
CA ILE C 175 -37.03 17.41 -18.15
C ILE C 175 -36.19 16.14 -18.22
N GLY C 176 -34.89 16.29 -18.00
CA GLY C 176 -33.99 15.15 -18.00
C GLY C 176 -33.46 14.86 -16.61
N VAL C 177 -33.11 13.60 -16.37
CA VAL C 177 -32.58 13.19 -15.08
C VAL C 177 -31.21 12.54 -15.29
N ILE C 178 -30.19 13.08 -14.63
CA ILE C 178 -28.82 12.61 -14.83
C ILE C 178 -28.04 12.44 -13.53
N GLY C 179 -26.95 11.69 -13.60
CA GLY C 179 -26.09 11.45 -12.44
C GLY C 179 -25.10 10.34 -12.67
N GLY C 180 -24.05 10.31 -11.86
CA GLY C 180 -23.04 9.25 -11.94
C GLY C 180 -23.03 8.42 -10.67
N SER C 181 -22.67 7.15 -10.81
CA SER C 181 -22.64 6.23 -9.68
C SER C 181 -23.95 6.28 -8.90
N GLN C 182 -23.91 6.76 -7.67
CA GLN C 182 -25.13 6.92 -6.88
C GLN C 182 -26.13 7.80 -7.63
N GLY C 183 -25.61 8.84 -8.27
CA GLY C 183 -26.44 9.75 -9.05
C GLY C 183 -27.16 9.03 -10.17
N GLY C 184 -26.45 8.13 -10.84
CA GLY C 184 -27.01 7.36 -11.95
C GLY C 184 -28.13 6.46 -11.47
N ALA C 185 -27.94 5.86 -10.31
CA ALA C 185 -28.96 5.00 -9.73
C ALA C 185 -30.22 5.80 -9.41
N LEU C 186 -30.04 6.97 -8.80
CA LEU C 186 -31.16 7.84 -8.49
C LEU C 186 -31.85 8.30 -9.77
N ALA C 187 -31.05 8.57 -10.81
CA ALA C 187 -31.60 8.96 -12.09
C ALA C 187 -32.54 7.87 -12.61
N ILE C 188 -32.05 6.64 -12.62
CA ILE C 188 -32.84 5.50 -13.08
C ILE C 188 -34.06 5.26 -12.19
N ALA C 189 -33.82 5.21 -10.88
CA ALA C 189 -34.90 4.98 -9.93
C ALA C 189 -36.00 6.03 -10.13
N ALA C 190 -35.62 7.30 -10.18
CA ALA C 190 -36.57 8.38 -10.38
C ALA C 190 -37.38 8.16 -11.65
N ALA C 191 -36.69 7.87 -12.74
CA ALA C 191 -37.34 7.64 -14.01
C ALA C 191 -38.30 6.45 -13.91
N ALA C 192 -37.92 5.44 -13.13
CA ALA C 192 -38.73 4.25 -12.99
C ALA C 192 -39.99 4.52 -12.16
N LEU C 193 -39.90 5.44 -11.22
CA LEU C 193 -41.01 5.73 -10.32
C LEU C 193 -41.84 6.94 -10.77
N SER C 194 -41.36 7.67 -11.77
CA SER C 194 -42.05 8.87 -12.23
C SER C 194 -42.03 8.99 -13.76
N ASP C 195 -43.12 9.50 -14.32
CA ASP C 195 -43.23 9.69 -15.76
C ASP C 195 -42.79 11.10 -16.16
N ILE C 196 -42.43 11.91 -15.17
CA ILE C 196 -42.04 13.29 -15.42
C ILE C 196 -40.81 13.39 -16.33
N PRO C 197 -39.72 12.70 -15.96
CA PRO C 197 -38.50 12.78 -16.76
C PRO C 197 -38.69 12.23 -18.16
N LYS C 198 -38.20 12.97 -19.16
CA LYS C 198 -38.30 12.52 -20.55
C LYS C 198 -37.09 11.68 -20.93
N VAL C 199 -35.98 11.90 -20.23
CA VAL C 199 -34.74 11.24 -20.59
C VAL C 199 -33.87 10.88 -19.38
N VAL C 200 -33.02 9.88 -19.55
CA VAL C 200 -32.17 9.42 -18.45
C VAL C 200 -30.72 9.23 -18.88
N VAL C 201 -29.80 9.74 -18.09
CA VAL C 201 -28.38 9.49 -18.31
C VAL C 201 -27.69 9.08 -17.01
N ALA C 202 -27.21 7.85 -16.96
CA ALA C 202 -26.51 7.33 -15.80
C ALA C 202 -25.12 6.86 -16.09
N ASP C 203 -24.13 7.44 -15.44
CA ASP C 203 -22.76 6.98 -15.56
C ASP C 203 -22.65 5.90 -14.56
N TYR C 204 -22.07 4.79 -14.92
CA TYR C 204 -21.85 3.68 -14.01
C TYR C 204 -22.72 3.75 -12.80
N PRO C 205 -23.94 3.34 -12.96
CA PRO C 205 -24.94 3.40 -11.91
C PRO C 205 -24.61 2.49 -10.74
N TYR C 206 -25.06 2.86 -9.57
CA TYR C 206 -24.80 2.18 -8.34
C TYR C 206 -26.03 1.46 -7.98
N LEU C 207 -26.08 0.88 -6.80
CA LEU C 207 -27.25 0.17 -6.30
C LEU C 207 -27.84 -0.88 -7.20
N SER C 208 -27.07 -1.83 -7.66
CA SER C 208 -27.52 -2.71 -8.68
C SER C 208 -26.92 -4.08 -8.60
N ASN C 209 -27.76 -5.08 -8.54
CA ASN C 209 -27.32 -6.46 -8.45
C ASN C 209 -26.58 -6.60 -7.17
N PHE C 210 -27.20 -6.19 -6.09
CA PHE C 210 -26.57 -6.26 -4.78
C PHE C 210 -25.94 -7.62 -4.47
N GLU C 211 -26.67 -8.69 -4.77
CA GLU C 211 -26.21 -10.03 -4.43
C GLU C 211 -24.93 -10.45 -5.13
N ARG C 212 -24.63 -9.81 -6.26
CA ARG C 212 -23.35 -10.06 -6.92
C ARG C 212 -22.31 -9.00 -6.55
N ALA C 213 -22.75 -7.75 -6.46
CA ALA C 213 -21.86 -6.65 -6.12
C ALA C 213 -21.02 -6.99 -4.90
N VAL C 214 -21.65 -7.62 -3.92
CA VAL C 214 -20.99 -7.98 -2.67
C VAL C 214 -19.90 -9.03 -2.84
N ASP C 215 -19.89 -9.69 -4.00
CA ASP C 215 -18.93 -10.75 -4.27
C ASP C 215 -17.82 -10.30 -5.21
N VAL C 216 -18.02 -9.17 -5.88
CA VAL C 216 -17.09 -8.75 -6.92
C VAL C 216 -16.46 -7.39 -6.62
N ALA C 217 -17.12 -6.60 -5.80
CA ALA C 217 -16.61 -5.28 -5.43
C ALA C 217 -15.30 -5.40 -4.65
N LEU C 218 -14.27 -4.69 -5.12
CA LEU C 218 -12.99 -4.69 -4.45
C LEU C 218 -12.76 -3.38 -3.72
N GLU C 219 -13.77 -2.54 -3.70
CA GLU C 219 -13.65 -1.26 -3.08
C GLU C 219 -15.00 -0.77 -2.63
N GLN C 220 -14.99 0.18 -1.71
CA GLN C 220 -16.20 0.75 -1.20
C GLN C 220 -17.01 1.44 -2.24
N PRO C 221 -18.30 1.63 -1.97
CA PRO C 221 -18.90 1.23 -0.70
C PRO C 221 -19.82 0.01 -0.71
N TYR C 222 -19.73 -0.85 -1.71
CA TYR C 222 -20.58 -2.03 -1.71
C TYR C 222 -20.14 -2.90 -0.55
N LEU C 223 -18.90 -2.71 -0.13
CA LEU C 223 -18.32 -3.48 0.97
C LEU C 223 -18.91 -3.16 2.34
N GLU C 224 -19.70 -2.09 2.42
CA GLU C 224 -20.34 -1.74 3.67
C GLU C 224 -21.29 -2.85 4.08
N ILE C 225 -21.94 -3.45 3.07
CA ILE C 225 -22.84 -4.56 3.30
C ILE C 225 -22.07 -5.74 3.88
N ASN C 226 -20.97 -6.12 3.24
CA ASN C 226 -20.11 -7.17 3.77
C ASN C 226 -19.73 -6.84 5.20
N SER C 227 -19.31 -5.60 5.40
CA SER C 227 -18.86 -5.13 6.70
C SER C 227 -19.98 -5.28 7.74
N TYR C 228 -21.21 -5.02 7.30
CA TYR C 228 -22.37 -5.13 8.17
C TYR C 228 -22.62 -6.58 8.60
N PHE C 229 -22.41 -7.51 7.68
CA PHE C 229 -22.61 -8.93 7.99
C PHE C 229 -21.52 -9.48 8.92
N ARG C 230 -20.33 -8.91 8.85
CA ARG C 230 -19.24 -9.33 9.74
C ARG C 230 -19.59 -8.99 11.18
N ARG C 231 -20.32 -7.90 11.36
CA ARG C 231 -20.69 -7.44 12.69
C ARG C 231 -21.97 -8.11 13.19
N ASN C 232 -22.78 -8.58 12.25
CA ASN C 232 -24.01 -9.27 12.59
C ASN C 232 -24.08 -10.61 11.88
N SER C 233 -23.55 -11.64 12.53
CA SER C 233 -23.37 -12.95 11.91
C SER C 233 -24.67 -13.72 11.76
N ASP C 234 -25.71 -13.31 12.47
CA ASP C 234 -26.99 -13.99 12.39
C ASP C 234 -27.41 -14.21 10.92
N PRO C 235 -27.51 -15.46 10.49
CA PRO C 235 -27.75 -15.75 9.08
C PRO C 235 -29.10 -15.31 8.56
N GLU C 236 -30.07 -15.19 9.46
CA GLU C 236 -31.38 -14.69 9.11
C GLU C 236 -31.19 -13.25 8.73
N VAL C 237 -30.14 -12.65 9.27
CA VAL C 237 -29.87 -11.24 9.08
C VAL C 237 -29.44 -10.94 7.66
N GLU C 238 -28.64 -11.82 7.08
CA GLU C 238 -28.17 -11.63 5.73
C GLU C 238 -29.31 -11.74 4.75
N GLU C 239 -30.26 -12.60 5.06
CA GLU C 239 -31.43 -12.79 4.22
C GLU C 239 -32.36 -11.59 4.28
N LYS C 240 -32.65 -11.10 5.47
CA LYS C 240 -33.54 -9.96 5.62
C LYS C 240 -32.94 -8.78 4.92
N ALA C 241 -31.64 -8.63 5.09
CA ALA C 241 -30.91 -7.54 4.45
C ALA C 241 -31.07 -7.57 2.92
N PHE C 242 -30.77 -8.71 2.31
CA PHE C 242 -30.89 -8.85 0.87
C PHE C 242 -32.34 -8.75 0.43
N GLU C 243 -33.26 -9.10 1.32
CA GLU C 243 -34.67 -8.96 1.03
C GLU C 243 -35.03 -7.49 0.85
N THR C 244 -34.64 -6.67 1.83
CA THR C 244 -35.00 -5.25 1.78
C THR C 244 -34.26 -4.57 0.63
N LEU C 245 -33.06 -5.06 0.32
CA LEU C 245 -32.24 -4.47 -0.73
C LEU C 245 -32.84 -4.65 -2.11
N SER C 246 -33.61 -5.72 -2.29
CA SER C 246 -34.20 -6.00 -3.60
C SER C 246 -35.23 -4.95 -4.00
N TYR C 247 -35.80 -4.28 -3.01
CA TYR C 247 -36.80 -3.26 -3.28
C TYR C 247 -36.19 -2.02 -3.90
N PHE C 248 -34.86 -1.93 -3.87
CA PHE C 248 -34.17 -0.74 -4.35
C PHE C 248 -33.15 -1.06 -5.43
N ASP C 249 -33.01 -2.35 -5.71
CA ASP C 249 -32.05 -2.81 -6.71
C ASP C 249 -32.48 -2.41 -8.13
N LEU C 250 -31.56 -1.80 -8.86
CA LEU C 250 -31.86 -1.33 -10.20
C LEU C 250 -32.39 -2.43 -11.11
N ILE C 251 -31.92 -3.66 -10.93
CA ILE C 251 -32.34 -4.77 -11.79
C ILE C 251 -33.83 -5.01 -11.66
N ASN C 252 -34.40 -4.58 -10.55
CA ASN C 252 -35.83 -4.74 -10.31
C ASN C 252 -36.64 -3.50 -10.74
N LEU C 253 -35.98 -2.36 -10.76
CA LEU C 253 -36.63 -1.10 -11.14
C LEU C 253 -36.49 -0.84 -12.64
N ALA C 254 -35.41 -1.30 -13.24
CA ALA C 254 -35.14 -1.07 -14.65
C ALA C 254 -36.35 -1.39 -15.53
N GLY C 255 -37.13 -2.38 -15.11
CA GLY C 255 -38.30 -2.81 -15.88
C GLY C 255 -39.34 -1.71 -16.05
N TRP C 256 -39.34 -0.73 -15.16
CA TRP C 256 -40.34 0.34 -15.23
C TRP C 256 -39.90 1.56 -16.03
N VAL C 257 -38.64 1.59 -16.43
CA VAL C 257 -38.13 2.76 -17.16
C VAL C 257 -38.52 2.73 -18.62
N LYS C 258 -39.28 3.74 -19.05
CA LYS C 258 -39.72 3.83 -20.45
C LYS C 258 -39.14 5.03 -21.16
N GLN C 259 -38.31 5.80 -20.47
CA GLN C 259 -37.62 6.93 -21.08
C GLN C 259 -36.38 6.43 -21.82
N PRO C 260 -36.03 7.12 -22.92
CA PRO C 260 -34.76 6.85 -23.58
C PRO C 260 -33.64 7.08 -22.59
N THR C 261 -32.77 6.08 -22.42
CA THR C 261 -31.72 6.18 -21.41
C THR C 261 -30.33 5.80 -21.93
N LEU C 262 -29.33 6.58 -21.53
CA LEU C 262 -27.96 6.38 -21.96
C LEU C 262 -27.08 6.07 -20.76
N MSE C 263 -26.27 5.01 -20.90
CA MSE C 263 -25.40 4.59 -19.79
C MSE C 263 -23.94 4.48 -20.21
O MSE C 263 -23.61 4.35 -21.39
CB MSE C 263 -25.86 3.23 -19.25
CG MSE C 263 -27.24 3.25 -18.61
SE MSE C 263 -27.62 1.59 -17.67
CE MSE C 263 -29.36 2.06 -16.96
N ALA C 264 -23.06 4.53 -19.22
CA ALA C 264 -21.63 4.35 -19.44
C ALA C 264 -21.06 3.38 -18.41
N ILE C 265 -19.97 2.71 -18.77
CA ILE C 265 -19.28 1.82 -17.84
C ILE C 265 -17.83 1.60 -18.27
N GLY C 266 -16.91 1.72 -17.32
CA GLY C 266 -15.50 1.46 -17.56
C GLY C 266 -15.15 0.04 -17.16
N LEU C 267 -14.46 -0.68 -18.04
CA LEU C 267 -14.23 -2.12 -17.84
C LEU C 267 -13.27 -2.45 -16.70
N ILE C 268 -12.59 -1.44 -16.16
CA ILE C 268 -11.71 -1.66 -15.01
C ILE C 268 -12.26 -1.00 -13.75
N ASP C 269 -13.55 -0.69 -13.76
CA ASP C 269 -14.21 -0.09 -12.61
C ASP C 269 -14.31 -1.11 -11.47
N GLN C 270 -13.74 -0.77 -10.32
CA GLN C 270 -13.71 -1.67 -9.18
C GLN C 270 -14.69 -1.27 -8.08
N VAL C 271 -15.19 -0.03 -8.16
CA VAL C 271 -16.18 0.46 -7.23
C VAL C 271 -17.55 -0.05 -7.64
N THR C 272 -17.86 0.14 -8.91
CA THR C 272 -19.14 -0.24 -9.46
C THR C 272 -18.89 -1.23 -10.61
N PRO C 273 -18.70 -2.52 -10.25
CA PRO C 273 -18.24 -3.56 -11.18
C PRO C 273 -19.08 -3.64 -12.45
N PRO C 274 -18.41 -3.79 -13.59
CA PRO C 274 -19.07 -3.83 -14.90
C PRO C 274 -20.28 -4.75 -14.90
N SER C 275 -20.14 -5.93 -14.33
CA SER C 275 -21.24 -6.91 -14.32
C SER C 275 -22.52 -6.30 -13.73
N THR C 276 -22.38 -5.63 -12.59
CA THR C 276 -23.55 -5.04 -11.93
C THR C 276 -24.21 -3.98 -12.81
N VAL C 277 -23.41 -3.28 -13.60
CA VAL C 277 -23.94 -2.25 -14.49
C VAL C 277 -24.61 -2.87 -15.72
N PHE C 278 -23.98 -3.87 -16.30
CA PHE C 278 -24.59 -4.60 -17.41
C PHE C 278 -25.92 -5.20 -16.98
N ALA C 279 -25.94 -5.78 -15.78
CA ALA C 279 -27.16 -6.37 -15.24
C ALA C 279 -28.30 -5.36 -15.31
N ALA C 280 -28.05 -4.16 -14.80
CA ALA C 280 -29.05 -3.10 -14.84
C ALA C 280 -29.46 -2.80 -16.28
N TYR C 281 -28.52 -2.57 -17.18
CA TYR C 281 -28.84 -2.26 -18.55
C TYR C 281 -29.54 -3.39 -19.29
N ASN C 282 -29.23 -4.63 -19.00
CA ASN C 282 -29.91 -5.72 -19.64
C ASN C 282 -31.30 -5.95 -19.10
N HIS C 283 -31.72 -5.17 -18.13
CA HIS C 283 -33.03 -5.34 -17.56
C HIS C 283 -33.93 -4.20 -17.97
N LEU C 284 -33.37 -3.28 -18.72
CA LEU C 284 -34.08 -2.17 -19.28
C LEU C 284 -34.75 -2.59 -20.57
N GLU C 285 -36.03 -2.31 -20.69
CA GLU C 285 -36.74 -2.62 -21.90
C GLU C 285 -37.29 -1.32 -22.42
N THR C 286 -36.41 -0.42 -22.80
CA THR C 286 -36.78 0.88 -23.26
C THR C 286 -35.78 1.10 -24.33
N ASP C 287 -35.78 2.26 -24.93
CA ASP C 287 -34.80 2.57 -25.93
C ASP C 287 -33.57 2.96 -25.15
N LYS C 288 -32.58 2.08 -25.16
CA LYS C 288 -31.39 2.22 -24.34
C LYS C 288 -30.12 2.17 -25.14
N GLU C 289 -29.00 2.47 -24.48
CA GLU C 289 -27.69 2.32 -25.08
C GLU C 289 -26.60 2.35 -24.01
N LEU C 290 -25.59 1.51 -24.17
CA LEU C 290 -24.51 1.42 -23.21
C LEU C 290 -23.16 1.74 -23.82
N LYS C 291 -22.56 2.84 -23.42
CA LYS C 291 -21.22 3.16 -23.89
C LYS C 291 -20.18 2.45 -23.01
N VAL C 292 -19.33 1.65 -23.64
CA VAL C 292 -18.36 0.84 -22.92
C VAL C 292 -16.95 1.38 -23.13
N TYR C 293 -16.23 1.62 -22.03
CA TYR C 293 -14.89 2.17 -22.12
C TYR C 293 -13.86 1.24 -21.49
N ARG C 294 -13.04 0.63 -22.34
CA ARG C 294 -12.10 -0.40 -21.94
C ARG C 294 -11.09 0.03 -20.89
N TYR C 295 -10.64 1.28 -20.95
CA TYR C 295 -9.49 1.71 -20.16
C TYR C 295 -9.84 2.59 -18.96
N PHE C 296 -11.12 2.69 -18.64
CA PHE C 296 -11.54 3.57 -17.54
C PHE C 296 -12.21 2.82 -16.40
N GLY C 297 -12.08 3.37 -15.20
CA GLY C 297 -12.74 2.81 -14.03
C GLY C 297 -13.79 3.77 -13.50
N HIS C 298 -13.99 3.77 -12.19
CA HIS C 298 -14.98 4.62 -11.56
C HIS C 298 -14.48 6.07 -11.50
N GLU C 299 -14.61 6.78 -12.61
CA GLU C 299 -14.03 8.11 -12.74
C GLU C 299 -14.65 8.89 -13.90
N PHE C 300 -14.40 10.19 -13.91
CA PHE C 300 -14.83 11.06 -15.00
C PHE C 300 -14.31 10.53 -16.33
N ILE C 301 -15.21 10.23 -17.26
CA ILE C 301 -14.83 9.71 -18.56
C ILE C 301 -15.08 10.76 -19.64
N PRO C 302 -14.04 11.48 -20.02
CA PRO C 302 -14.17 12.54 -21.03
C PRO C 302 -15.02 12.13 -22.23
N ALA C 303 -14.66 11.01 -22.87
CA ALA C 303 -15.39 10.54 -24.03
C ALA C 303 -16.89 10.50 -23.83
N PHE C 304 -17.32 10.02 -22.67
CA PHE C 304 -18.75 9.92 -22.37
C PHE C 304 -19.39 11.29 -22.13
N GLN C 305 -18.61 12.23 -21.61
CA GLN C 305 -19.12 13.57 -21.36
C GLN C 305 -19.79 14.09 -22.62
N THR C 306 -19.03 14.14 -23.69
CA THR C 306 -19.51 14.64 -24.96
C THR C 306 -20.67 13.78 -25.49
N GLU C 307 -20.64 12.49 -25.16
CA GLU C 307 -21.73 11.59 -25.55
C GLU C 307 -23.06 12.06 -24.96
N LYS C 308 -23.07 12.34 -23.66
CA LYS C 308 -24.31 12.72 -23.00
C LYS C 308 -24.75 14.15 -23.34
N LEU C 309 -23.80 14.98 -23.74
CA LEU C 309 -24.14 16.33 -24.16
C LEU C 309 -24.99 16.26 -25.43
N SER C 310 -24.58 15.41 -26.36
CA SER C 310 -25.35 15.19 -27.59
C SER C 310 -26.70 14.60 -27.28
N PHE C 311 -26.69 13.53 -26.49
CA PHE C 311 -27.92 12.86 -26.09
C PHE C 311 -28.91 13.86 -25.50
N LEU C 312 -28.44 14.70 -24.58
CA LEU C 312 -29.30 15.66 -23.92
C LEU C 312 -29.74 16.75 -24.87
N GLN C 313 -28.80 17.21 -25.71
CA GLN C 313 -29.10 18.27 -26.66
C GLN C 313 -30.16 17.82 -27.65
N LYS C 314 -30.03 16.60 -28.15
CA LYS C 314 -30.98 16.06 -29.13
C LYS C 314 -32.38 15.97 -28.53
N HIS C 315 -32.46 15.54 -27.27
CA HIS C 315 -33.75 15.24 -26.65
C HIS C 315 -34.37 16.42 -25.91
N LEU C 316 -33.55 17.36 -25.46
CA LEU C 316 -34.05 18.43 -24.60
C LEU C 316 -33.93 19.83 -25.20
N LEU C 317 -32.89 20.05 -26.00
CA LEU C 317 -32.75 21.32 -26.70
C LEU C 317 -33.34 21.21 -28.10
N SER D 7 3.38 26.57 12.01
CA SER D 7 3.68 26.08 10.67
C SER D 7 3.28 27.09 9.61
N LEU D 8 2.03 27.54 9.67
CA LEU D 8 1.55 28.53 8.72
C LEU D 8 2.36 29.80 8.90
N GLU D 9 2.64 30.12 10.16
CA GLU D 9 3.43 31.29 10.51
C GLU D 9 4.78 31.29 9.79
N GLU D 10 5.49 30.18 9.83
CA GLU D 10 6.79 30.12 9.20
C GLU D 10 6.68 30.09 7.68
N LEU D 11 5.60 29.49 7.17
CA LEU D 11 5.38 29.50 5.72
C LEU D 11 5.16 30.90 5.17
N LYS D 12 4.36 31.69 5.88
CA LYS D 12 4.07 33.05 5.45
C LYS D 12 5.36 33.85 5.25
N LYS D 13 6.34 33.62 6.12
CA LYS D 13 7.58 34.40 6.12
C LYS D 13 8.69 33.75 5.29
N TYR D 14 8.40 32.62 4.65
CA TYR D 14 9.41 31.89 3.90
C TYR D 14 9.70 32.52 2.54
N LYS D 15 10.92 33.01 2.38
CA LYS D 15 11.33 33.65 1.14
C LYS D 15 12.78 33.33 0.82
N PRO D 16 13.03 32.18 0.17
CA PRO D 16 14.38 31.71 -0.10
C PRO D 16 15.15 32.66 -1.02
N LYS D 17 16.47 32.70 -0.85
CA LYS D 17 17.32 33.52 -1.72
C LYS D 17 17.15 33.07 -3.16
N LYS D 18 17.08 34.03 -4.07
CA LYS D 18 16.97 33.71 -5.49
C LYS D 18 18.17 32.89 -5.94
N THR D 19 17.96 32.06 -6.95
CA THR D 19 19.04 31.24 -7.49
C THR D 19 19.38 31.71 -8.90
N ALA D 20 18.67 32.73 -9.36
CA ALA D 20 18.91 33.27 -10.69
C ALA D 20 20.39 33.54 -10.92
N ARG D 21 20.92 33.02 -12.01
CA ARG D 21 22.32 33.22 -12.37
C ARG D 21 22.48 34.62 -12.97
N PRO D 22 23.72 35.13 -13.02
CA PRO D 22 23.98 36.49 -13.49
C PRO D 22 23.49 36.76 -14.92
N ASP D 23 23.38 35.72 -15.74
CA ASP D 23 22.95 35.89 -17.13
C ASP D 23 21.46 35.58 -17.30
N PHE D 24 20.74 35.55 -16.19
CA PHE D 24 19.33 35.20 -16.20
C PHE D 24 18.54 36.01 -17.25
N ALA D 25 18.63 37.32 -17.18
CA ALA D 25 17.89 38.19 -18.09
C ALA D 25 18.31 37.98 -19.56
N ASP D 26 19.62 37.91 -19.78
CA ASP D 26 20.14 37.72 -21.13
C ASP D 26 19.62 36.44 -21.76
N PHE D 27 19.60 35.35 -20.99
CA PHE D 27 19.12 34.08 -21.50
C PHE D 27 17.70 34.20 -22.05
N TRP D 28 16.84 34.90 -21.32
CA TRP D 28 15.45 35.03 -21.74
C TRP D 28 15.27 36.05 -22.86
N LYS D 29 16.10 37.08 -22.88
CA LYS D 29 16.09 38.02 -23.98
C LYS D 29 16.48 37.31 -25.27
N LYS D 30 17.55 36.52 -25.19
CA LYS D 30 18.03 35.76 -26.34
C LYS D 30 17.00 34.73 -26.79
N SER D 31 16.35 34.09 -25.83
CA SER D 31 15.34 33.08 -26.12
C SER D 31 14.13 33.70 -26.81
N LEU D 32 13.70 34.86 -26.32
CA LEU D 32 12.57 35.56 -26.91
C LEU D 32 12.91 36.02 -28.34
N GLU D 33 14.18 36.32 -28.56
CA GLU D 33 14.65 36.72 -29.89
C GLU D 33 14.55 35.56 -30.86
N GLU D 34 14.89 34.37 -30.38
CA GLU D 34 14.80 33.17 -31.20
C GLU D 34 13.34 32.88 -31.56
N LEU D 35 12.45 33.11 -30.60
CA LEU D 35 11.03 32.92 -30.82
C LEU D 35 10.54 33.88 -31.90
N ARG D 36 10.90 35.15 -31.77
CA ARG D 36 10.53 36.17 -32.75
C ARG D 36 10.98 35.75 -34.14
N GLN D 37 12.00 34.90 -34.20
CA GLN D 37 12.59 34.48 -35.45
C GLN D 37 11.64 33.59 -36.25
N VAL D 38 10.67 32.99 -35.56
CA VAL D 38 9.76 32.04 -36.19
C VAL D 38 8.40 32.66 -36.48
N GLU D 39 7.99 32.63 -37.75
CA GLU D 39 6.71 33.19 -38.15
C GLU D 39 5.55 32.43 -37.53
N ALA D 40 4.63 33.16 -36.90
CA ALA D 40 3.47 32.56 -36.26
C ALA D 40 2.68 31.69 -37.24
N GLU D 41 2.17 32.32 -38.29
CA GLU D 41 1.39 31.61 -39.31
C GLU D 41 0.40 30.66 -38.66
N PRO D 42 -0.39 31.17 -37.73
CA PRO D 42 -1.42 30.40 -37.02
C PRO D 42 -2.56 29.92 -37.93
N THR D 43 -3.13 28.77 -37.59
CA THR D 43 -4.23 28.20 -38.37
C THR D 43 -5.47 27.87 -37.52
N LEU D 44 -6.65 28.14 -38.07
CA LEU D 44 -7.92 27.89 -37.42
C LEU D 44 -8.79 26.92 -38.21
N GLU D 45 -9.52 26.08 -37.50
CA GLU D 45 -10.35 25.06 -38.13
C GLU D 45 -11.54 24.74 -37.23
N SER D 46 -12.73 25.02 -37.73
CA SER D 46 -13.94 24.80 -36.94
C SER D 46 -14.03 23.35 -36.51
N TYR D 47 -14.58 23.13 -35.31
CA TYR D 47 -14.65 21.80 -34.73
C TYR D 47 -16.01 21.61 -34.10
N ASP D 48 -16.77 20.64 -34.58
CA ASP D 48 -18.12 20.43 -34.07
C ASP D 48 -18.09 19.84 -32.67
N TYR D 49 -18.86 20.44 -31.77
CA TYR D 49 -18.96 20.00 -30.39
C TYR D 49 -20.36 20.30 -29.96
N PRO D 50 -20.98 19.39 -29.20
CA PRO D 50 -22.37 19.55 -28.82
C PRO D 50 -22.61 20.63 -27.79
N VAL D 51 -22.59 21.89 -28.22
CA VAL D 51 -22.88 23.00 -27.33
C VAL D 51 -23.63 24.09 -28.06
N LYS D 52 -24.26 24.98 -27.29
CA LYS D 52 -24.97 26.12 -27.86
C LYS D 52 -24.47 27.41 -27.24
N GLY D 53 -24.18 28.39 -28.08
CA GLY D 53 -23.70 29.67 -27.59
C GLY D 53 -22.21 29.76 -27.69
N VAL D 54 -21.60 28.74 -28.29
CA VAL D 54 -20.15 28.68 -28.42
C VAL D 54 -19.73 28.11 -29.75
N LYS D 55 -18.65 28.64 -30.30
CA LYS D 55 -18.00 28.06 -31.46
C LYS D 55 -16.65 27.50 -31.05
N VAL D 56 -16.37 26.27 -31.47
CA VAL D 56 -15.12 25.62 -31.12
C VAL D 56 -14.21 25.47 -32.33
N TYR D 57 -12.91 25.70 -32.14
CA TYR D 57 -11.94 25.62 -33.22
C TYR D 57 -10.71 24.84 -32.79
N ARG D 58 -9.97 24.37 -33.78
CA ARG D 58 -8.65 23.82 -33.55
C ARG D 58 -7.65 24.89 -33.95
N LEU D 59 -6.87 25.37 -32.99
CA LEU D 59 -5.89 26.42 -33.25
C LEU D 59 -4.49 25.85 -33.40
N THR D 60 -3.78 26.32 -34.41
CA THR D 60 -2.42 25.88 -34.68
C THR D 60 -1.51 27.07 -34.91
N TYR D 61 -0.27 26.97 -34.44
CA TYR D 61 0.72 27.99 -34.75
C TYR D 61 2.11 27.45 -34.54
N GLN D 62 3.13 28.16 -34.99
CA GLN D 62 4.48 27.71 -34.85
C GLN D 62 5.27 28.50 -33.83
N SER D 63 6.23 27.84 -33.19
CA SER D 63 6.92 28.45 -32.11
C SER D 63 8.30 27.93 -32.04
N PHE D 64 9.04 28.35 -31.04
CA PHE D 64 10.38 27.92 -30.85
C PHE D 64 10.65 26.60 -31.57
N GLY D 65 11.82 26.48 -32.14
CA GLY D 65 12.25 25.30 -32.85
C GLY D 65 11.46 24.89 -34.04
N HIS D 66 10.46 25.66 -34.41
CA HIS D 66 9.65 25.33 -35.54
C HIS D 66 8.70 24.23 -35.19
N SER D 67 8.16 24.28 -34.00
CA SER D 67 7.24 23.27 -33.53
C SER D 67 5.84 23.72 -33.69
N LYS D 68 4.97 22.86 -34.19
CA LYS D 68 3.59 23.23 -34.32
C LYS D 68 2.84 22.96 -33.05
N ILE D 69 2.41 24.04 -32.43
CA ILE D 69 1.64 23.98 -31.20
C ILE D 69 0.17 24.04 -31.51
N GLU D 70 -0.64 23.23 -30.83
CA GLU D 70 -2.06 23.19 -31.08
C GLU D 70 -2.88 23.36 -29.81
N GLY D 71 -4.18 23.16 -29.90
CA GLY D 71 -5.05 23.28 -28.75
C GLY D 71 -6.41 23.75 -29.19
N PHE D 72 -7.44 23.38 -28.45
CA PHE D 72 -8.77 23.82 -28.81
C PHE D 72 -8.99 25.28 -28.44
N TYR D 73 -9.72 25.99 -29.30
CA TYR D 73 -10.01 27.39 -29.09
C TYR D 73 -11.52 27.60 -29.15
N ALA D 74 -12.12 27.92 -28.01
CA ALA D 74 -13.56 28.09 -27.93
C ALA D 74 -13.93 29.55 -27.76
N VAL D 75 -14.86 30.03 -28.57
CA VAL D 75 -15.28 31.42 -28.54
C VAL D 75 -16.77 31.55 -28.28
N PRO D 76 -17.15 32.50 -27.40
CA PRO D 76 -18.55 32.78 -27.16
C PRO D 76 -19.24 33.13 -28.47
N ASP D 77 -20.36 32.49 -28.77
CA ASP D 77 -21.10 32.79 -30.00
C ASP D 77 -21.94 34.02 -29.87
N GLN D 78 -21.27 35.14 -29.71
CA GLN D 78 -21.91 36.41 -29.58
C GLN D 78 -20.91 37.40 -30.10
N THR D 79 -21.41 38.48 -30.67
CA THR D 79 -20.52 39.52 -31.15
C THR D 79 -19.52 40.02 -30.13
N GLY D 80 -18.31 40.20 -30.60
CA GLY D 80 -17.22 40.56 -29.76
C GLY D 80 -17.20 42.02 -29.60
N PRO D 81 -16.06 42.54 -29.19
CA PRO D 81 -14.92 41.70 -28.93
C PRO D 81 -15.04 41.03 -27.58
N HIS D 82 -14.25 40.02 -27.31
CA HIS D 82 -14.41 39.29 -26.07
C HIS D 82 -13.17 39.34 -25.21
N PRO D 83 -13.30 39.17 -23.90
CA PRO D 83 -12.13 38.94 -23.06
C PRO D 83 -11.61 37.54 -23.37
N ALA D 84 -10.31 37.33 -23.18
CA ALA D 84 -9.70 36.06 -23.55
C ALA D 84 -8.90 35.42 -22.43
N LEU D 85 -8.86 34.08 -22.44
CA LEU D 85 -8.06 33.32 -21.49
C LEU D 85 -7.18 32.32 -22.20
N VAL D 86 -5.92 32.25 -21.80
CA VAL D 86 -5.02 31.20 -22.28
C VAL D 86 -4.81 30.23 -21.13
N ARG D 87 -5.40 29.04 -21.26
CA ARG D 87 -5.41 28.06 -20.18
C ARG D 87 -4.32 27.02 -20.36
N PHE D 88 -3.60 26.74 -19.28
CA PHE D 88 -2.53 25.74 -19.33
C PHE D 88 -2.85 24.53 -18.46
N HIS D 89 -2.69 23.34 -19.01
CA HIS D 89 -3.05 22.11 -18.32
C HIS D 89 -1.92 21.61 -17.41
N GLY D 90 -2.25 20.61 -16.58
CA GLY D 90 -1.30 20.08 -15.62
C GLY D 90 -0.34 19.07 -16.20
N TYR D 91 0.69 18.74 -15.43
CA TYR D 91 1.73 17.83 -15.86
C TYR D 91 1.17 16.44 -16.14
N ASN D 92 1.25 16.01 -17.39
CA ASN D 92 0.77 14.69 -17.78
C ASN D 92 -0.71 14.52 -17.49
N ALA D 93 -1.42 15.64 -17.35
CA ALA D 93 -2.83 15.60 -16.97
C ALA D 93 -3.75 16.21 -18.03
N SER D 94 -3.39 16.06 -19.31
CA SER D 94 -4.24 16.53 -20.39
C SER D 94 -5.05 15.38 -20.99
N TYR D 95 -6.35 15.35 -20.71
CA TYR D 95 -7.23 14.30 -21.24
C TYR D 95 -8.12 14.85 -22.34
N ASP D 96 -8.02 14.26 -23.52
CA ASP D 96 -8.76 14.74 -24.68
C ASP D 96 -8.61 16.25 -24.85
N ASP D 97 -7.39 16.74 -24.63
CA ASP D 97 -7.09 18.14 -24.85
C ASP D 97 -7.92 19.04 -23.96
N GLY D 98 -8.46 18.48 -22.88
CA GLY D 98 -9.29 19.25 -21.96
C GLY D 98 -10.29 20.13 -22.69
N ILE D 99 -10.95 19.55 -23.69
CA ILE D 99 -11.90 20.29 -24.50
C ILE D 99 -13.12 20.74 -23.71
N HIS D 100 -13.58 19.90 -22.79
CA HIS D 100 -14.77 20.20 -22.02
C HIS D 100 -14.58 21.43 -21.13
N ASP D 101 -13.42 21.54 -20.52
CA ASP D 101 -13.11 22.69 -19.68
C ASP D 101 -13.02 23.95 -20.52
N ILE D 102 -12.40 23.83 -21.67
CA ILE D 102 -12.25 24.97 -22.57
C ILE D 102 -13.61 25.51 -23.00
N VAL D 103 -14.49 24.62 -23.44
CA VAL D 103 -15.83 25.01 -23.83
C VAL D 103 -16.55 25.71 -22.68
N ASN D 104 -16.42 25.15 -21.48
CA ASN D 104 -17.06 25.74 -20.30
C ASN D 104 -16.57 27.15 -20.01
N TRP D 105 -15.27 27.38 -20.20
CA TRP D 105 -14.71 28.71 -20.03
C TRP D 105 -15.33 29.69 -21.02
N ALA D 106 -15.51 29.24 -22.25
CA ALA D 106 -16.14 30.05 -23.27
C ALA D 106 -17.59 30.38 -22.88
N LEU D 107 -18.27 29.40 -22.28
CA LEU D 107 -19.64 29.61 -21.84
C LEU D 107 -19.70 30.65 -20.73
N HIS D 108 -18.57 30.89 -20.07
CA HIS D 108 -18.50 31.91 -19.04
C HIS D 108 -18.23 33.29 -19.62
N GLY D 109 -18.10 33.36 -20.94
CA GLY D 109 -17.91 34.63 -21.63
C GLY D 109 -16.48 34.91 -22.05
N TYR D 110 -15.64 33.90 -21.98
CA TYR D 110 -14.22 34.07 -22.33
C TYR D 110 -13.84 33.33 -23.60
N ALA D 111 -13.30 34.05 -24.57
CA ALA D 111 -12.67 33.42 -25.72
C ALA D 111 -11.39 32.79 -25.21
N THR D 112 -11.40 31.48 -25.02
CA THR D 112 -10.32 30.81 -24.31
C THR D 112 -9.62 29.72 -25.12
N PHE D 113 -8.29 29.71 -25.01
CA PHE D 113 -7.47 28.76 -25.76
C PHE D 113 -6.68 27.87 -24.79
N GLY D 114 -6.87 26.56 -24.92
CA GLY D 114 -6.16 25.60 -24.09
C GLY D 114 -4.92 25.09 -24.79
N MSE D 115 -3.79 25.74 -24.57
CA MSE D 115 -2.54 25.33 -25.20
C MSE D 115 -2.08 23.97 -24.70
O MSE D 115 -1.99 23.75 -23.49
CB MSE D 115 -1.44 26.36 -24.96
CG MSE D 115 -0.20 26.10 -25.79
SE MSE D 115 1.42 26.92 -25.10
CE MSE D 115 1.75 25.76 -23.58
N LEU D 116 -1.81 23.06 -25.62
CA LEU D 116 -1.31 21.74 -25.26
C LEU D 116 0.21 21.79 -25.14
N VAL D 117 0.74 21.31 -24.03
CA VAL D 117 2.17 21.39 -23.77
C VAL D 117 2.94 20.39 -24.62
N ARG D 118 3.85 20.93 -25.41
CA ARG D 118 4.58 20.18 -26.42
C ARG D 118 5.17 18.89 -25.90
N GLY D 119 4.78 17.78 -26.51
CA GLY D 119 5.33 16.50 -26.14
C GLY D 119 4.43 15.71 -25.23
N GLN D 120 3.68 16.38 -24.37
CA GLN D 120 2.79 15.67 -23.49
C GLN D 120 1.33 15.91 -23.80
N GLY D 121 0.94 17.17 -23.80
CA GLY D 121 -0.45 17.51 -23.98
C GLY D 121 -1.05 17.13 -25.32
N GLY D 122 -0.40 17.51 -26.41
CA GLY D 122 -0.93 17.26 -27.72
C GLY D 122 -0.31 18.15 -28.77
N SER D 123 0.89 18.62 -28.47
CA SER D 123 1.62 19.46 -29.40
C SER D 123 2.90 18.79 -29.78
N GLU D 124 3.67 19.45 -30.60
CA GLU D 124 4.91 18.91 -31.13
C GLU D 124 6.14 19.47 -30.41
N ASP D 125 7.00 18.59 -29.92
CA ASP D 125 8.28 19.02 -29.35
C ASP D 125 9.40 18.72 -30.32
N THR D 126 9.98 19.77 -30.88
CA THR D 126 10.94 19.65 -31.95
C THR D 126 12.37 19.54 -31.43
N SER D 127 12.54 19.80 -30.14
CA SER D 127 13.88 19.84 -29.55
C SER D 127 14.49 18.46 -29.36
N VAL D 128 15.74 18.32 -29.78
CA VAL D 128 16.50 17.09 -29.59
C VAL D 128 16.62 16.73 -28.12
N THR D 129 16.82 15.44 -27.84
CA THR D 129 17.11 14.98 -26.49
C THR D 129 18.61 14.74 -26.36
N PRO D 130 19.31 15.70 -25.73
CA PRO D 130 20.76 15.71 -25.64
C PRO D 130 21.37 14.40 -25.14
N GLY D 131 20.87 13.92 -24.01
CA GLY D 131 21.37 12.67 -23.43
C GLY D 131 20.31 11.98 -22.60
N GLY D 132 20.75 11.03 -21.78
CA GLY D 132 19.83 10.30 -20.91
C GLY D 132 19.09 11.23 -19.97
N HIS D 133 17.99 10.75 -19.41
CA HIS D 133 17.25 11.48 -18.39
C HIS D 133 16.26 10.55 -17.71
N ALA D 134 15.74 10.97 -16.55
CA ALA D 134 14.79 10.16 -15.82
C ALA D 134 13.45 10.08 -16.55
N LEU D 135 12.71 9.00 -16.30
CA LEU D 135 11.39 8.82 -16.89
C LEU D 135 10.53 10.06 -16.64
N GLY D 136 10.08 10.69 -17.72
CA GLY D 136 9.29 11.91 -17.61
C GLY D 136 9.90 13.05 -18.40
N TRP D 137 9.32 14.24 -18.27
CA TRP D 137 9.81 15.41 -18.99
C TRP D 137 10.73 16.26 -18.12
N MSE D 138 10.61 16.11 -16.81
CA MSE D 138 11.28 16.99 -15.87
C MSE D 138 12.77 17.18 -16.13
O MSE D 138 13.29 18.28 -15.97
CB MSE D 138 11.07 16.50 -14.43
CG MSE D 138 9.64 16.66 -13.95
SE MSE D 138 9.05 18.50 -14.15
CE MSE D 138 10.36 19.38 -13.01
N THR D 139 13.46 16.12 -16.53
CA THR D 139 14.91 16.17 -16.64
C THR D 139 15.42 16.12 -18.08
N LYS D 140 14.51 16.23 -19.04
CA LYS D 140 14.87 16.22 -20.45
C LYS D 140 15.66 17.48 -20.82
N GLY D 141 16.89 17.29 -21.28
CA GLY D 141 17.77 18.41 -21.63
C GLY D 141 18.22 19.19 -20.41
N ILE D 142 18.24 18.53 -19.26
CA ILE D 142 18.51 19.17 -17.98
C ILE D 142 19.93 19.73 -17.86
N LEU D 143 20.84 19.23 -18.68
CA LEU D 143 22.25 19.60 -18.57
C LEU D 143 22.59 20.95 -19.23
N SER D 144 21.58 21.64 -19.74
CA SER D 144 21.80 22.95 -20.34
C SER D 144 20.50 23.72 -20.48
N LYS D 145 20.52 24.99 -20.08
CA LYS D 145 19.32 25.82 -20.17
C LYS D 145 18.90 26.07 -21.61
N ASP D 146 19.82 25.87 -22.55
CA ASP D 146 19.49 26.00 -23.97
C ASP D 146 18.66 24.82 -24.45
N THR D 147 18.91 23.65 -23.87
CA THR D 147 18.27 22.43 -24.32
C THR D 147 17.13 21.99 -23.40
N TYR D 148 16.95 22.69 -22.28
CA TYR D 148 15.97 22.25 -21.30
C TYR D 148 14.53 22.24 -21.82
N TYR D 149 13.79 21.21 -21.43
CA TYR D 149 12.43 21.00 -21.91
C TYR D 149 11.53 22.22 -21.78
N TYR D 150 11.55 22.86 -20.61
CA TYR D 150 10.61 23.96 -20.35
C TYR D 150 10.98 25.27 -21.04
N ARG D 151 12.16 25.33 -21.63
CA ARG D 151 12.52 26.49 -22.43
C ARG D 151 11.52 26.64 -23.57
N GLY D 152 11.41 25.59 -24.37
CA GLY D 152 10.47 25.58 -25.48
C GLY D 152 9.04 25.83 -25.04
N VAL D 153 8.61 25.12 -24.00
CA VAL D 153 7.23 25.25 -23.53
C VAL D 153 6.93 26.67 -23.03
N TYR D 154 7.83 27.24 -22.24
CA TYR D 154 7.68 28.62 -21.80
C TYR D 154 7.47 29.55 -22.98
N LEU D 155 8.31 29.41 -24.01
CA LEU D 155 8.22 30.24 -25.19
C LEU D 155 6.90 30.01 -25.93
N ASP D 156 6.42 28.78 -25.94
CA ASP D 156 5.15 28.45 -26.56
C ASP D 156 4.02 29.24 -25.89
N ALA D 157 4.13 29.40 -24.58
CA ALA D 157 3.14 30.13 -23.82
C ALA D 157 3.12 31.59 -24.25
N VAL D 158 4.30 32.18 -24.37
CA VAL D 158 4.39 33.57 -24.81
C VAL D 158 3.74 33.75 -26.17
N ARG D 159 4.07 32.86 -27.10
CA ARG D 159 3.49 32.97 -28.44
C ARG D 159 1.97 32.78 -28.42
N ALA D 160 1.50 31.83 -27.62
CA ALA D 160 0.07 31.63 -27.46
C ALA D 160 -0.61 32.99 -27.27
N LEU D 161 -0.05 33.80 -26.37
CA LEU D 161 -0.60 35.12 -26.08
C LEU D 161 -0.49 36.03 -27.30
N GLU D 162 0.62 35.93 -28.01
CA GLU D 162 0.85 36.76 -29.19
C GLU D 162 -0.17 36.44 -30.28
N VAL D 163 -0.49 35.16 -30.44
CA VAL D 163 -1.43 34.73 -31.46
C VAL D 163 -2.88 35.12 -31.15
N ILE D 164 -3.36 34.75 -29.97
CA ILE D 164 -4.74 35.05 -29.59
C ILE D 164 -4.97 36.54 -29.39
N GLN D 165 -3.89 37.29 -29.23
CA GLN D 165 -4.00 38.73 -29.04
C GLN D 165 -4.27 39.43 -30.37
N SER D 166 -3.90 38.76 -31.45
CA SER D 166 -4.06 39.33 -32.78
C SER D 166 -5.44 39.05 -33.36
N PHE D 167 -6.22 38.20 -32.69
CA PHE D 167 -7.55 37.88 -33.18
C PHE D 167 -8.49 39.07 -33.03
N PRO D 168 -9.22 39.39 -34.10
CA PRO D 168 -10.16 40.52 -34.10
C PRO D 168 -11.24 40.39 -33.05
N GLU D 169 -11.66 39.16 -32.73
CA GLU D 169 -12.73 38.95 -31.76
C GLU D 169 -12.22 39.07 -30.32
N VAL D 170 -10.90 39.12 -30.17
CA VAL D 170 -10.28 39.18 -28.86
C VAL D 170 -9.88 40.60 -28.49
N ASP D 171 -10.28 41.03 -27.29
CA ASP D 171 -9.87 42.33 -26.77
C ASP D 171 -8.48 42.22 -26.14
N GLU D 172 -7.47 42.65 -26.86
CA GLU D 172 -6.08 42.47 -26.42
C GLU D 172 -5.80 43.03 -25.02
N HIS D 173 -6.63 43.97 -24.58
CA HIS D 173 -6.42 44.59 -23.27
C HIS D 173 -7.01 43.76 -22.14
N ARG D 174 -7.80 42.76 -22.49
CA ARG D 174 -8.49 41.95 -21.49
C ARG D 174 -8.19 40.47 -21.62
N ILE D 175 -6.90 40.14 -21.63
CA ILE D 175 -6.46 38.76 -21.73
C ILE D 175 -5.93 38.26 -20.40
N GLY D 176 -6.47 37.13 -19.94
CA GLY D 176 -6.04 36.53 -18.69
C GLY D 176 -5.30 35.23 -18.93
N VAL D 177 -4.40 34.89 -18.02
CA VAL D 177 -3.64 33.65 -18.12
C VAL D 177 -3.87 32.81 -16.86
N ILE D 178 -4.35 31.58 -17.04
CA ILE D 178 -4.70 30.73 -15.91
C ILE D 178 -4.22 29.30 -16.07
N GLY D 179 -4.16 28.57 -14.94
CA GLY D 179 -3.75 27.18 -14.93
C GLY D 179 -3.48 26.67 -13.53
N GLY D 180 -3.48 25.35 -13.38
CA GLY D 180 -3.18 24.71 -12.11
C GLY D 180 -1.90 23.89 -12.18
N SER D 181 -1.21 23.78 -11.05
CA SER D 181 0.06 23.05 -11.00
C SER D 181 0.99 23.50 -12.12
N GLN D 182 1.28 22.61 -13.06
CA GLN D 182 2.11 22.98 -14.21
C GLN D 182 1.49 24.17 -14.94
N GLY D 183 0.16 24.16 -15.06
CA GLY D 183 -0.57 25.24 -15.70
C GLY D 183 -0.32 26.57 -15.02
N GLY D 184 -0.33 26.55 -13.68
CA GLY D 184 -0.10 27.76 -12.90
C GLY D 184 1.29 28.31 -13.11
N ALA D 185 2.27 27.41 -13.20
CA ALA D 185 3.65 27.82 -13.46
C ALA D 185 3.75 28.49 -14.82
N LEU D 186 3.14 27.88 -15.83
CA LEU D 186 3.14 28.46 -17.17
C LEU D 186 2.42 29.80 -17.18
N ALA D 187 1.34 29.89 -16.41
CA ALA D 187 0.61 31.15 -16.30
C ALA D 187 1.53 32.25 -15.78
N ILE D 188 2.22 31.97 -14.68
CA ILE D 188 3.14 32.92 -14.08
C ILE D 188 4.33 33.23 -15.00
N ALA D 189 4.96 32.18 -15.52
CA ALA D 189 6.08 32.35 -16.43
C ALA D 189 5.68 33.23 -17.62
N ALA D 190 4.57 32.91 -18.24
CA ALA D 190 4.07 33.69 -19.37
C ALA D 190 3.91 35.15 -18.99
N ALA D 191 3.22 35.40 -17.88
CA ALA D 191 3.01 36.76 -17.40
C ALA D 191 4.34 37.46 -17.14
N ALA D 192 5.32 36.70 -16.66
CA ALA D 192 6.63 37.27 -16.35
C ALA D 192 7.41 37.63 -17.62
N LEU D 193 7.18 36.89 -18.69
CA LEU D 193 7.93 37.09 -19.93
C LEU D 193 7.18 37.94 -20.95
N SER D 194 5.90 38.19 -20.69
CA SER D 194 5.07 38.95 -21.62
C SER D 194 4.16 39.96 -20.91
N ASP D 195 3.96 41.11 -21.53
CA ASP D 195 3.10 42.14 -20.97
C ASP D 195 1.68 42.01 -21.49
N ILE D 196 1.45 41.02 -22.34
CA ILE D 196 0.15 40.82 -22.96
C ILE D 196 -0.94 40.53 -21.92
N PRO D 197 -0.70 39.52 -21.07
CA PRO D 197 -1.72 39.15 -20.08
C PRO D 197 -1.98 40.28 -19.08
N LYS D 198 -3.25 40.54 -18.81
CA LYS D 198 -3.62 41.57 -17.85
C LYS D 198 -3.71 40.99 -16.44
N VAL D 199 -3.97 39.70 -16.37
CA VAL D 199 -4.22 39.04 -15.08
C VAL D 199 -3.69 37.62 -15.03
N VAL D 200 -3.39 37.15 -13.82
CA VAL D 200 -2.83 35.81 -13.62
C VAL D 200 -3.54 35.05 -12.51
N VAL D 201 -3.92 33.81 -12.79
CA VAL D 201 -4.52 32.95 -11.79
C VAL D 201 -3.92 31.57 -11.81
N ALA D 202 -3.14 31.25 -10.80
CA ALA D 202 -2.47 29.96 -10.74
C ALA D 202 -2.69 29.12 -9.50
N ASP D 203 -3.32 27.96 -9.64
CA ASP D 203 -3.47 27.02 -8.56
C ASP D 203 -2.22 26.27 -8.24
N TYR D 204 -1.86 26.19 -6.98
CA TYR D 204 -0.71 25.43 -6.55
C TYR D 204 0.26 25.30 -7.71
N PRO D 205 1.05 26.31 -7.94
CA PRO D 205 1.93 26.36 -9.09
C PRO D 205 3.05 25.42 -8.99
N TYR D 206 3.49 24.88 -10.10
CA TYR D 206 4.55 23.91 -10.17
C TYR D 206 5.86 24.60 -10.51
N LEU D 207 6.90 23.82 -10.74
CA LEU D 207 8.21 24.34 -11.10
C LEU D 207 8.64 25.52 -10.24
N SER D 208 8.65 25.34 -8.94
CA SER D 208 8.99 26.43 -8.03
C SER D 208 9.88 25.98 -6.88
N ASN D 209 10.97 26.73 -6.66
CA ASN D 209 11.89 26.44 -5.56
C ASN D 209 12.44 25.02 -5.66
N PHE D 210 12.99 24.70 -6.83
CA PHE D 210 13.49 23.35 -7.11
C PHE D 210 14.37 22.76 -6.02
N GLU D 211 15.31 23.57 -5.51
CA GLU D 211 16.29 23.07 -4.55
C GLU D 211 15.66 22.62 -3.24
N ARG D 212 14.47 23.12 -2.93
CA ARG D 212 13.75 22.64 -1.76
C ARG D 212 12.73 21.57 -2.12
N ALA D 213 12.05 21.76 -3.24
CA ALA D 213 11.03 20.81 -3.71
C ALA D 213 11.58 19.39 -3.66
N VAL D 214 12.83 19.24 -4.08
CA VAL D 214 13.48 17.93 -4.14
C VAL D 214 13.70 17.30 -2.75
N ASP D 215 13.55 18.10 -1.71
CA ASP D 215 13.78 17.63 -0.34
C ASP D 215 12.49 17.43 0.43
N VAL D 216 11.39 17.96 -0.09
CA VAL D 216 10.13 17.95 0.64
C VAL D 216 9.02 17.20 -0.10
N ALA D 217 9.16 17.09 -1.43
CA ALA D 217 8.17 16.39 -2.23
C ALA D 217 8.11 14.92 -1.86
N LEU D 218 6.90 14.43 -1.59
CA LEU D 218 6.71 13.02 -1.26
C LEU D 218 6.04 12.29 -2.40
N GLU D 219 5.92 12.95 -3.53
CA GLU D 219 5.16 12.44 -4.61
C GLU D 219 5.73 13.00 -5.88
N GLN D 220 5.45 12.36 -6.99
CA GLN D 220 5.90 12.80 -8.28
C GLN D 220 5.24 14.10 -8.57
N PRO D 221 5.81 14.89 -9.47
CA PRO D 221 7.03 14.51 -10.19
C PRO D 221 8.31 15.24 -9.80
N TYR D 222 8.27 16.08 -8.77
CA TYR D 222 9.48 16.77 -8.37
C TYR D 222 10.52 15.69 -8.09
N LEU D 223 10.05 14.45 -7.98
CA LEU D 223 10.92 13.31 -7.70
C LEU D 223 11.66 12.78 -8.93
N GLU D 224 11.33 13.30 -10.11
CA GLU D 224 12.01 12.85 -11.29
C GLU D 224 13.40 13.37 -11.27
N ILE D 225 13.59 14.51 -10.68
CA ILE D 225 14.92 15.08 -10.49
C ILE D 225 15.77 14.18 -9.60
N ASN D 226 15.23 13.83 -8.43
CA ASN D 226 15.92 12.90 -7.54
C ASN D 226 16.28 11.63 -8.30
N SER D 227 15.29 11.12 -9.03
CA SER D 227 15.46 9.89 -9.78
C SER D 227 16.59 10.02 -10.79
N TYR D 228 16.69 11.20 -11.39
CA TYR D 228 17.73 11.49 -12.38
C TYR D 228 19.11 11.46 -11.75
N PHE D 229 19.23 11.97 -10.52
CA PHE D 229 20.51 11.99 -9.83
C PHE D 229 20.94 10.60 -9.36
N ARG D 230 19.97 9.73 -9.10
CA ARG D 230 20.28 8.36 -8.71
C ARG D 230 20.95 7.62 -9.86
N ARG D 231 20.57 7.98 -11.09
CA ARG D 231 21.08 7.33 -12.28
C ARG D 231 22.40 7.97 -12.75
N ASN D 232 22.59 9.23 -12.37
CA ASN D 232 23.80 9.96 -12.71
C ASN D 232 24.43 10.55 -11.46
N SER D 233 25.31 9.78 -10.83
CA SER D 233 25.86 10.14 -9.53
C SER D 233 26.91 11.25 -9.60
N ASP D 234 27.42 11.53 -10.80
CA ASP D 234 28.43 12.57 -10.97
C ASP D 234 27.99 13.86 -10.26
N PRO D 235 28.79 14.33 -9.30
CA PRO D 235 28.49 15.54 -8.54
C PRO D 235 28.38 16.78 -9.42
N GLU D 236 29.14 16.81 -10.51
CA GLU D 236 29.04 17.90 -11.48
C GLU D 236 27.64 17.93 -12.09
N VAL D 237 27.09 16.75 -12.38
CA VAL D 237 25.78 16.65 -12.99
C VAL D 237 24.73 17.37 -12.16
N GLU D 238 24.76 17.16 -10.85
CA GLU D 238 23.80 17.78 -9.95
C GLU D 238 23.92 19.31 -9.97
N GLU D 239 25.15 19.80 -9.88
CA GLU D 239 25.36 21.23 -9.97
C GLU D 239 24.79 21.78 -11.28
N LYS D 240 25.22 21.22 -12.41
CA LYS D 240 24.73 21.71 -13.70
C LYS D 240 23.20 21.68 -13.77
N ALA D 241 22.61 20.60 -13.27
CA ALA D 241 21.17 20.43 -13.29
C ALA D 241 20.44 21.56 -12.56
N PHE D 242 20.84 21.81 -11.32
CA PHE D 242 20.24 22.89 -10.54
C PHE D 242 20.53 24.25 -11.14
N GLU D 243 21.66 24.35 -11.84
CA GLU D 243 22.00 25.58 -12.52
C GLU D 243 20.98 25.88 -13.62
N THR D 244 20.73 24.90 -14.48
CA THR D 244 19.82 25.12 -15.60
C THR D 244 18.39 25.29 -15.09
N LEU D 245 18.08 24.63 -13.98
CA LEU D 245 16.74 24.70 -13.40
C LEU D 245 16.40 26.11 -12.87
N SER D 246 17.42 26.84 -12.44
CA SER D 246 17.20 28.17 -11.88
C SER D 246 16.66 29.15 -12.93
N TYR D 247 16.91 28.86 -14.20
CA TYR D 247 16.46 29.74 -15.27
C TYR D 247 14.95 29.63 -15.48
N PHE D 248 14.33 28.64 -14.86
CA PHE D 248 12.91 28.38 -15.07
C PHE D 248 12.15 28.37 -13.74
N ASP D 249 12.88 28.53 -12.65
CA ASP D 249 12.28 28.51 -11.33
C ASP D 249 11.42 29.76 -11.10
N LEU D 250 10.19 29.55 -10.64
CA LEU D 250 9.27 30.64 -10.43
C LEU D 250 9.81 31.71 -9.48
N ILE D 251 10.60 31.30 -8.50
CA ILE D 251 11.13 32.26 -7.53
C ILE D 251 12.03 33.29 -8.21
N ASN D 252 12.55 32.92 -9.37
CA ASN D 252 13.41 33.83 -10.13
C ASN D 252 12.63 34.64 -11.17
N LEU D 253 11.49 34.09 -11.59
CA LEU D 253 10.64 34.76 -12.57
C LEU D 253 9.59 35.66 -11.92
N ALA D 254 9.15 35.28 -10.73
CA ALA D 254 8.11 36.02 -10.03
C ALA D 254 8.40 37.53 -9.99
N GLY D 255 9.68 37.88 -9.94
CA GLY D 255 10.10 39.27 -9.86
C GLY D 255 9.64 40.11 -11.04
N TRP D 256 9.39 39.46 -12.18
CA TRP D 256 9.00 40.17 -13.40
C TRP D 256 7.50 40.31 -13.58
N VAL D 257 6.72 39.64 -12.74
CA VAL D 257 5.26 39.69 -12.88
C VAL D 257 4.68 40.99 -12.34
N LYS D 258 4.04 41.73 -13.24
CA LYS D 258 3.47 43.03 -12.91
C LYS D 258 1.95 43.04 -13.07
N GLN D 259 1.38 41.87 -13.33
CA GLN D 259 -0.08 41.73 -13.42
C GLN D 259 -0.64 41.36 -12.06
N PRO D 260 -1.88 41.81 -11.77
CA PRO D 260 -2.56 41.32 -10.58
C PRO D 260 -2.69 39.81 -10.67
N THR D 261 -2.24 39.11 -9.63
CA THR D 261 -2.24 37.65 -9.65
C THR D 261 -2.83 37.01 -8.40
N LEU D 262 -3.62 35.96 -8.63
CA LEU D 262 -4.29 35.25 -7.54
C LEU D 262 -3.80 33.80 -7.48
N MSE D 263 -3.44 33.35 -6.29
CA MSE D 263 -2.91 32.00 -6.11
C MSE D 263 -3.67 31.20 -5.06
O MSE D 263 -4.33 31.77 -4.18
CB MSE D 263 -1.44 32.03 -5.72
CG MSE D 263 -0.53 32.63 -6.75
SE MSE D 263 1.33 32.27 -6.32
CE MSE D 263 2.14 33.13 -7.88
N ALA D 264 -3.55 29.88 -5.14
CA ALA D 264 -4.15 28.98 -4.16
C ALA D 264 -3.13 27.93 -3.74
N ILE D 265 -3.31 27.40 -2.53
CA ILE D 265 -2.47 26.31 -2.04
C ILE D 265 -3.14 25.55 -0.91
N GLY D 266 -3.13 24.22 -1.01
CA GLY D 266 -3.66 23.36 0.04
C GLY D 266 -2.55 22.93 0.98
N LEU D 267 -2.79 23.05 2.28
CA LEU D 267 -1.74 22.82 3.28
C LEU D 267 -1.32 21.36 3.42
N ILE D 268 -2.06 20.43 2.80
CA ILE D 268 -1.65 19.03 2.81
C ILE D 268 -1.23 18.55 1.43
N ASP D 269 -0.93 19.50 0.55
CA ASP D 269 -0.46 19.17 -0.80
C ASP D 269 0.93 18.53 -0.74
N GLN D 270 1.04 17.31 -1.26
CA GLN D 270 2.30 16.58 -1.24
C GLN D 270 2.99 16.52 -2.59
N VAL D 271 2.26 16.90 -3.64
CA VAL D 271 2.82 16.96 -4.99
C VAL D 271 3.56 18.28 -5.14
N THR D 272 2.88 19.36 -4.77
CA THR D 272 3.41 20.69 -4.90
C THR D 272 3.43 21.34 -3.51
N PRO D 273 4.46 21.02 -2.72
CA PRO D 273 4.55 21.37 -1.30
C PRO D 273 4.31 22.85 -1.03
N PRO D 274 3.51 23.15 0.02
CA PRO D 274 3.13 24.50 0.38
C PRO D 274 4.32 25.46 0.37
N SER D 275 5.43 25.03 0.96
CA SER D 275 6.62 25.89 1.04
C SER D 275 7.03 26.40 -0.34
N THR D 276 7.09 25.50 -1.32
CA THR D 276 7.51 25.87 -2.67
C THR D 276 6.56 26.89 -3.28
N VAL D 277 5.28 26.80 -2.92
CA VAL D 277 4.28 27.73 -3.44
C VAL D 277 4.36 29.09 -2.75
N PHE D 278 4.53 29.06 -1.42
CA PHE D 278 4.74 30.30 -0.68
C PHE D 278 5.98 31.03 -1.19
N ALA D 279 7.05 30.28 -1.41
CA ALA D 279 8.28 30.84 -1.94
C ALA D 279 7.99 31.67 -3.18
N ALA D 280 7.27 31.06 -4.14
CA ALA D 280 6.89 31.76 -5.36
C ALA D 280 6.10 33.03 -5.03
N TYR D 281 5.07 32.87 -4.21
CA TYR D 281 4.20 33.98 -3.84
C TYR D 281 4.96 35.13 -3.18
N ASN D 282 5.90 34.80 -2.30
CA ASN D 282 6.65 35.82 -1.57
C ASN D 282 7.70 36.52 -2.42
N HIS D 283 7.90 36.04 -3.64
CA HIS D 283 8.82 36.68 -4.58
C HIS D 283 8.08 37.53 -5.60
N LEU D 284 6.76 37.45 -5.58
CA LEU D 284 5.96 38.28 -6.45
C LEU D 284 5.98 39.66 -5.85
N GLU D 285 6.10 40.69 -6.67
CA GLU D 285 6.07 42.05 -6.16
C GLU D 285 5.07 42.79 -7.02
N THR D 286 3.81 42.44 -6.84
CA THR D 286 2.71 43.04 -7.55
C THR D 286 1.43 42.88 -6.74
N ASP D 287 0.30 43.08 -7.38
CA ASP D 287 -0.98 42.96 -6.71
C ASP D 287 -1.35 41.50 -6.54
N LYS D 288 -0.80 40.86 -5.52
CA LYS D 288 -0.95 39.43 -5.34
C LYS D 288 -1.88 39.07 -4.19
N GLU D 289 -2.41 37.85 -4.24
CA GLU D 289 -3.19 37.29 -3.15
C GLU D 289 -3.06 35.79 -3.13
N LEU D 290 -2.99 35.22 -1.93
CA LEU D 290 -2.78 33.79 -1.76
C LEU D 290 -3.88 33.17 -0.93
N LYS D 291 -4.77 32.43 -1.58
CA LYS D 291 -5.83 31.74 -0.84
C LYS D 291 -5.29 30.42 -0.28
N VAL D 292 -5.40 30.27 1.04
CA VAL D 292 -4.85 29.10 1.73
C VAL D 292 -5.97 28.18 2.20
N TYR D 293 -5.86 26.90 1.85
CA TYR D 293 -6.88 25.93 2.22
C TYR D 293 -6.28 24.81 3.07
N ARG D 294 -6.64 24.82 4.35
CA ARG D 294 -6.07 23.91 5.33
C ARG D 294 -6.28 22.43 5.03
N TYR D 295 -7.42 22.07 4.44
CA TYR D 295 -7.80 20.66 4.35
C TYR D 295 -7.67 20.07 2.95
N PHE D 296 -7.02 20.79 2.04
CA PHE D 296 -6.90 20.31 0.66
C PHE D 296 -5.46 20.07 0.23
N GLY D 297 -5.30 19.10 -0.66
CA GLY D 297 -4.02 18.77 -1.21
C GLY D 297 -3.95 19.17 -2.66
N HIS D 298 -3.30 18.37 -3.47
CA HIS D 298 -3.15 18.65 -4.87
C HIS D 298 -4.38 18.17 -5.61
N GLU D 299 -5.47 18.92 -5.51
CA GLU D 299 -6.73 18.56 -6.12
C GLU D 299 -7.62 19.76 -6.37
N PHE D 300 -8.63 19.58 -7.19
CA PHE D 300 -9.64 20.59 -7.45
C PHE D 300 -10.18 21.14 -6.12
N ILE D 301 -10.04 22.44 -5.91
CA ILE D 301 -10.53 23.08 -4.70
C ILE D 301 -11.76 23.92 -5.00
N PRO D 302 -12.94 23.36 -4.75
CA PRO D 302 -14.20 24.04 -5.03
C PRO D 302 -14.24 25.49 -4.58
N ALA D 303 -13.78 25.77 -3.37
CA ALA D 303 -13.77 27.13 -2.85
C ALA D 303 -13.01 28.08 -3.76
N PHE D 304 -11.79 27.70 -4.11
CA PHE D 304 -10.95 28.52 -4.97
C PHE D 304 -11.57 28.72 -6.35
N GLN D 305 -12.36 27.77 -6.79
CA GLN D 305 -13.00 27.86 -8.10
C GLN D 305 -13.78 29.16 -8.18
N THR D 306 -14.69 29.35 -7.23
CA THR D 306 -15.52 30.55 -7.19
C THR D 306 -14.69 31.80 -6.94
N GLU D 307 -13.57 31.64 -6.22
CA GLU D 307 -12.66 32.75 -5.98
C GLU D 307 -12.13 33.31 -7.29
N LYS D 308 -11.65 32.44 -8.16
CA LYS D 308 -11.04 32.89 -9.41
C LYS D 308 -12.07 33.34 -10.44
N LEU D 309 -13.30 32.87 -10.30
CA LEU D 309 -14.37 33.35 -11.16
C LEU D 309 -14.63 34.82 -10.89
N SER D 310 -14.67 35.20 -9.62
CA SER D 310 -14.84 36.60 -9.24
C SER D 310 -13.66 37.43 -9.72
N PHE D 311 -12.46 36.95 -9.39
CA PHE D 311 -11.23 37.60 -9.79
C PHE D 311 -11.23 37.90 -11.29
N LEU D 312 -11.54 36.87 -12.08
CA LEU D 312 -11.55 37.01 -13.53
C LEU D 312 -12.67 37.92 -14.01
N GLN D 313 -13.84 37.76 -13.42
CA GLN D 313 -15.00 38.56 -13.79
C GLN D 313 -14.72 40.02 -13.50
N LYS D 314 -14.12 40.26 -12.35
CA LYS D 314 -13.80 41.60 -11.89
C LYS D 314 -12.85 42.33 -12.83
N HIS D 315 -11.88 41.59 -13.36
CA HIS D 315 -10.79 42.17 -14.14
C HIS D 315 -10.98 42.07 -15.65
N LEU D 316 -11.77 41.10 -16.10
CA LEU D 316 -11.90 40.82 -17.53
C LEU D 316 -13.30 41.08 -18.10
N LEU D 317 -14.34 40.83 -17.30
CA LEU D 317 -15.70 41.13 -17.73
C LEU D 317 -16.10 42.51 -17.25
N SER E 7 -15.87 -21.06 -6.37
CA SER E 7 -17.12 -21.82 -6.12
C SER E 7 -17.03 -22.68 -4.86
N LEU E 8 -18.02 -22.53 -3.98
CA LEU E 8 -18.15 -23.39 -2.82
C LEU E 8 -18.34 -24.83 -3.29
N GLU E 9 -19.00 -24.99 -4.44
CA GLU E 9 -19.25 -26.30 -5.00
C GLU E 9 -17.95 -27.02 -5.31
N GLU E 10 -17.08 -26.35 -6.07
CA GLU E 10 -15.79 -26.94 -6.42
C GLU E 10 -14.98 -27.25 -5.17
N LEU E 11 -15.00 -26.34 -4.20
CA LEU E 11 -14.28 -26.53 -2.95
C LEU E 11 -14.80 -27.73 -2.16
N LYS E 12 -16.12 -27.87 -2.13
CA LYS E 12 -16.75 -28.94 -1.37
C LYS E 12 -16.34 -30.32 -1.88
N LYS E 13 -15.96 -30.41 -3.15
CA LYS E 13 -15.60 -31.69 -3.77
C LYS E 13 -14.08 -31.85 -3.93
N TYR E 14 -13.32 -30.89 -3.44
CA TYR E 14 -11.87 -30.90 -3.61
C TYR E 14 -11.19 -31.86 -2.64
N LYS E 15 -10.56 -32.90 -3.17
CA LYS E 15 -9.88 -33.88 -2.35
C LYS E 15 -8.63 -34.39 -3.06
N PRO E 16 -7.52 -33.66 -2.90
CA PRO E 16 -6.27 -33.97 -3.60
C PRO E 16 -5.72 -35.34 -3.20
N LYS E 17 -5.01 -35.98 -4.13
CA LYS E 17 -4.37 -37.26 -3.84
C LYS E 17 -3.38 -37.10 -2.70
N LYS E 18 -3.37 -38.06 -1.79
CA LYS E 18 -2.42 -38.02 -0.68
C LYS E 18 -1.00 -38.00 -1.20
N THR E 19 -0.10 -37.38 -0.44
CA THR E 19 1.30 -37.32 -0.81
C THR E 19 2.14 -38.19 0.14
N ALA E 20 1.46 -38.82 1.09
CA ALA E 20 2.14 -39.66 2.07
C ALA E 20 3.07 -40.66 1.39
N ARG E 21 4.32 -40.68 1.83
CA ARG E 21 5.30 -41.61 1.27
C ARG E 21 5.05 -43.00 1.87
N PRO E 22 5.60 -44.03 1.22
CA PRO E 22 5.37 -45.42 1.66
C PRO E 22 5.78 -45.69 3.12
N ASP E 23 6.74 -44.93 3.63
CA ASP E 23 7.22 -45.15 5.00
C ASP E 23 6.55 -44.19 6.00
N PHE E 24 5.45 -43.58 5.58
CA PHE E 24 4.75 -42.61 6.40
C PHE E 24 4.49 -43.11 7.81
N ALA E 25 3.84 -44.26 7.92
CA ALA E 25 3.50 -44.82 9.23
C ALA E 25 4.74 -45.14 10.05
N ASP E 26 5.73 -45.78 9.42
CA ASP E 26 6.96 -46.14 10.11
C ASP E 26 7.65 -44.93 10.71
N PHE E 27 7.71 -43.84 9.95
CA PHE E 27 8.37 -42.63 10.43
C PHE E 27 7.77 -42.16 11.74
N TRP E 28 6.44 -42.16 11.82
CA TRP E 28 5.75 -41.70 13.01
C TRP E 28 5.82 -42.70 14.17
N LYS E 29 5.84 -43.99 13.84
CA LYS E 29 6.01 -45.02 14.86
C LYS E 29 7.38 -44.86 15.50
N LYS E 30 8.40 -44.69 14.66
CA LYS E 30 9.76 -44.51 15.13
C LYS E 30 9.90 -43.22 15.93
N SER E 31 9.23 -42.17 15.47
CA SER E 31 9.30 -40.88 16.14
C SER E 31 8.64 -40.95 17.52
N LEU E 32 7.50 -41.63 17.60
CA LEU E 32 6.80 -41.81 18.87
C LEU E 32 7.65 -42.63 19.84
N GLU E 33 8.44 -43.55 19.30
CA GLU E 33 9.28 -44.38 20.14
C GLU E 33 10.48 -43.61 20.68
N GLU E 34 10.92 -42.60 19.94
CA GLU E 34 11.98 -41.72 20.42
C GLU E 34 11.43 -40.84 21.54
N LEU E 35 10.18 -40.42 21.39
CA LEU E 35 9.51 -39.61 22.40
C LEU E 35 9.38 -40.40 23.69
N ARG E 36 8.89 -41.64 23.57
CA ARG E 36 8.74 -42.51 24.73
C ARG E 36 10.07 -42.66 25.46
N GLN E 37 11.17 -42.43 24.74
CA GLN E 37 12.50 -42.61 25.28
C GLN E 37 12.83 -41.56 26.34
N VAL E 38 12.12 -40.44 26.29
CA VAL E 38 12.39 -39.32 27.17
C VAL E 38 11.42 -39.25 28.34
N GLU E 39 11.91 -39.25 29.57
CA GLU E 39 11.02 -39.18 30.71
C GLU E 39 10.45 -37.77 30.83
N ALA E 40 9.14 -37.65 30.99
CA ALA E 40 8.52 -36.34 31.05
C ALA E 40 8.95 -35.50 32.23
N GLU E 41 9.02 -36.12 33.40
CA GLU E 41 9.48 -35.41 34.58
C GLU E 41 8.81 -34.04 34.65
N PRO E 42 7.48 -34.03 34.63
CA PRO E 42 6.70 -32.79 34.64
C PRO E 42 6.86 -31.91 35.89
N THR E 43 6.82 -30.60 35.68
CA THR E 43 6.95 -29.63 36.77
C THR E 43 5.81 -28.61 36.83
N LEU E 44 5.27 -28.40 38.03
CA LEU E 44 4.20 -27.44 38.26
C LEU E 44 4.61 -26.36 39.24
N GLU E 45 4.16 -25.14 39.00
CA GLU E 45 4.53 -24.00 39.82
C GLU E 45 3.40 -22.98 39.82
N SER E 46 2.82 -22.73 40.98
CA SER E 46 1.69 -21.80 41.07
C SER E 46 2.11 -20.43 40.55
N TYR E 47 1.20 -19.75 39.88
CA TYR E 47 1.49 -18.48 39.25
C TYR E 47 0.39 -17.54 39.61
N ASP E 48 0.73 -16.33 40.03
CA ASP E 48 -0.30 -15.40 40.45
C ASP E 48 -0.93 -14.69 39.28
N TYR E 49 -2.27 -14.63 39.26
CA TYR E 49 -3.02 -13.97 38.23
C TYR E 49 -4.32 -13.43 38.82
N PRO E 50 -4.71 -12.23 38.44
CA PRO E 50 -5.90 -11.60 38.98
C PRO E 50 -7.19 -12.24 38.50
N VAL E 51 -7.54 -13.38 39.07
CA VAL E 51 -8.77 -14.05 38.72
C VAL E 51 -9.28 -14.82 39.93
N LYS E 52 -10.59 -14.85 40.09
CA LYS E 52 -11.19 -15.64 41.15
C LYS E 52 -11.80 -16.88 40.54
N GLY E 53 -11.71 -18.00 41.25
CA GLY E 53 -12.31 -19.25 40.80
C GLY E 53 -11.43 -20.03 39.85
N VAL E 54 -10.17 -19.63 39.73
CA VAL E 54 -9.22 -20.33 38.88
C VAL E 54 -7.80 -20.28 39.46
N LYS E 55 -7.13 -21.42 39.49
CA LYS E 55 -5.73 -21.47 39.92
C LYS E 55 -4.80 -21.66 38.73
N VAL E 56 -3.85 -20.74 38.57
CA VAL E 56 -2.94 -20.75 37.43
C VAL E 56 -1.57 -21.32 37.79
N TYR E 57 -1.00 -22.10 36.88
CA TYR E 57 0.30 -22.71 37.10
C TYR E 57 1.20 -22.57 35.89
N ARG E 58 2.50 -22.71 36.13
CA ARG E 58 3.46 -22.85 35.05
C ARG E 58 3.77 -24.33 34.92
N LEU E 59 3.44 -24.92 33.78
CA LEU E 59 3.68 -26.34 33.56
C LEU E 59 4.93 -26.58 32.72
N THR E 60 5.75 -27.53 33.14
CA THR E 60 6.99 -27.85 32.44
C THR E 60 7.11 -29.36 32.27
N TYR E 61 7.64 -29.78 31.13
CA TYR E 61 7.96 -31.18 30.91
C TYR E 61 9.01 -31.31 29.81
N GLN E 62 9.62 -32.49 29.72
CA GLN E 62 10.64 -32.75 28.73
C GLN E 62 10.07 -33.49 27.53
N SER E 63 10.57 -33.19 26.35
CA SER E 63 10.08 -33.80 25.14
C SER E 63 11.20 -34.17 24.18
N PHE E 64 10.83 -34.62 22.99
CA PHE E 64 11.77 -34.99 21.95
C PHE E 64 13.05 -34.16 22.05
N GLY E 65 14.19 -34.81 21.86
CA GLY E 65 15.47 -34.14 21.93
C GLY E 65 15.77 -33.53 23.28
N HIS E 66 15.04 -33.97 24.30
CA HIS E 66 15.22 -33.46 25.65
C HIS E 66 15.07 -31.96 25.73
N SER E 67 14.00 -31.44 25.14
CA SER E 67 13.73 -30.02 25.19
C SER E 67 12.69 -29.72 26.24
N LYS E 68 12.88 -28.63 26.97
CA LYS E 68 11.95 -28.22 28.00
C LYS E 68 10.77 -27.50 27.38
N ILE E 69 9.59 -28.08 27.51
CA ILE E 69 8.39 -27.50 26.95
C ILE E 69 7.56 -26.89 28.05
N GLU E 70 7.03 -25.70 27.81
CA GLU E 70 6.30 -24.99 28.83
C GLU E 70 5.04 -24.30 28.34
N GLY E 71 4.38 -23.64 29.27
CA GLY E 71 3.14 -22.96 28.99
C GLY E 71 2.35 -22.89 30.27
N PHE E 72 1.37 -22.02 30.29
CA PHE E 72 0.52 -21.82 31.46
C PHE E 72 -0.56 -22.88 31.54
N TYR E 73 -0.85 -23.30 32.77
CA TYR E 73 -1.86 -24.32 33.02
C TYR E 73 -2.87 -23.77 34.03
N ALA E 74 -4.08 -23.51 33.56
CA ALA E 74 -5.12 -22.95 34.43
C ALA E 74 -6.19 -23.99 34.76
N VAL E 75 -6.50 -24.10 36.05
CA VAL E 75 -7.48 -25.08 36.50
C VAL E 75 -8.63 -24.41 37.23
N PRO E 76 -9.87 -24.83 36.94
CA PRO E 76 -11.04 -24.35 37.66
C PRO E 76 -10.86 -24.58 39.15
N ASP E 77 -10.95 -23.50 39.94
CA ASP E 77 -10.72 -23.60 41.38
C ASP E 77 -11.90 -24.28 42.07
N GLN E 78 -12.13 -25.53 41.70
CA GLN E 78 -13.21 -26.34 42.26
C GLN E 78 -12.83 -27.81 42.24
N THR E 79 -13.31 -28.57 43.21
CA THR E 79 -13.02 -30.00 43.29
C THR E 79 -13.31 -30.68 41.95
N GLY E 80 -12.31 -31.35 41.39
CA GLY E 80 -12.46 -32.05 40.11
C GLY E 80 -13.15 -33.38 40.28
N PRO E 81 -12.88 -34.34 39.37
CA PRO E 81 -11.99 -34.11 38.24
C PRO E 81 -12.66 -33.22 37.20
N HIS E 82 -11.86 -32.55 36.37
CA HIS E 82 -12.40 -31.65 35.37
C HIS E 82 -12.11 -32.14 33.96
N PRO E 83 -12.92 -31.69 32.99
CA PRO E 83 -12.59 -31.88 31.59
C PRO E 83 -11.37 -31.01 31.27
N ALA E 84 -10.57 -31.43 30.30
CA ALA E 84 -9.33 -30.71 30.01
C ALA E 84 -9.19 -30.33 28.54
N LEU E 85 -8.49 -29.22 28.30
CA LEU E 85 -8.19 -28.77 26.94
C LEU E 85 -6.70 -28.51 26.80
N VAL E 86 -6.10 -29.00 25.73
CA VAL E 86 -4.75 -28.58 25.38
C VAL E 86 -4.87 -27.64 24.20
N ARG E 87 -4.51 -26.38 24.43
CA ARG E 87 -4.68 -25.32 23.45
C ARG E 87 -3.37 -25.01 22.74
N PHE E 88 -3.43 -24.88 21.42
CA PHE E 88 -2.24 -24.58 20.63
C PHE E 88 -2.37 -23.22 19.94
N HIS E 89 -1.34 -22.39 20.09
CA HIS E 89 -1.38 -21.04 19.57
C HIS E 89 -0.97 -20.97 18.09
N GLY E 90 -1.17 -19.80 17.49
CA GLY E 90 -0.89 -19.61 16.08
C GLY E 90 0.56 -19.33 15.77
N TYR E 91 0.91 -19.41 14.48
CA TYR E 91 2.27 -19.22 14.03
C TYR E 91 2.77 -17.83 14.37
N ASN E 92 3.80 -17.76 15.21
CA ASN E 92 4.39 -16.48 15.59
C ASN E 92 3.37 -15.56 16.24
N ALA E 93 2.31 -16.14 16.77
CA ALA E 93 1.20 -15.35 17.32
C ALA E 93 0.96 -15.62 18.80
N SER E 94 2.03 -15.93 19.54
CA SER E 94 1.92 -16.12 20.98
C SER E 94 2.35 -14.87 21.73
N TYR E 95 1.39 -14.17 22.31
CA TYR E 95 1.67 -12.95 23.07
C TYR E 95 1.52 -13.22 24.56
N ASP E 96 2.58 -13.00 25.32
CA ASP E 96 2.57 -13.28 26.75
C ASP E 96 2.02 -14.67 27.04
N ASP E 97 2.42 -15.64 26.22
CA ASP E 97 2.03 -17.03 26.42
C ASP E 97 0.52 -17.21 26.39
N GLY E 98 -0.19 -16.24 25.82
CA GLY E 98 -1.64 -16.31 25.73
C GLY E 98 -2.27 -16.69 27.05
N ILE E 99 -1.77 -16.10 28.12
CA ILE E 99 -2.25 -16.43 29.46
C ILE E 99 -3.71 -16.05 29.66
N HIS E 100 -4.13 -14.93 29.09
CA HIS E 100 -5.50 -14.46 29.28
C HIS E 100 -6.53 -15.41 28.69
N ASP E 101 -6.21 -15.96 27.52
CA ASP E 101 -7.10 -16.90 26.87
C ASP E 101 -7.18 -18.19 27.66
N ILE E 102 -6.03 -18.63 28.18
CA ILE E 102 -5.97 -19.86 28.96
C ILE E 102 -6.82 -19.74 30.22
N VAL E 103 -6.66 -18.65 30.95
CA VAL E 103 -7.47 -18.40 32.14
C VAL E 103 -8.96 -18.41 31.81
N ASN E 104 -9.32 -17.75 30.71
CA ASN E 104 -10.71 -17.71 30.29
C ASN E 104 -11.28 -19.09 30.00
N TRP E 105 -10.48 -19.95 29.38
CA TRP E 105 -10.90 -21.33 29.13
C TRP E 105 -11.19 -22.05 30.43
N ALA E 106 -10.33 -21.83 31.43
CA ALA E 106 -10.51 -22.43 32.73
C ALA E 106 -11.80 -21.92 33.38
N LEU E 107 -12.11 -20.64 33.17
CA LEU E 107 -13.33 -20.05 33.69
C LEU E 107 -14.56 -20.68 33.06
N HIS E 108 -14.37 -21.31 31.90
CA HIS E 108 -15.46 -22.00 31.22
C HIS E 108 -15.63 -23.43 31.72
N GLY E 109 -14.80 -23.82 32.68
CA GLY E 109 -14.90 -25.12 33.31
C GLY E 109 -13.89 -26.14 32.80
N TYR E 110 -12.89 -25.69 32.07
CA TYR E 110 -11.89 -26.59 31.50
C TYR E 110 -10.53 -26.40 32.12
N ALA E 111 -9.96 -27.49 32.64
CA ALA E 111 -8.57 -27.48 33.04
C ALA E 111 -7.75 -27.45 31.76
N THR E 112 -7.22 -26.30 31.41
CA THR E 112 -6.64 -26.11 30.08
C THR E 112 -5.17 -25.70 30.11
N PHE E 113 -4.40 -26.30 29.22
CA PHE E 113 -2.97 -26.04 29.12
C PHE E 113 -2.61 -25.47 27.75
N GLY E 114 -1.99 -24.29 27.75
CA GLY E 114 -1.57 -23.66 26.51
C GLY E 114 -0.11 -23.95 26.20
N MSE E 115 0.12 -25.03 25.45
CA MSE E 115 1.48 -25.41 25.11
C MSE E 115 2.13 -24.37 24.22
O MSE E 115 1.57 -23.98 23.19
CB MSE E 115 1.50 -26.77 24.40
CG MSE E 115 2.89 -27.34 24.26
SE MSE E 115 3.04 -28.71 22.89
CE MSE E 115 2.97 -27.57 21.31
N LEU E 116 3.32 -23.93 24.61
CA LEU E 116 4.07 -22.97 23.81
C LEU E 116 4.93 -23.73 22.79
N VAL E 117 4.81 -23.34 21.52
CA VAL E 117 5.52 -24.06 20.45
C VAL E 117 7.01 -23.75 20.46
N ARG E 118 7.82 -24.81 20.55
CA ARG E 118 9.26 -24.68 20.70
C ARG E 118 9.85 -23.69 19.71
N GLY E 119 10.54 -22.68 20.23
CA GLY E 119 11.16 -21.66 19.39
C GLY E 119 10.30 -20.41 19.25
N GLN E 120 9.01 -20.55 19.06
CA GLN E 120 8.31 -19.29 18.90
C GLN E 120 7.59 -18.81 20.12
N GLY E 121 6.96 -19.73 20.81
CA GLY E 121 6.18 -19.35 21.95
C GLY E 121 6.91 -19.21 23.24
N GLY E 122 7.80 -20.13 23.55
CA GLY E 122 8.41 -19.96 24.82
C GLY E 122 8.81 -21.27 25.39
N SER E 123 8.99 -22.22 24.49
CA SER E 123 9.42 -23.53 24.88
C SER E 123 10.87 -23.59 24.39
N GLU E 124 11.50 -24.74 24.47
CA GLU E 124 12.87 -24.85 24.05
C GLU E 124 13.07 -25.77 22.88
N ASP E 125 13.62 -25.26 21.78
CA ASP E 125 13.87 -26.13 20.64
C ASP E 125 15.32 -26.62 20.64
N THR E 126 15.47 -27.91 20.89
CA THR E 126 16.78 -28.49 21.12
C THR E 126 17.41 -28.98 19.82
N SER E 127 16.63 -29.03 18.75
CA SER E 127 17.08 -29.60 17.49
C SER E 127 18.04 -28.69 16.74
N VAL E 128 19.14 -29.26 16.27
CA VAL E 128 20.12 -28.55 15.47
C VAL E 128 19.49 -28.01 14.19
N THR E 129 20.09 -26.95 13.65
CA THR E 129 19.68 -26.42 12.35
C THR E 129 20.65 -26.92 11.28
N PRO E 130 20.23 -27.96 10.53
CA PRO E 130 21.08 -28.66 9.57
C PRO E 130 21.81 -27.72 8.62
N GLY E 131 21.06 -26.83 7.96
CA GLY E 131 21.66 -25.90 7.02
C GLY E 131 20.84 -24.63 6.90
N GLY E 132 21.09 -23.86 5.84
CA GLY E 132 20.36 -22.63 5.60
C GLY E 132 18.87 -22.87 5.47
N HIS E 133 18.09 -21.81 5.64
CA HIS E 133 16.64 -21.87 5.42
C HIS E 133 16.08 -20.46 5.34
N ALA E 134 14.85 -20.34 4.85
CA ALA E 134 14.21 -19.03 4.72
C ALA E 134 13.85 -18.47 6.10
N LEU E 135 13.78 -17.14 6.19
CA LEU E 135 13.42 -16.47 7.42
C LEU E 135 12.12 -17.04 7.96
N GLY E 136 12.16 -17.58 9.17
CA GLY E 136 11.00 -18.22 9.78
C GLY E 136 11.29 -19.64 10.20
N TRP E 137 10.26 -20.35 10.66
CA TRP E 137 10.41 -21.73 11.09
C TRP E 137 10.03 -22.73 9.99
N MSE E 138 9.21 -22.28 9.05
CA MSE E 138 8.64 -23.16 8.04
C MSE E 138 9.64 -24.10 7.37
O MSE E 138 9.34 -25.27 7.12
CB MSE E 138 7.89 -22.36 6.98
CG MSE E 138 6.62 -21.71 7.50
SE MSE E 138 5.43 -23.01 8.33
CE MSE E 138 5.15 -24.17 6.80
N THR E 139 10.84 -23.60 7.08
CA THR E 139 11.79 -24.37 6.28
C THR E 139 13.00 -24.86 7.07
N LYS E 140 12.96 -24.71 8.39
CA LYS E 140 14.03 -25.17 9.25
C LYS E 140 14.11 -26.70 9.27
N GLY E 141 15.25 -27.24 8.85
CA GLY E 141 15.43 -28.68 8.77
C GLY E 141 14.59 -29.32 7.67
N ILE E 142 14.25 -28.53 6.66
CA ILE E 142 13.33 -28.94 5.61
C ILE E 142 13.87 -30.08 4.73
N LEU E 143 15.18 -30.28 4.75
CA LEU E 143 15.80 -31.26 3.86
C LEU E 143 15.73 -32.69 4.37
N SER E 144 15.06 -32.90 5.50
CA SER E 144 14.90 -34.25 6.03
C SER E 144 13.80 -34.29 7.07
N LYS E 145 12.93 -35.30 6.96
CA LYS E 145 11.82 -35.44 7.90
C LYS E 145 12.31 -35.72 9.32
N ASP E 146 13.55 -36.19 9.45
CA ASP E 146 14.13 -36.45 10.77
C ASP E 146 14.50 -35.14 11.45
N THR E 147 14.89 -34.15 10.66
CA THR E 147 15.37 -32.89 11.20
C THR E 147 14.32 -31.77 11.13
N TYR E 148 13.19 -32.04 10.49
CA TYR E 148 12.21 -30.99 10.25
C TYR E 148 11.61 -30.40 11.52
N TYR E 149 11.44 -29.08 11.50
CA TYR E 149 10.99 -28.33 12.66
C TYR E 149 9.73 -28.91 13.32
N TYR E 150 8.73 -29.24 12.51
CA TYR E 150 7.44 -29.66 13.06
C TYR E 150 7.44 -31.08 13.60
N ARG E 151 8.49 -31.83 13.33
CA ARG E 151 8.60 -33.16 13.91
C ARG E 151 8.60 -33.04 15.44
N GLY E 152 9.52 -32.24 15.95
CA GLY E 152 9.62 -32.01 17.39
C GLY E 152 8.34 -31.43 17.96
N VAL E 153 7.81 -30.41 17.31
CA VAL E 153 6.60 -29.76 17.81
C VAL E 153 5.41 -30.72 17.84
N TYR E 154 5.22 -31.48 16.77
CA TYR E 154 4.17 -32.49 16.75
C TYR E 154 4.28 -33.41 17.96
N LEU E 155 5.49 -33.89 18.21
CA LEU E 155 5.73 -34.80 19.33
C LEU E 155 5.48 -34.13 20.67
N ASP E 156 5.80 -32.84 20.78
CA ASP E 156 5.54 -32.07 22.00
C ASP E 156 4.04 -32.05 22.29
N ALA E 157 3.23 -31.97 21.22
CA ALA E 157 1.79 -31.97 21.35
C ALA E 157 1.30 -33.29 21.94
N VAL E 158 1.81 -34.40 21.41
CA VAL E 158 1.42 -35.70 21.92
C VAL E 158 1.76 -35.81 23.41
N ARG E 159 2.97 -35.42 23.78
CA ARG E 159 3.37 -35.49 25.18
C ARG E 159 2.50 -34.59 26.06
N ALA E 160 2.19 -33.39 25.56
CA ALA E 160 1.31 -32.50 26.29
C ALA E 160 0.10 -33.29 26.80
N LEU E 161 -0.50 -34.06 25.89
CA LEU E 161 -1.67 -34.86 26.22
C LEU E 161 -1.33 -35.94 27.24
N GLU E 162 -0.16 -36.55 27.09
CA GLU E 162 0.27 -37.58 28.01
C GLU E 162 0.47 -37.05 29.42
N VAL E 163 1.01 -35.84 29.51
CA VAL E 163 1.26 -35.21 30.81
C VAL E 163 -0.02 -34.83 31.55
N ILE E 164 -0.81 -33.96 30.95
CA ILE E 164 -2.05 -33.51 31.58
C ILE E 164 -3.03 -34.64 31.84
N GLN E 165 -2.95 -35.70 31.05
CA GLN E 165 -3.83 -36.85 31.20
C GLN E 165 -3.54 -37.59 32.51
N SER E 166 -2.31 -37.44 32.99
CA SER E 166 -1.90 -38.10 34.22
C SER E 166 -2.26 -37.31 35.47
N PHE E 167 -2.73 -36.08 35.28
CA PHE E 167 -3.12 -35.26 36.42
C PHE E 167 -4.39 -35.79 37.09
N PRO E 168 -4.37 -35.92 38.42
CA PRO E 168 -5.50 -36.42 39.18
C PRO E 168 -6.76 -35.57 39.00
N GLU E 169 -6.58 -34.26 38.80
CA GLU E 169 -7.73 -33.36 38.68
C GLU E 169 -8.34 -33.42 37.28
N VAL E 170 -7.63 -34.07 36.37
CA VAL E 170 -8.06 -34.17 34.98
C VAL E 170 -8.74 -35.51 34.69
N ASP E 171 -9.92 -35.43 34.08
CA ASP E 171 -10.64 -36.62 33.63
C ASP E 171 -10.10 -37.07 32.27
N GLU E 172 -9.25 -38.08 32.28
CA GLU E 172 -8.57 -38.52 31.06
C GLU E 172 -9.54 -38.85 29.93
N HIS E 173 -10.80 -39.10 30.28
CA HIS E 173 -11.84 -39.48 29.32
C HIS E 173 -12.51 -38.28 28.68
N ARG E 174 -12.13 -37.09 29.12
CA ARG E 174 -12.79 -35.89 28.64
C ARG E 174 -11.77 -34.80 28.31
N ILE E 175 -10.78 -35.16 27.50
CA ILE E 175 -9.76 -34.21 27.06
C ILE E 175 -10.00 -33.79 25.62
N GLY E 176 -10.06 -32.47 25.41
CA GLY E 176 -10.21 -31.92 24.07
C GLY E 176 -8.96 -31.22 23.60
N VAL E 177 -8.78 -31.18 22.29
CA VAL E 177 -7.62 -30.51 21.70
C VAL E 177 -8.10 -29.44 20.71
N ILE E 178 -7.68 -28.20 20.94
CA ILE E 178 -8.16 -27.08 20.14
C ILE E 178 -7.04 -26.12 19.72
N GLY E 179 -7.33 -25.30 18.70
CA GLY E 179 -6.36 -24.33 18.21
C GLY E 179 -6.79 -23.73 16.87
N GLY E 180 -6.23 -22.57 16.55
CA GLY E 180 -6.49 -21.93 15.27
C GLY E 180 -5.24 -21.86 14.42
N SER E 181 -5.42 -21.88 13.10
CA SER E 181 -4.30 -21.86 12.16
C SER E 181 -3.27 -22.93 12.52
N GLN E 182 -2.08 -22.50 12.93
CA GLN E 182 -1.06 -23.44 13.37
C GLN E 182 -1.61 -24.31 14.51
N GLY E 183 -2.36 -23.67 15.41
CA GLY E 183 -2.97 -24.38 16.54
C GLY E 183 -3.88 -25.49 16.08
N GLY E 184 -4.69 -25.20 15.07
CA GLY E 184 -5.63 -26.17 14.52
C GLY E 184 -4.91 -27.36 13.91
N ALA E 185 -3.79 -27.09 13.24
CA ALA E 185 -2.99 -28.15 12.66
C ALA E 185 -2.42 -29.06 13.75
N LEU E 186 -1.89 -28.45 14.81
CA LEU E 186 -1.37 -29.22 15.94
C LEU E 186 -2.48 -30.01 16.61
N ALA E 187 -3.67 -29.40 16.68
CA ALA E 187 -4.82 -30.08 17.26
C ALA E 187 -5.11 -31.36 16.48
N ILE E 188 -5.19 -31.24 15.16
CA ILE E 188 -5.46 -32.38 14.30
C ILE E 188 -4.33 -33.40 14.34
N ALA E 189 -3.09 -32.91 14.18
CA ALA E 189 -1.93 -33.80 14.23
C ALA E 189 -1.91 -34.60 15.52
N ALA E 190 -2.07 -33.90 16.64
CA ALA E 190 -2.08 -34.55 17.95
C ALA E 190 -3.15 -35.64 17.99
N ALA E 191 -4.36 -35.29 17.58
CA ALA E 191 -5.47 -36.24 17.57
C ALA E 191 -5.15 -37.43 16.68
N ALA E 192 -4.44 -37.18 15.59
CA ALA E 192 -4.10 -38.22 14.64
C ALA E 192 -3.04 -39.17 15.19
N LEU E 193 -2.16 -38.65 16.04
CA LEU E 193 -1.04 -39.43 16.56
C LEU E 193 -1.33 -39.99 17.96
N SER E 194 -2.42 -39.54 18.57
CA SER E 194 -2.74 -39.96 19.94
C SER E 194 -4.22 -40.24 20.10
N ASP E 195 -4.56 -41.25 20.91
CA ASP E 195 -5.95 -41.59 21.17
C ASP E 195 -6.46 -40.89 22.43
N ILE E 196 -5.59 -40.12 23.07
CA ILE E 196 -5.95 -39.44 24.30
C ILE E 196 -7.09 -38.45 24.11
N PRO E 197 -6.96 -37.53 23.14
CA PRO E 197 -8.00 -36.53 22.93
C PRO E 197 -9.33 -37.16 22.51
N LYS E 198 -10.42 -36.72 23.13
CA LYS E 198 -11.75 -37.21 22.79
C LYS E 198 -12.35 -36.39 21.66
N VAL E 199 -11.92 -35.14 21.54
CA VAL E 199 -12.52 -34.21 20.59
C VAL E 199 -11.50 -33.25 19.99
N VAL E 200 -11.81 -32.75 18.79
CA VAL E 200 -10.91 -31.84 18.08
C VAL E 200 -11.64 -30.62 17.53
N VAL E 201 -11.07 -29.44 17.75
CA VAL E 201 -11.61 -28.21 17.20
C VAL E 201 -10.54 -27.39 16.51
N ALA E 202 -10.62 -27.28 15.19
CA ALA E 202 -9.60 -26.58 14.41
C ALA E 202 -10.13 -25.43 13.59
N ASP E 203 -9.62 -24.23 13.85
CA ASP E 203 -9.98 -23.06 13.07
C ASP E 203 -9.02 -22.95 11.90
N TYR E 204 -9.55 -22.67 10.72
CA TYR E 204 -8.69 -22.50 9.56
C TYR E 204 -7.32 -23.13 9.82
N PRO E 205 -7.23 -24.44 9.67
CA PRO E 205 -5.98 -25.16 9.95
C PRO E 205 -4.84 -24.86 8.99
N TYR E 206 -3.64 -24.87 9.53
CA TYR E 206 -2.41 -24.61 8.80
C TYR E 206 -1.76 -25.91 8.36
N LEU E 207 -0.55 -25.82 7.82
CA LEU E 207 0.22 -26.98 7.41
C LEU E 207 -0.59 -28.02 6.67
N SER E 208 -1.35 -27.58 5.68
CA SER E 208 -2.22 -28.49 4.96
C SER E 208 -2.13 -28.31 3.44
N ASN E 209 -1.97 -29.42 2.73
CA ASN E 209 -1.91 -29.40 1.27
C ASN E 209 -0.79 -28.48 0.77
N PHE E 210 0.41 -28.72 1.26
CA PHE E 210 1.56 -27.86 0.98
C PHE E 210 1.76 -27.57 -0.51
N GLU E 211 1.62 -28.60 -1.33
CA GLU E 211 1.89 -28.46 -2.76
C GLU E 211 0.94 -27.51 -3.47
N ARG E 212 -0.23 -27.30 -2.89
CA ARG E 212 -1.13 -26.29 -3.43
C ARG E 212 -1.02 -24.97 -2.70
N ALA E 213 -0.85 -25.03 -1.38
CA ALA E 213 -0.72 -23.83 -0.56
C ALA E 213 0.30 -22.87 -1.17
N VAL E 214 1.41 -23.44 -1.65
CA VAL E 214 2.49 -22.65 -2.22
C VAL E 214 2.12 -21.95 -3.53
N ASP E 215 1.00 -22.35 -4.11
CA ASP E 215 0.55 -21.77 -5.38
C ASP E 215 -0.61 -20.80 -5.21
N VAL E 216 -1.26 -20.84 -4.05
CA VAL E 216 -2.48 -20.05 -3.85
C VAL E 216 -2.35 -19.03 -2.71
N ALA E 217 -1.41 -19.28 -1.80
CA ALA E 217 -1.21 -18.37 -0.68
C ALA E 217 -0.73 -17.02 -1.18
N LEU E 218 -1.40 -15.95 -0.75
CA LEU E 218 -1.01 -14.60 -1.11
C LEU E 218 -0.37 -13.89 0.08
N GLU E 219 -0.12 -14.62 1.13
CA GLU E 219 0.43 -14.01 2.29
C GLU E 219 1.19 -15.03 3.04
N GLN E 220 1.96 -14.56 4.00
CA GLN E 220 2.79 -15.38 4.83
C GLN E 220 1.97 -16.30 5.72
N PRO E 221 2.53 -17.43 6.11
CA PRO E 221 3.90 -17.79 5.74
C PRO E 221 4.06 -19.05 4.90
N TYR E 222 3.03 -19.47 4.18
CA TYR E 222 3.19 -20.65 3.34
C TYR E 222 4.24 -20.26 2.32
N LEU E 223 4.43 -18.96 2.18
CA LEU E 223 5.38 -18.40 1.23
C LEU E 223 6.82 -18.43 1.71
N GLU E 224 7.09 -19.01 2.87
CA GLU E 224 8.44 -19.05 3.33
C GLU E 224 9.04 -20.16 2.54
N ILE E 225 8.21 -21.12 2.20
CA ILE E 225 8.64 -22.21 1.34
C ILE E 225 9.07 -21.69 -0.03
N ASN E 226 8.23 -20.88 -0.66
CA ASN E 226 8.59 -20.25 -1.92
C ASN E 226 9.90 -19.51 -1.76
N SER E 227 9.97 -18.72 -0.68
CA SER E 227 11.14 -17.90 -0.39
C SER E 227 12.40 -18.77 -0.27
N TYR E 228 12.22 -19.95 0.32
CA TYR E 228 13.31 -20.91 0.48
C TYR E 228 13.82 -21.43 -0.87
N PHE E 229 12.90 -21.67 -1.80
CA PHE E 229 13.27 -22.17 -3.12
C PHE E 229 13.96 -21.11 -3.96
N ARG E 230 13.62 -19.85 -3.72
CA ARG E 230 14.26 -18.74 -4.44
C ARG E 230 15.74 -18.66 -4.07
N ARG E 231 16.05 -19.04 -2.84
CA ARG E 231 17.42 -18.99 -2.34
C ARG E 231 18.19 -20.26 -2.68
N ASN E 232 17.45 -21.34 -2.89
CA ASN E 232 18.07 -22.62 -3.23
C ASN E 232 17.41 -23.19 -4.49
N SER E 233 17.97 -22.82 -5.65
CA SER E 233 17.35 -23.14 -6.93
C SER E 233 17.49 -24.60 -7.33
N ASP E 234 18.40 -25.32 -6.67
CA ASP E 234 18.59 -26.73 -6.98
C ASP E 234 17.27 -27.48 -7.04
N PRO E 235 16.96 -28.07 -8.20
CA PRO E 235 15.70 -28.81 -8.40
C PRO E 235 15.57 -29.97 -7.43
N GLU E 236 16.71 -30.52 -7.02
CA GLU E 236 16.74 -31.64 -6.08
C GLU E 236 16.34 -31.20 -4.68
N VAL E 237 16.52 -29.91 -4.39
CA VAL E 237 16.12 -29.33 -3.11
C VAL E 237 14.61 -29.26 -3.00
N GLU E 238 13.95 -28.83 -4.06
CA GLU E 238 12.49 -28.72 -4.06
C GLU E 238 11.84 -30.09 -3.87
N GLU E 239 12.37 -31.09 -4.57
CA GLU E 239 11.86 -32.44 -4.46
C GLU E 239 11.97 -32.95 -3.03
N LYS E 240 13.16 -32.82 -2.44
CA LYS E 240 13.38 -33.26 -1.06
C LYS E 240 12.48 -32.49 -0.09
N ALA E 241 12.36 -31.19 -0.30
CA ALA E 241 11.54 -30.36 0.57
C ALA E 241 10.08 -30.82 0.63
N PHE E 242 9.46 -30.98 -0.54
CA PHE E 242 8.08 -31.43 -0.59
C PHE E 242 7.94 -32.85 -0.08
N GLU E 243 9.01 -33.63 -0.21
CA GLU E 243 9.02 -34.98 0.31
C GLU E 243 8.90 -34.97 1.83
N THR E 244 9.75 -34.20 2.49
CA THR E 244 9.74 -34.16 3.94
C THR E 244 8.45 -33.51 4.46
N LEU E 245 7.91 -32.58 3.68
CA LEU E 245 6.69 -31.87 4.05
C LEU E 245 5.47 -32.78 4.09
N SER E 246 5.47 -33.82 3.26
CA SER E 246 4.33 -34.72 3.19
C SER E 246 4.14 -35.49 4.50
N TYR E 247 5.21 -35.62 5.28
CA TYR E 247 5.13 -36.36 6.53
C TYR E 247 4.38 -35.60 7.60
N PHE E 248 4.11 -34.32 7.33
CA PHE E 248 3.48 -33.46 8.31
C PHE E 248 2.22 -32.81 7.77
N ASP E 249 1.93 -33.08 6.49
CA ASP E 249 0.77 -32.50 5.83
C ASP E 249 -0.52 -33.10 6.39
N LEU E 250 -1.45 -32.23 6.75
CA LEU E 250 -2.72 -32.68 7.34
C LEU E 250 -3.49 -33.65 6.45
N ILE E 251 -3.39 -33.48 5.14
CA ILE E 251 -4.10 -34.37 4.21
C ILE E 251 -3.64 -35.81 4.36
N ASN E 252 -2.44 -36.00 4.89
CA ASN E 252 -1.91 -37.35 5.10
C ASN E 252 -2.18 -37.86 6.52
N LEU E 253 -2.37 -36.93 7.45
CA LEU E 253 -2.62 -37.29 8.84
C LEU E 253 -4.12 -37.41 9.12
N ALA E 254 -4.92 -36.64 8.40
CA ALA E 254 -6.37 -36.61 8.62
C ALA E 254 -6.96 -38.03 8.66
N GLY E 255 -6.37 -38.94 7.90
CA GLY E 255 -6.86 -40.30 7.84
C GLY E 255 -6.85 -41.02 9.17
N TRP E 256 -5.99 -40.58 10.08
CA TRP E 256 -5.85 -41.25 11.38
C TRP E 256 -6.75 -40.68 12.47
N VAL E 257 -7.43 -39.57 12.19
CA VAL E 257 -8.28 -38.94 13.19
C VAL E 257 -9.64 -39.63 13.32
N LYS E 258 -9.92 -40.16 14.49
CA LYS E 258 -11.21 -40.81 14.72
C LYS E 258 -12.06 -40.07 15.75
N GLN E 259 -11.52 -39.00 16.30
CA GLN E 259 -12.29 -38.17 17.23
C GLN E 259 -13.27 -37.29 16.47
N PRO E 260 -14.43 -37.01 17.07
CA PRO E 260 -15.34 -36.03 16.49
C PRO E 260 -14.61 -34.70 16.37
N THR E 261 -14.60 -34.11 15.19
CA THR E 261 -13.84 -32.89 14.97
C THR E 261 -14.65 -31.79 14.26
N LEU E 262 -14.48 -30.56 14.74
CA LEU E 262 -15.19 -29.41 14.19
C LEU E 262 -14.20 -28.41 13.60
N MSE E 263 -14.47 -27.97 12.38
CA MSE E 263 -13.58 -27.03 11.69
C MSE E 263 -14.28 -25.76 11.22
O MSE E 263 -15.50 -25.75 11.04
CB MSE E 263 -12.92 -27.71 10.50
CG MSE E 263 -12.02 -28.87 10.86
SE MSE E 263 -10.98 -29.47 9.32
CE MSE E 263 -9.91 -30.84 10.19
N ALA E 264 -13.49 -24.71 11.01
CA ALA E 264 -14.00 -23.47 10.45
C ALA E 264 -13.11 -22.99 9.31
N ILE E 265 -13.68 -22.21 8.39
CA ILE E 265 -12.90 -21.60 7.33
C ILE E 265 -13.63 -20.38 6.75
N GLY E 266 -12.89 -19.28 6.60
CA GLY E 266 -13.43 -18.08 5.97
C GLY E 266 -13.08 -18.06 4.50
N LEU E 267 -14.07 -17.77 3.66
CA LEU E 267 -13.90 -17.89 2.21
C LEU E 267 -12.99 -16.82 1.60
N ILE E 268 -12.62 -15.81 2.37
CA ILE E 268 -11.68 -14.81 1.89
C ILE E 268 -10.36 -14.88 2.63
N ASP E 269 -10.09 -16.02 3.26
CA ASP E 269 -8.82 -16.24 3.96
C ASP E 269 -7.67 -16.36 2.95
N GLN E 270 -6.69 -15.49 3.10
CA GLN E 270 -5.55 -15.46 2.17
C GLN E 270 -4.27 -16.03 2.79
N VAL E 271 -4.29 -16.22 4.11
CA VAL E 271 -3.17 -16.82 4.81
C VAL E 271 -3.27 -18.34 4.69
N THR E 272 -4.46 -18.84 5.01
CA THR E 272 -4.70 -20.27 4.99
C THR E 272 -5.85 -20.52 4.03
N PRO E 273 -5.52 -20.62 2.72
CA PRO E 273 -6.51 -20.65 1.64
C PRO E 273 -7.57 -21.73 1.82
N PRO E 274 -8.83 -21.38 1.56
CA PRO E 274 -9.97 -22.29 1.73
C PRO E 274 -9.69 -23.68 1.17
N SER E 275 -9.15 -23.74 -0.04
CA SER E 275 -8.88 -25.03 -0.69
C SER E 275 -8.05 -25.94 0.20
N THR E 276 -6.97 -25.41 0.78
CA THR E 276 -6.09 -26.20 1.63
C THR E 276 -6.82 -26.73 2.85
N VAL E 277 -7.78 -25.96 3.35
CA VAL E 277 -8.55 -26.37 4.52
C VAL E 277 -9.62 -27.40 4.16
N PHE E 278 -10.29 -27.21 3.03
CA PHE E 278 -11.24 -28.21 2.54
C PHE E 278 -10.52 -29.53 2.29
N ALA E 279 -9.34 -29.46 1.68
CA ALA E 279 -8.54 -30.65 1.42
C ALA E 279 -8.39 -31.47 2.71
N ALA E 280 -7.96 -30.80 3.78
CA ALA E 280 -7.81 -31.46 5.06
C ALA E 280 -9.14 -32.07 5.50
N TYR E 281 -10.19 -31.27 5.46
CA TYR E 281 -11.50 -31.71 5.91
C TYR E 281 -12.00 -32.92 5.12
N ASN E 282 -11.78 -32.93 3.81
CA ASN E 282 -12.26 -34.00 2.96
C ASN E 282 -11.45 -35.29 3.10
N HIS E 283 -10.35 -35.22 3.84
CA HIS E 283 -9.54 -36.40 4.09
C HIS E 283 -9.81 -36.97 5.47
N LEU E 284 -10.68 -36.30 6.23
CA LEU E 284 -11.13 -36.79 7.51
C LEU E 284 -12.19 -37.85 7.29
N GLU E 285 -12.11 -38.95 8.01
CA GLU E 285 -13.11 -40.00 7.90
C GLU E 285 -13.54 -40.28 9.31
N THR E 286 -14.28 -39.34 9.85
CA THR E 286 -14.72 -39.40 11.22
C THR E 286 -15.91 -38.50 11.32
N ASP E 287 -16.54 -38.53 12.48
CA ASP E 287 -17.64 -37.64 12.77
C ASP E 287 -17.14 -36.20 12.72
N LYS E 288 -17.50 -35.48 11.67
CA LYS E 288 -16.87 -34.19 11.39
C LYS E 288 -17.86 -33.13 10.93
N GLU E 289 -17.44 -31.88 10.97
CA GLU E 289 -18.24 -30.78 10.45
C GLU E 289 -17.40 -29.55 10.12
N LEU E 290 -17.70 -28.93 8.99
CA LEU E 290 -16.97 -27.75 8.56
C LEU E 290 -17.87 -26.52 8.49
N LYS E 291 -17.66 -25.58 9.40
CA LYS E 291 -18.43 -24.32 9.37
C LYS E 291 -17.78 -23.35 8.39
N VAL E 292 -18.56 -22.90 7.41
CA VAL E 292 -18.05 -22.04 6.35
C VAL E 292 -18.57 -20.61 6.51
N TYR E 293 -17.65 -19.65 6.51
CA TYR E 293 -18.02 -18.26 6.68
C TYR E 293 -17.60 -17.40 5.49
N ARG E 294 -18.59 -16.99 4.71
CA ARG E 294 -18.39 -16.29 3.45
C ARG E 294 -17.59 -14.99 3.57
N TYR E 295 -17.78 -14.27 4.65
CA TYR E 295 -17.24 -12.91 4.74
C TYR E 295 -16.03 -12.75 5.65
N PHE E 296 -15.43 -13.86 6.08
CA PHE E 296 -14.29 -13.79 6.99
C PHE E 296 -13.02 -14.37 6.39
N GLY E 297 -11.90 -13.88 6.89
CA GLY E 297 -10.58 -14.34 6.51
C GLY E 297 -9.87 -15.06 7.63
N HIS E 298 -8.57 -14.85 7.73
CA HIS E 298 -7.77 -15.48 8.77
C HIS E 298 -7.86 -14.56 9.96
N GLU E 299 -8.93 -14.71 10.71
CA GLU E 299 -9.20 -13.86 11.84
C GLU E 299 -10.19 -14.49 12.79
N PHE E 300 -10.27 -13.94 13.98
CA PHE E 300 -11.26 -14.36 14.96
C PHE E 300 -12.64 -14.28 14.36
N ILE E 301 -13.35 -15.40 14.32
CA ILE E 301 -14.71 -15.46 13.80
C ILE E 301 -15.72 -15.64 14.94
N PRO E 302 -16.28 -14.53 15.39
CA PRO E 302 -17.23 -14.54 16.50
C PRO E 302 -18.26 -15.65 16.41
N ALA E 303 -18.86 -15.83 15.24
CA ALA E 303 -19.88 -16.85 15.04
C ALA E 303 -19.38 -18.25 15.38
N PHE E 304 -18.17 -18.56 14.95
CA PHE E 304 -17.59 -19.88 15.19
C PHE E 304 -17.22 -20.08 16.65
N GLN E 305 -16.93 -18.99 17.34
CA GLN E 305 -16.57 -19.07 18.76
C GLN E 305 -17.67 -19.75 19.57
N THR E 306 -18.91 -19.30 19.36
CA THR E 306 -20.06 -19.89 20.03
C THR E 306 -20.33 -21.30 19.51
N GLU E 307 -19.96 -21.56 18.26
CA GLU E 307 -20.10 -22.90 17.70
C GLU E 307 -19.27 -23.90 18.48
N LYS E 308 -17.99 -23.57 18.71
CA LYS E 308 -17.10 -24.51 19.38
C LYS E 308 -17.34 -24.60 20.87
N LEU E 309 -17.97 -23.57 21.44
CA LEU E 309 -18.34 -23.62 22.84
C LEU E 309 -19.40 -24.70 23.05
N SER E 310 -20.38 -24.74 22.16
CA SER E 310 -21.41 -25.78 22.20
C SER E 310 -20.81 -27.15 21.98
N PHE E 311 -20.02 -27.27 20.92
CA PHE E 311 -19.36 -28.51 20.58
C PHE E 311 -18.60 -29.06 21.77
N LEU E 312 -17.81 -28.20 22.42
CA LEU E 312 -17.00 -28.60 23.55
C LEU E 312 -17.87 -28.93 24.75
N GLN E 313 -18.88 -28.10 24.98
CA GLN E 313 -19.78 -28.30 26.12
C GLN E 313 -20.52 -29.63 26.00
N LYS E 314 -21.02 -29.93 24.80
CA LYS E 314 -21.77 -31.16 24.57
C LYS E 314 -20.92 -32.42 24.72
N HIS E 315 -19.63 -32.31 24.39
CA HIS E 315 -18.74 -33.47 24.42
C HIS E 315 -17.90 -33.60 25.69
N LEU E 316 -17.64 -32.48 26.35
CA LEU E 316 -16.71 -32.48 27.49
C LEU E 316 -17.36 -32.13 28.83
N LEU E 317 -18.34 -31.24 28.81
CA LEU E 317 -19.10 -30.92 30.02
C LEU E 317 -20.32 -31.83 30.14
N LEU E 318 -20.47 -32.71 29.16
CA LEU E 318 -21.59 -33.66 29.14
C LEU E 318 -22.32 -33.67 30.46
N SER F 7 9.95 11.68 23.04
CA SER F 7 8.95 12.67 23.38
C SER F 7 8.19 12.35 24.65
N LEU F 8 8.58 11.35 25.42
CA LEU F 8 7.68 11.05 26.52
C LEU F 8 7.66 12.24 27.48
N GLU F 9 8.78 12.94 27.56
CA GLU F 9 8.93 14.08 28.46
C GLU F 9 8.02 15.25 28.06
N GLU F 10 7.95 15.53 26.76
CA GLU F 10 7.06 16.57 26.25
C GLU F 10 5.60 16.16 26.43
N LEU F 11 5.31 14.89 26.17
CA LEU F 11 3.95 14.37 26.30
C LEU F 11 3.46 14.42 27.75
N LYS F 12 4.34 14.08 28.68
CA LYS F 12 3.99 14.04 30.10
C LYS F 12 3.56 15.41 30.61
N LYS F 13 4.08 16.46 29.99
CA LYS F 13 3.79 17.83 30.42
C LYS F 13 2.74 18.52 29.55
N TYR F 14 2.20 17.79 28.58
CA TYR F 14 1.24 18.37 27.64
C TYR F 14 -0.15 18.51 28.24
N LYS F 15 -0.60 19.75 28.40
CA LYS F 15 -1.91 20.03 28.96
C LYS F 15 -2.54 21.25 28.29
N PRO F 16 -3.22 21.02 27.15
CA PRO F 16 -3.79 22.09 26.35
C PRO F 16 -4.86 22.86 27.10
N LYS F 17 -5.00 24.15 26.79
CA LYS F 17 -6.04 24.97 27.40
C LYS F 17 -7.40 24.38 27.09
N LYS F 18 -8.28 24.36 28.08
CA LYS F 18 -9.63 23.85 27.87
C LYS F 18 -10.34 24.66 26.79
N THR F 19 -11.26 24.01 26.09
CA THR F 19 -12.03 24.68 25.05
C THR F 19 -13.47 24.83 25.48
N ALA F 20 -13.79 24.35 26.68
CA ALA F 20 -15.14 24.42 27.21
C ALA F 20 -15.70 25.83 27.08
N ARG F 21 -16.88 25.94 26.48
CA ARG F 21 -17.55 27.22 26.33
C ARG F 21 -18.17 27.61 27.67
N PRO F 22 -18.52 28.90 27.82
CA PRO F 22 -19.06 29.40 29.10
C PRO F 22 -20.33 28.70 29.57
N ASP F 23 -21.10 28.14 28.63
CA ASP F 23 -22.35 27.47 28.98
C ASP F 23 -22.18 25.96 29.09
N PHE F 24 -20.93 25.52 29.19
CA PHE F 24 -20.62 24.10 29.23
C PHE F 24 -21.47 23.34 30.26
N ALA F 25 -21.44 23.80 31.50
CA ALA F 25 -22.16 23.13 32.58
C ALA F 25 -23.68 23.16 32.34
N ASP F 26 -24.19 24.30 31.93
CA ASP F 26 -25.62 24.45 31.69
C ASP F 26 -26.11 23.47 30.62
N PHE F 27 -25.33 23.33 29.55
CA PHE F 27 -25.70 22.42 28.47
C PHE F 27 -25.92 21.01 29.00
N TRP F 28 -25.03 20.54 29.85
CA TRP F 28 -25.12 19.19 30.39
C TRP F 28 -26.19 19.04 31.46
N LYS F 29 -26.41 20.10 32.23
CA LYS F 29 -27.48 20.10 33.21
C LYS F 29 -28.82 19.98 32.49
N LYS F 30 -28.98 20.78 31.43
CA LYS F 30 -30.20 20.77 30.64
C LYS F 30 -30.39 19.43 29.94
N SER F 31 -29.29 18.86 29.45
CA SER F 31 -29.33 17.57 28.76
C SER F 31 -29.73 16.45 29.72
N LEU F 32 -29.16 16.46 30.91
CA LEU F 32 -29.51 15.47 31.93
C LEU F 32 -30.97 15.61 32.35
N GLU F 33 -31.47 16.84 32.31
CA GLU F 33 -32.86 17.11 32.63
C GLU F 33 -33.77 16.47 31.61
N GLU F 34 -33.39 16.57 30.33
CA GLU F 34 -34.17 15.97 29.25
C GLU F 34 -34.20 14.45 29.38
N LEU F 35 -33.06 13.89 29.79
CA LEU F 35 -32.95 12.45 30.00
C LEU F 35 -33.90 12.02 31.10
N ARG F 36 -33.86 12.73 32.22
CA ARG F 36 -34.74 12.43 33.35
C ARG F 36 -36.19 12.43 32.91
N GLN F 37 -36.47 13.14 31.83
CA GLN F 37 -37.82 13.31 31.32
C GLN F 37 -38.37 11.99 30.77
N VAL F 38 -37.47 11.09 30.40
CA VAL F 38 -37.87 9.84 29.76
C VAL F 38 -37.85 8.67 30.74
N GLU F 39 -38.99 8.00 30.88
CA GLU F 39 -39.10 6.86 31.78
C GLU F 39 -38.23 5.70 31.32
N ALA F 40 -37.41 5.19 32.24
CA ALA F 40 -36.51 4.08 31.93
C ALA F 40 -37.25 2.97 31.18
N GLU F 41 -38.19 2.32 31.86
CA GLU F 41 -38.95 1.24 31.26
C GLU F 41 -38.05 0.11 30.79
N PRO F 42 -37.05 -0.23 31.60
CA PRO F 42 -36.10 -1.29 31.25
C PRO F 42 -36.74 -2.67 31.09
N THR F 43 -36.22 -3.44 30.13
CA THR F 43 -36.73 -4.77 29.85
C THR F 43 -35.63 -5.84 29.85
N LEU F 44 -35.93 -7.00 30.44
CA LEU F 44 -34.99 -8.12 30.51
C LEU F 44 -35.56 -9.37 29.85
N GLU F 45 -34.67 -10.10 29.19
CA GLU F 45 -35.03 -11.26 28.42
C GLU F 45 -33.92 -12.28 28.45
N SER F 46 -34.15 -13.42 29.06
CA SER F 46 -33.13 -14.44 29.12
C SER F 46 -32.65 -14.81 27.72
N TYR F 47 -31.36 -15.00 27.58
CA TYR F 47 -30.76 -15.31 26.30
C TYR F 47 -29.88 -16.53 26.46
N ASP F 48 -29.96 -17.45 25.52
CA ASP F 48 -29.21 -18.69 25.58
C ASP F 48 -27.78 -18.50 25.13
N TYR F 49 -26.85 -19.10 25.85
CA TYR F 49 -25.45 -19.02 25.52
C TYR F 49 -24.72 -20.20 26.13
N PRO F 50 -23.86 -20.84 25.36
CA PRO F 50 -23.15 -22.04 25.82
C PRO F 50 -22.11 -21.78 26.90
N VAL F 51 -22.56 -21.51 28.11
CA VAL F 51 -21.67 -21.22 29.23
C VAL F 51 -22.27 -21.67 30.55
N LYS F 52 -21.43 -22.18 31.44
CA LYS F 52 -21.88 -22.57 32.77
C LYS F 52 -21.47 -21.52 33.80
N GLY F 53 -22.34 -21.27 34.77
CA GLY F 53 -22.04 -20.34 35.85
C GLY F 53 -22.35 -18.90 35.52
N VAL F 54 -23.07 -18.69 34.44
CA VAL F 54 -23.44 -17.34 34.01
C VAL F 54 -24.78 -17.34 33.31
N LYS F 55 -25.66 -16.43 33.71
CA LYS F 55 -26.92 -16.27 33.02
C LYS F 55 -26.83 -15.03 32.12
N VAL F 56 -27.28 -15.17 30.88
CA VAL F 56 -27.20 -14.08 29.91
C VAL F 56 -28.58 -13.53 29.59
N TYR F 57 -28.68 -12.21 29.47
CA TYR F 57 -29.95 -11.57 29.18
C TYR F 57 -29.83 -10.52 28.08
N ARG F 58 -30.91 -10.09 27.49
CA ARG F 58 -30.86 -8.98 26.60
C ARG F 58 -31.59 -7.89 27.31
N LEU F 59 -30.89 -6.82 27.57
CA LEU F 59 -31.38 -5.68 28.33
C LEU F 59 -31.84 -4.56 27.43
N THR F 60 -33.00 -3.99 27.74
CA THR F 60 -33.56 -2.90 26.96
C THR F 60 -34.02 -1.78 27.87
N TYR F 61 -33.81 -0.54 27.44
CA TYR F 61 -34.34 0.61 28.14
C TYR F 61 -34.43 1.82 27.21
N GLN F 62 -35.16 2.82 27.65
CA GLN F 62 -35.37 4.03 26.86
C GLN F 62 -34.50 5.16 27.36
N SER F 63 -33.96 5.94 26.43
CA SER F 63 -33.06 7.02 26.77
C SER F 63 -33.41 8.32 26.05
N PHE F 64 -32.47 9.24 26.06
CA PHE F 64 -32.61 10.54 25.44
C PHE F 64 -33.24 10.45 24.05
N GLY F 65 -34.33 11.17 23.85
CA GLY F 65 -35.01 11.19 22.57
C GLY F 65 -36.01 10.07 22.42
N HIS F 66 -36.15 9.26 23.46
CA HIS F 66 -37.08 8.15 23.42
C HIS F 66 -36.58 7.07 22.48
N SER F 67 -35.25 6.91 22.43
CA SER F 67 -34.64 5.90 21.61
C SER F 67 -34.39 4.65 22.42
N LYS F 68 -34.60 3.50 21.81
CA LYS F 68 -34.38 2.23 22.46
C LYS F 68 -32.90 1.89 22.43
N ILE F 69 -32.32 1.69 23.61
CA ILE F 69 -30.92 1.34 23.75
C ILE F 69 -30.86 -0.12 24.18
N GLU F 70 -29.92 -0.86 23.67
CA GLU F 70 -29.89 -2.27 23.98
C GLU F 70 -28.50 -2.85 24.10
N GLY F 71 -28.42 -4.12 24.54
CA GLY F 71 -27.17 -4.80 24.72
C GLY F 71 -27.35 -6.03 25.58
N PHE F 72 -26.33 -6.88 25.62
CA PHE F 72 -26.38 -8.10 26.40
C PHE F 72 -25.98 -7.83 27.83
N TYR F 73 -26.65 -8.50 28.74
CA TYR F 73 -26.39 -8.35 30.16
C TYR F 73 -26.13 -9.72 30.75
N ALA F 74 -24.88 -9.95 31.17
CA ALA F 74 -24.48 -11.24 31.72
C ALA F 74 -24.24 -11.15 33.22
N VAL F 75 -24.82 -12.08 33.96
CA VAL F 75 -24.71 -12.08 35.40
C VAL F 75 -24.13 -13.38 35.92
N PRO F 76 -23.20 -13.30 36.88
CA PRO F 76 -22.64 -14.49 37.51
C PRO F 76 -23.76 -15.33 38.10
N ASP F 77 -23.82 -16.60 37.69
CA ASP F 77 -24.93 -17.46 38.09
C ASP F 77 -24.86 -17.91 39.54
N GLN F 78 -25.11 -16.98 40.43
CA GLN F 78 -25.00 -17.25 41.85
C GLN F 78 -25.68 -16.14 42.61
N THR F 79 -25.84 -16.36 43.90
CA THR F 79 -26.49 -15.40 44.75
C THR F 79 -25.65 -14.14 44.90
N GLY F 80 -26.23 -13.00 44.53
CA GLY F 80 -25.56 -11.71 44.65
C GLY F 80 -25.58 -11.20 46.07
N PRO F 81 -25.52 -9.87 46.24
CA PRO F 81 -25.40 -8.92 45.13
C PRO F 81 -23.99 -8.97 44.54
N HIS F 82 -23.86 -8.59 43.28
CA HIS F 82 -22.56 -8.63 42.60
C HIS F 82 -22.05 -7.24 42.26
N PRO F 83 -20.73 -7.11 42.10
CA PRO F 83 -20.17 -5.90 41.53
C PRO F 83 -20.58 -5.84 40.06
N ALA F 84 -20.69 -4.65 39.50
CA ALA F 84 -21.17 -4.51 38.13
C ALA F 84 -20.26 -3.68 37.24
N LEU F 85 -20.26 -4.01 35.96
CA LEU F 85 -19.51 -3.25 34.97
C LEU F 85 -20.40 -2.83 33.82
N VAL F 86 -20.28 -1.58 33.42
CA VAL F 86 -20.87 -1.13 32.17
C VAL F 86 -19.75 -1.02 31.16
N ARG F 87 -19.82 -1.84 30.12
CA ARG F 87 -18.77 -1.90 29.12
C ARG F 87 -19.19 -1.20 27.83
N PHE F 88 -18.31 -0.35 27.31
CA PHE F 88 -18.59 0.37 26.08
C PHE F 88 -17.65 -0.06 24.97
N HIS F 89 -18.21 -0.34 23.79
CA HIS F 89 -17.43 -0.86 22.68
C HIS F 89 -16.80 0.25 21.85
N GLY F 90 -15.91 -0.14 20.94
CA GLY F 90 -15.18 0.82 20.12
C GLY F 90 -15.97 1.32 18.92
N TYR F 91 -15.47 2.40 18.31
CA TYR F 91 -16.11 3.02 17.16
C TYR F 91 -16.23 2.05 15.99
N ASN F 92 -17.47 1.72 15.63
CA ASN F 92 -17.72 0.82 14.50
C ASN F 92 -17.07 -0.54 14.71
N ALA F 93 -16.81 -0.89 15.97
CA ALA F 93 -16.11 -2.13 16.28
C ALA F 93 -16.94 -3.07 17.15
N SER F 94 -18.25 -3.05 16.99
CA SER F 94 -19.11 -3.97 17.71
C SER F 94 -19.50 -5.16 16.84
N TYR F 95 -18.93 -6.32 17.14
CA TYR F 95 -19.24 -7.55 16.41
C TYR F 95 -20.12 -8.48 17.23
N ASP F 96 -21.29 -8.80 16.70
CA ASP F 96 -22.25 -9.63 17.42
C ASP F 96 -22.47 -9.12 18.84
N ASP F 97 -22.55 -7.79 18.98
CA ASP F 97 -22.85 -7.17 20.26
C ASP F 97 -21.79 -7.51 21.31
N GLY F 98 -20.63 -7.95 20.85
CA GLY F 98 -19.53 -8.29 21.76
C GLY F 98 -20.01 -9.17 22.91
N ILE F 99 -20.87 -10.14 22.58
CA ILE F 99 -21.43 -11.04 23.58
C ILE F 99 -20.38 -11.89 24.29
N HIS F 100 -19.36 -12.32 23.55
CA HIS F 100 -18.35 -13.20 24.14
C HIS F 100 -17.54 -12.50 25.22
N ASP F 101 -17.20 -11.24 24.99
CA ASP F 101 -16.47 -10.44 25.97
C ASP F 101 -17.33 -10.21 27.21
N ILE F 102 -18.61 -9.92 26.98
CA ILE F 102 -19.52 -9.67 28.07
C ILE F 102 -19.64 -10.88 28.98
N VAL F 103 -19.86 -12.05 28.38
CA VAL F 103 -19.94 -13.30 29.14
C VAL F 103 -18.65 -13.53 29.94
N ASN F 104 -17.51 -13.29 29.31
CA ASN F 104 -16.22 -13.46 29.98
C ASN F 104 -16.07 -12.55 31.20
N TRP F 105 -16.55 -11.32 31.09
CA TRP F 105 -16.52 -10.40 32.22
C TRP F 105 -17.36 -10.93 33.37
N ALA F 106 -18.52 -11.50 33.04
CA ALA F 106 -19.38 -12.10 34.05
C ALA F 106 -18.68 -13.28 34.73
N LEU F 107 -17.93 -14.05 33.93
CA LEU F 107 -17.17 -15.18 34.47
C LEU F 107 -16.09 -14.71 35.44
N HIS F 108 -15.72 -13.44 35.35
CA HIS F 108 -14.73 -12.86 36.25
C HIS F 108 -15.38 -12.37 37.54
N GLY F 109 -16.69 -12.52 37.63
CA GLY F 109 -17.42 -12.16 38.84
C GLY F 109 -18.16 -10.84 38.74
N TYR F 110 -18.27 -10.30 37.54
CA TYR F 110 -18.93 -9.01 37.36
C TYR F 110 -20.25 -9.13 36.60
N ALA F 111 -21.32 -8.63 37.21
CA ALA F 111 -22.58 -8.47 36.49
C ALA F 111 -22.37 -7.33 35.53
N THR F 112 -22.17 -7.66 34.25
CA THR F 112 -21.72 -6.66 33.29
C THR F 112 -22.66 -6.47 32.09
N PHE F 113 -22.86 -5.21 31.72
CA PHE F 113 -23.75 -4.87 30.62
C PHE F 113 -22.99 -4.16 29.51
N GLY F 114 -23.05 -4.72 28.31
CA GLY F 114 -22.39 -4.11 27.15
C GLY F 114 -23.35 -3.26 26.36
N MSE F 115 -23.39 -1.98 26.68
CA MSE F 115 -24.28 -1.05 25.98
C MSE F 115 -23.88 -0.89 24.52
O MSE F 115 -22.72 -0.60 24.22
CB MSE F 115 -24.29 0.31 26.66
CG MSE F 115 -25.40 1.23 26.17
SE MSE F 115 -25.05 3.10 26.60
CE MSE F 115 -23.73 3.46 25.20
N LEU F 116 -24.84 -1.08 23.63
CA LEU F 116 -24.59 -0.89 22.21
C LEU F 116 -24.82 0.57 21.85
N VAL F 117 -23.85 1.18 21.19
CA VAL F 117 -23.92 2.59 20.82
C VAL F 117 -24.88 2.84 19.67
N ARG F 118 -25.83 3.74 19.87
CA ARG F 118 -26.87 4.00 18.88
C ARG F 118 -26.36 4.13 17.44
N GLY F 119 -26.89 3.27 16.58
CA GLY F 119 -26.55 3.28 15.19
C GLY F 119 -25.36 2.42 14.86
N GLN F 120 -24.50 2.22 15.83
CA GLN F 120 -23.30 1.44 15.61
C GLN F 120 -23.51 -0.01 15.94
N GLY F 121 -23.46 -0.31 17.23
CA GLY F 121 -23.58 -1.67 17.71
C GLY F 121 -24.96 -2.24 17.64
N GLY F 122 -25.96 -1.46 18.00
CA GLY F 122 -27.29 -2.02 17.93
C GLY F 122 -28.38 -1.37 18.75
N SER F 123 -28.24 -0.08 18.96
CA SER F 123 -29.29 0.65 19.64
C SER F 123 -29.92 1.56 18.62
N GLU F 124 -30.99 2.22 18.98
CA GLU F 124 -31.66 3.09 18.03
C GLU F 124 -31.29 4.54 18.22
N ASP F 125 -31.03 5.23 17.12
CA ASP F 125 -30.77 6.65 17.20
C ASP F 125 -31.94 7.40 16.63
N THR F 126 -32.75 7.90 17.54
CA THR F 126 -33.97 8.60 17.23
C THR F 126 -33.72 10.02 16.79
N SER F 127 -32.48 10.50 16.91
CA SER F 127 -32.22 11.89 16.58
C SER F 127 -32.15 12.13 15.09
N VAL F 128 -32.85 13.17 14.63
CA VAL F 128 -32.85 13.59 13.24
C VAL F 128 -31.43 13.94 12.77
N THR F 129 -31.19 13.82 11.48
CA THR F 129 -29.94 14.26 10.87
C THR F 129 -30.14 15.64 10.25
N PRO F 130 -29.70 16.69 10.95
CA PRO F 130 -29.95 18.08 10.57
C PRO F 130 -29.60 18.39 9.12
N GLY F 131 -28.37 18.05 8.72
CA GLY F 131 -27.92 18.30 7.36
C GLY F 131 -26.86 17.32 6.93
N GLY F 132 -26.14 17.65 5.87
CA GLY F 132 -25.07 16.78 5.36
C GLY F 132 -23.99 16.57 6.40
N HIS F 133 -23.19 15.52 6.21
CA HIS F 133 -22.04 15.26 7.06
C HIS F 133 -21.14 14.23 6.38
N ALA F 134 -19.91 14.11 6.86
CA ALA F 134 -18.97 13.16 6.30
C ALA F 134 -19.37 11.73 6.62
N LEU F 135 -18.95 10.79 5.76
CA LEU F 135 -19.22 9.38 5.98
C LEU F 135 -18.79 8.96 7.38
N GLY F 136 -19.74 8.47 8.16
CA GLY F 136 -19.47 8.07 9.53
C GLY F 136 -20.40 8.79 10.51
N TRP F 137 -20.15 8.59 11.80
CA TRP F 137 -20.97 9.22 12.84
C TRP F 137 -20.34 10.50 13.38
N MSE F 138 -19.02 10.62 13.20
CA MSE F 138 -18.27 11.71 13.83
C MSE F 138 -18.87 13.11 13.62
O MSE F 138 -18.86 13.93 14.52
CB MSE F 138 -16.83 11.70 13.34
CG MSE F 138 -16.02 10.52 13.86
SE MSE F 138 -16.12 10.41 15.81
CE MSE F 138 -15.33 12.14 16.23
N THR F 139 -19.42 13.37 12.43
CA THR F 139 -19.85 14.72 12.10
C THR F 139 -21.37 14.86 12.00
N LYS F 140 -22.09 13.82 12.38
CA LYS F 140 -23.55 13.85 12.37
C LYS F 140 -24.11 14.84 13.39
N GLY F 141 -24.84 15.84 12.91
CA GLY F 141 -25.38 16.89 13.77
C GLY F 141 -24.30 17.80 14.33
N ILE F 142 -23.19 17.90 13.61
CA ILE F 142 -22.01 18.61 14.10
C ILE F 142 -22.21 20.11 14.24
N LEU F 143 -23.23 20.65 13.58
CA LEU F 143 -23.44 22.10 13.57
C LEU F 143 -24.17 22.64 14.80
N SER F 144 -24.45 21.77 15.76
CA SER F 144 -25.09 22.19 16.99
C SER F 144 -24.94 21.15 18.09
N LYS F 145 -24.55 21.59 19.29
CA LYS F 145 -24.39 20.69 20.41
C LYS F 145 -25.70 20.03 20.82
N ASP F 146 -26.82 20.64 20.44
CA ASP F 146 -28.13 20.05 20.73
C ASP F 146 -28.40 18.85 19.85
N THR F 147 -27.87 18.89 18.63
CA THR F 147 -28.16 17.85 17.63
C THR F 147 -27.01 16.88 17.47
N TYR F 148 -25.89 17.12 18.13
CA TYR F 148 -24.69 16.31 17.91
C TYR F 148 -24.87 14.85 18.33
N TYR F 149 -24.33 13.96 17.49
CA TYR F 149 -24.46 12.53 17.69
C TYR F 149 -24.14 12.05 19.10
N TYR F 150 -23.02 12.51 19.65
CA TYR F 150 -22.56 11.99 20.93
C TYR F 150 -23.34 12.51 22.13
N ARG F 151 -24.18 13.51 21.91
CA ARG F 151 -25.04 13.99 22.98
C ARG F 151 -25.93 12.84 23.44
N GLY F 152 -26.67 12.28 22.50
CA GLY F 152 -27.53 11.14 22.80
C GLY F 152 -26.78 9.98 23.40
N VAL F 153 -25.67 9.62 22.78
CA VAL F 153 -24.89 8.46 23.24
C VAL F 153 -24.35 8.66 24.65
N TYR F 154 -23.82 9.85 24.91
CA TYR F 154 -23.34 10.18 26.26
C TYR F 154 -24.46 9.96 27.27
N LEU F 155 -25.65 10.47 26.97
CA LEU F 155 -26.79 10.34 27.86
C LEU F 155 -27.22 8.89 28.04
N ASP F 156 -27.09 8.11 26.98
CA ASP F 156 -27.40 6.67 27.03
C ASP F 156 -26.50 5.99 28.05
N ALA F 157 -25.26 6.42 28.10
CA ALA F 157 -24.29 5.87 29.04
C ALA F 157 -24.71 6.14 30.47
N VAL F 158 -25.11 7.38 30.75
CA VAL F 158 -25.57 7.74 32.07
C VAL F 158 -26.75 6.87 32.48
N ARG F 159 -27.73 6.73 31.59
CA ARG F 159 -28.90 5.93 31.90
C ARG F 159 -28.54 4.47 32.12
N ALA F 160 -27.63 3.95 31.30
CA ALA F 160 -27.17 2.59 31.48
C ALA F 160 -26.84 2.36 32.96
N LEU F 161 -26.09 3.29 33.54
CA LEU F 161 -25.71 3.21 34.94
C LEU F 161 -26.92 3.28 35.86
N GLU F 162 -27.86 4.15 35.52
CA GLU F 162 -29.07 4.32 36.31
C GLU F 162 -29.89 3.04 36.33
N VAL F 163 -29.95 2.38 35.18
CA VAL F 163 -30.73 1.15 35.03
C VAL F 163 -30.15 -0.03 35.81
N ILE F 164 -28.91 -0.40 35.52
CA ILE F 164 -28.28 -1.54 36.18
C ILE F 164 -28.14 -1.32 37.68
N GLN F 165 -27.96 -0.07 38.10
CA GLN F 165 -27.81 0.25 39.50
C GLN F 165 -29.08 -0.10 40.28
N SER F 166 -30.22 -0.08 39.61
CA SER F 166 -31.49 -0.38 40.26
C SER F 166 -31.73 -1.89 40.39
N PHE F 167 -30.89 -2.68 39.74
CA PHE F 167 -31.05 -4.13 39.82
C PHE F 167 -30.71 -4.66 41.21
N PRO F 168 -31.59 -5.50 41.76
CA PRO F 168 -31.39 -6.06 43.09
C PRO F 168 -30.11 -6.89 43.20
N GLU F 169 -29.69 -7.53 42.11
CA GLU F 169 -28.50 -8.39 42.16
C GLU F 169 -27.23 -7.56 42.05
N VAL F 170 -27.39 -6.28 41.74
CA VAL F 170 -26.25 -5.39 41.57
C VAL F 170 -26.00 -4.55 42.83
N ASP F 171 -24.76 -4.54 43.28
CA ASP F 171 -24.35 -3.68 44.40
C ASP F 171 -24.04 -2.28 43.87
N GLU F 172 -24.98 -1.35 44.06
CA GLU F 172 -24.86 -0.01 43.49
C GLU F 172 -23.57 0.68 43.92
N HIS F 173 -22.97 0.21 45.01
CA HIS F 173 -21.76 0.80 45.58
C HIS F 173 -20.48 0.26 44.94
N ARG F 174 -20.63 -0.68 44.02
CA ARG F 174 -19.49 -1.33 43.39
C ARG F 174 -19.68 -1.46 41.88
N ILE F 175 -20.00 -0.35 41.22
CA ILE F 175 -20.17 -0.34 39.78
C ILE F 175 -18.98 0.32 39.09
N GLY F 176 -18.39 -0.40 38.13
CA GLY F 176 -17.27 0.15 37.38
C GLY F 176 -17.67 0.42 35.94
N VAL F 177 -16.99 1.38 35.32
CA VAL F 177 -17.24 1.73 33.93
C VAL F 177 -15.95 1.57 33.12
N ILE F 178 -16.01 0.76 32.07
CA ILE F 178 -14.81 0.45 31.28
C ILE F 178 -15.06 0.49 29.77
N GLY F 179 -13.97 0.57 29.02
CA GLY F 179 -14.05 0.60 27.56
C GLY F 179 -12.74 1.03 26.93
N GLY F 180 -12.57 0.71 25.65
CA GLY F 180 -11.39 1.10 24.90
C GLY F 180 -11.76 2.06 23.78
N SER F 181 -10.82 2.93 23.42
CA SER F 181 -11.05 3.93 22.38
C SER F 181 -12.35 4.68 22.61
N GLN F 182 -13.33 4.49 21.73
CA GLN F 182 -14.64 5.11 21.94
C GLN F 182 -15.22 4.68 23.28
N GLY F 183 -15.02 3.42 23.63
CA GLY F 183 -15.49 2.89 24.90
C GLY F 183 -14.90 3.63 26.08
N GLY F 184 -13.59 3.90 26.00
CA GLY F 184 -12.91 4.61 27.06
C GLY F 184 -13.43 6.03 27.23
N ALA F 185 -13.73 6.68 26.11
CA ALA F 185 -14.29 8.02 26.16
C ALA F 185 -15.65 7.99 26.83
N LEU F 186 -16.50 7.04 26.46
CA LEU F 186 -17.81 6.90 27.09
C LEU F 186 -17.67 6.57 28.57
N ALA F 187 -16.68 5.75 28.91
CA ALA F 187 -16.42 5.44 30.30
C ALA F 187 -16.13 6.71 31.09
N ILE F 188 -15.21 7.52 30.57
CA ILE F 188 -14.85 8.78 31.22
C ILE F 188 -16.02 9.77 31.25
N ALA F 189 -16.66 9.96 30.11
CA ALA F 189 -17.81 10.86 30.02
C ALA F 189 -18.87 10.48 31.03
N ALA F 190 -19.22 9.19 31.05
CA ALA F 190 -20.22 8.68 31.99
C ALA F 190 -19.83 9.00 33.43
N ALA F 191 -18.60 8.69 33.79
CA ALA F 191 -18.09 8.97 35.13
C ALA F 191 -18.14 10.46 35.43
N ALA F 192 -17.90 11.29 34.42
CA ALA F 192 -17.90 12.72 34.60
C ALA F 192 -19.30 13.28 34.81
N LEU F 193 -20.29 12.63 34.20
CA LEU F 193 -21.68 13.10 34.27
C LEU F 193 -22.50 12.40 35.32
N SER F 194 -21.96 11.34 35.91
CA SER F 194 -22.68 10.56 36.91
C SER F 194 -21.79 10.14 38.07
N ASP F 195 -22.37 10.12 39.26
CA ASP F 195 -21.63 9.71 40.47
C ASP F 195 -21.82 8.23 40.73
N ILE F 196 -22.59 7.56 39.90
CA ILE F 196 -22.88 6.14 40.09
C ILE F 196 -21.63 5.28 40.04
N PRO F 197 -20.83 5.41 38.97
CA PRO F 197 -19.64 4.59 38.82
C PRO F 197 -18.62 4.87 39.92
N LYS F 198 -18.06 3.82 40.50
CA LYS F 198 -17.06 3.96 41.54
C LYS F 198 -15.67 4.02 40.94
N VAL F 199 -15.53 3.45 39.75
CA VAL F 199 -14.21 3.33 39.12
C VAL F 199 -14.26 3.46 37.61
N VAL F 200 -13.14 3.87 37.01
CA VAL F 200 -13.07 4.07 35.56
C VAL F 200 -11.82 3.45 34.97
N VAL F 201 -11.98 2.65 33.93
CA VAL F 201 -10.84 2.12 33.21
C VAL F 201 -10.99 2.43 31.74
N ALA F 202 -10.06 3.22 31.21
CA ALA F 202 -10.13 3.61 29.82
C ALA F 202 -8.82 3.32 29.08
N ASP F 203 -8.92 2.55 28.00
CA ASP F 203 -7.78 2.28 27.16
C ASP F 203 -7.79 3.28 26.02
N TYR F 204 -6.63 3.83 25.68
CA TYR F 204 -6.51 4.80 24.62
C TYR F 204 -7.84 5.48 24.29
N PRO F 205 -8.34 6.27 25.24
CA PRO F 205 -9.61 6.97 25.07
C PRO F 205 -9.70 7.75 23.76
N TYR F 206 -10.91 7.92 23.26
CA TYR F 206 -11.16 8.61 22.00
C TYR F 206 -11.83 9.93 22.30
N LEU F 207 -12.30 10.63 21.28
CA LEU F 207 -13.01 11.90 21.44
C LEU F 207 -12.30 12.82 22.42
N SER F 208 -11.01 13.05 22.20
CA SER F 208 -10.22 13.86 23.11
C SER F 208 -9.30 14.84 22.37
N ASN F 209 -9.33 16.10 22.79
CA ASN F 209 -8.47 17.13 22.22
C ASN F 209 -8.69 17.24 20.71
N PHE F 210 -9.94 17.42 20.32
CA PHE F 210 -10.32 17.44 18.90
C PHE F 210 -9.44 18.36 18.05
N GLU F 211 -9.18 19.56 18.54
CA GLU F 211 -8.46 20.56 17.76
C GLU F 211 -7.02 20.14 17.42
N ARG F 212 -6.47 19.22 18.20
CA ARG F 212 -5.16 18.68 17.86
C ARG F 212 -5.26 17.35 17.12
N ALA F 213 -6.22 16.53 17.55
CA ALA F 213 -6.43 15.23 16.93
C ALA F 213 -6.49 15.37 15.42
N VAL F 214 -7.16 16.41 14.95
CA VAL F 214 -7.37 16.64 13.52
C VAL F 214 -6.06 16.98 12.79
N ASP F 215 -5.02 17.30 13.55
CA ASP F 215 -3.74 17.68 12.96
C ASP F 215 -2.69 16.58 13.07
N VAL F 216 -2.95 15.59 13.91
CA VAL F 216 -1.95 14.56 14.19
C VAL F 216 -2.41 13.16 13.80
N ALA F 217 -3.73 12.96 13.74
CA ALA F 217 -4.30 11.67 13.37
C ALA F 217 -3.91 11.29 11.94
N LEU F 218 -3.35 10.10 11.77
CA LEU F 218 -2.96 9.62 10.45
C LEU F 218 -3.93 8.52 10.00
N GLU F 219 -4.98 8.34 10.75
CA GLU F 219 -5.89 7.26 10.53
C GLU F 219 -7.28 7.63 10.95
N GLN F 220 -8.26 6.90 10.47
CA GLN F 220 -9.62 7.17 10.79
C GLN F 220 -9.83 6.76 12.20
N PRO F 221 -10.82 7.37 12.84
CA PRO F 221 -11.70 8.33 12.17
C PRO F 221 -11.64 9.79 12.57
N TYR F 222 -10.63 10.24 13.30
CA TYR F 222 -10.59 11.65 13.63
C TYR F 222 -10.66 12.41 12.30
N LEU F 223 -10.21 11.73 11.25
CA LEU F 223 -10.18 12.31 9.90
C LEU F 223 -11.55 12.60 9.30
N GLU F 224 -12.60 12.01 9.86
CA GLU F 224 -13.95 12.26 9.37
C GLU F 224 -14.24 13.75 9.49
N ILE F 225 -13.72 14.37 10.54
CA ILE F 225 -13.86 15.81 10.74
C ILE F 225 -13.16 16.57 9.59
N ASN F 226 -11.90 16.23 9.34
CA ASN F 226 -11.19 16.82 8.21
C ASN F 226 -12.01 16.64 6.94
N SER F 227 -12.47 15.41 6.73
CA SER F 227 -13.23 15.06 5.55
C SER F 227 -14.48 15.93 5.43
N TYR F 228 -15.10 16.21 6.57
CA TYR F 228 -16.30 17.05 6.63
C TYR F 228 -16.00 18.49 6.20
N PHE F 229 -14.85 19.00 6.61
CA PHE F 229 -14.46 20.37 6.24
C PHE F 229 -14.10 20.49 4.76
N ARG F 230 -13.60 19.40 4.17
CA ARG F 230 -13.27 19.41 2.75
C ARG F 230 -14.54 19.57 1.92
N ARG F 231 -15.65 19.04 2.43
CA ARG F 231 -16.92 19.09 1.74
C ARG F 231 -17.69 20.38 2.04
N ASN F 232 -17.37 20.99 3.17
CA ASN F 232 -18.00 22.25 3.56
C ASN F 232 -16.93 23.29 3.90
N SER F 233 -16.51 24.04 2.89
CA SER F 233 -15.37 24.95 3.03
C SER F 233 -15.69 26.21 3.82
N ASP F 234 -16.97 26.48 4.01
CA ASP F 234 -17.38 27.67 4.75
C ASP F 234 -16.63 27.78 6.07
N PRO F 235 -15.88 28.88 6.26
CA PRO F 235 -15.08 29.09 7.47
C PRO F 235 -15.94 29.11 8.73
N GLU F 236 -17.21 29.51 8.56
CA GLU F 236 -18.15 29.57 9.69
C GLU F 236 -18.60 28.18 10.11
N VAL F 237 -18.48 27.22 9.19
CA VAL F 237 -18.79 25.83 9.50
C VAL F 237 -17.74 25.23 10.42
N GLU F 238 -16.47 25.51 10.13
CA GLU F 238 -15.39 24.98 10.96
C GLU F 238 -15.49 25.54 12.37
N GLU F 239 -15.79 26.84 12.45
CA GLU F 239 -15.95 27.53 13.74
C GLU F 239 -17.01 26.86 14.58
N LYS F 240 -18.18 26.65 13.98
CA LYS F 240 -19.30 26.05 14.67
C LYS F 240 -19.01 24.60 15.04
N ALA F 241 -18.39 23.88 14.13
CA ALA F 241 -18.06 22.47 14.36
C ALA F 241 -17.20 22.28 15.61
N PHE F 242 -16.07 23.00 15.68
CA PHE F 242 -15.19 22.88 16.83
C PHE F 242 -15.85 23.38 18.10
N GLU F 243 -16.79 24.31 17.94
CA GLU F 243 -17.55 24.82 19.08
C GLU F 243 -18.39 23.71 19.69
N THR F 244 -19.16 23.02 18.85
CA THR F 244 -20.04 21.98 19.36
C THR F 244 -19.22 20.80 19.89
N LEU F 245 -18.06 20.59 19.28
CA LEU F 245 -17.19 19.48 19.68
C LEU F 245 -16.62 19.65 21.08
N SER F 246 -16.45 20.90 21.50
CA SER F 246 -15.86 21.17 22.81
C SER F 246 -16.76 20.69 23.95
N TYR F 247 -18.05 20.57 23.67
CA TYR F 247 -19.00 20.13 24.70
C TYR F 247 -18.86 18.65 25.00
N PHE F 248 -18.10 17.94 24.17
CA PHE F 248 -17.98 16.49 24.31
C PHE F 248 -16.52 16.07 24.44
N ASP F 249 -15.63 17.04 24.34
CA ASP F 249 -14.20 16.77 24.41
C ASP F 249 -13.79 16.34 25.82
N LEU F 250 -13.08 15.24 25.92
CA LEU F 250 -12.66 14.72 27.21
C LEU F 250 -11.88 15.74 28.04
N ILE F 251 -11.09 16.58 27.38
CA ILE F 251 -10.29 17.55 28.12
C ILE F 251 -11.16 18.52 28.91
N ASN F 252 -12.41 18.66 28.50
CA ASN F 252 -13.35 19.54 29.18
C ASN F 252 -14.19 18.79 30.21
N LEU F 253 -14.33 17.48 30.01
CA LEU F 253 -15.10 16.65 30.93
C LEU F 253 -14.24 16.05 32.04
N ALA F 254 -12.96 15.82 31.73
CA ALA F 254 -12.05 15.20 32.69
C ALA F 254 -12.09 15.87 34.06
N GLY F 255 -12.34 17.18 34.05
CA GLY F 255 -12.39 17.96 35.28
C GLY F 255 -13.44 17.48 36.27
N TRP F 256 -14.49 16.83 35.77
CA TRP F 256 -15.59 16.40 36.61
C TRP F 256 -15.42 15.00 37.17
N VAL F 257 -14.41 14.27 36.70
CA VAL F 257 -14.23 12.88 37.13
C VAL F 257 -13.57 12.81 38.50
N LYS F 258 -14.31 12.25 39.46
CA LYS F 258 -13.81 12.10 40.83
C LYS F 258 -13.36 10.67 41.12
N GLN F 259 -13.84 9.72 40.31
CA GLN F 259 -13.55 8.31 40.54
C GLN F 259 -12.09 7.98 40.26
N PRO F 260 -11.54 7.00 40.99
CA PRO F 260 -10.21 6.48 40.65
C PRO F 260 -10.26 5.94 39.23
N THR F 261 -9.34 6.40 38.38
CA THR F 261 -9.37 6.00 36.98
C THR F 261 -8.01 5.55 36.45
N LEU F 262 -8.03 4.48 35.67
CA LEU F 262 -6.81 3.90 35.10
C LEU F 262 -6.85 3.99 33.57
N MSE F 263 -5.77 4.46 32.98
CA MSE F 263 -5.69 4.63 31.53
C MSE F 263 -4.50 3.93 30.91
O MSE F 263 -3.50 3.64 31.59
CB MSE F 263 -5.64 6.11 31.16
CG MSE F 263 -6.88 6.88 31.55
SE MSE F 263 -6.85 8.65 30.75
CE MSE F 263 -8.58 9.28 31.39
N ALA F 264 -4.59 3.67 29.62
CA ALA F 264 -3.50 3.10 28.86
C ALA F 264 -3.30 3.86 27.55
N ILE F 265 -2.08 3.83 27.02
CA ILE F 265 -1.79 4.43 25.72
C ILE F 265 -0.52 3.83 25.12
N GLY F 266 -0.60 3.46 23.85
CA GLY F 266 0.56 2.96 23.11
C GLY F 266 1.21 4.08 22.33
N LEU F 267 2.54 4.20 22.46
CA LEU F 267 3.26 5.33 21.89
C LEU F 267 3.33 5.36 20.36
N ILE F 268 2.90 4.29 19.71
CA ILE F 268 2.83 4.28 18.26
C ILE F 268 1.40 4.24 17.75
N ASP F 269 0.46 4.61 18.61
CA ASP F 269 -0.96 4.64 18.25
C ASP F 269 -1.22 5.79 17.26
N GLN F 270 -1.74 5.43 16.09
CA GLN F 270 -1.99 6.43 15.05
C GLN F 270 -3.46 6.78 14.89
N VAL F 271 -4.32 5.97 15.51
CA VAL F 271 -5.76 6.21 15.48
C VAL F 271 -6.09 7.22 16.55
N THR F 272 -5.57 6.96 17.74
CA THR F 272 -5.84 7.78 18.90
C THR F 272 -4.50 8.28 19.45
N PRO F 273 -3.95 9.34 18.82
CA PRO F 273 -2.60 9.82 19.07
C PRO F 273 -2.29 10.06 20.55
N PRO F 274 -1.10 9.62 20.98
CA PRO F 274 -0.67 9.72 22.37
C PRO F 274 -0.97 11.10 22.97
N SER F 275 -0.65 12.15 22.23
CA SER F 275 -0.85 13.50 22.73
C SER F 275 -2.28 13.73 23.20
N THR F 276 -3.25 13.32 22.37
CA THR F 276 -4.66 13.52 22.69
C THR F 276 -5.05 12.77 23.96
N VAL F 277 -4.41 11.62 24.19
CA VAL F 277 -4.70 10.82 25.36
C VAL F 277 -4.05 11.41 26.60
N PHE F 278 -2.80 11.87 26.48
CA PHE F 278 -2.13 12.54 27.58
C PHE F 278 -2.93 13.79 27.98
N ALA F 279 -3.38 14.54 26.98
CA ALA F 279 -4.17 15.74 27.23
C ALA F 279 -5.33 15.42 28.17
N ALA F 280 -6.09 14.37 27.84
CA ALA F 280 -7.20 13.94 28.67
C ALA F 280 -6.71 13.60 30.08
N TYR F 281 -5.66 12.78 30.15
CA TYR F 281 -5.12 12.34 31.43
C TYR F 281 -4.67 13.51 32.30
N ASN F 282 -4.01 14.49 31.69
CA ASN F 282 -3.49 15.63 32.43
C ASN F 282 -4.57 16.61 32.88
N HIS F 283 -5.80 16.39 32.41
CA HIS F 283 -6.92 17.22 32.83
C HIS F 283 -7.74 16.53 33.92
N LEU F 284 -7.34 15.32 34.25
CA LEU F 284 -7.94 14.59 35.33
C LEU F 284 -7.39 15.12 36.64
N GLU F 285 -8.26 15.34 37.61
CA GLU F 285 -7.83 15.83 38.89
C GLU F 285 -8.47 14.89 39.89
N THR F 286 -7.94 13.68 39.91
CA THR F 286 -8.45 12.61 40.74
C THR F 286 -7.37 11.55 40.91
N ASP F 287 -7.68 10.52 41.68
CA ASP F 287 -6.78 9.39 41.84
C ASP F 287 -6.68 8.68 40.50
N LYS F 288 -5.54 8.85 39.83
CA LYS F 288 -5.41 8.41 38.45
C LYS F 288 -4.06 7.74 38.16
N GLU F 289 -4.00 7.02 37.04
CA GLU F 289 -2.75 6.45 36.58
C GLU F 289 -2.77 6.16 35.08
N LEU F 290 -1.65 6.43 34.41
CA LEU F 290 -1.54 6.22 32.98
C LEU F 290 -0.46 5.19 32.65
N LYS F 291 -0.87 4.02 32.19
CA LYS F 291 0.09 3.01 31.78
C LYS F 291 0.54 3.27 30.35
N VAL F 292 1.85 3.43 30.17
CA VAL F 292 2.41 3.78 28.86
C VAL F 292 3.13 2.58 28.23
N TYR F 293 2.76 2.26 27.00
CA TYR F 293 3.35 1.13 26.29
C TYR F 293 4.04 1.56 25.02
N ARG F 294 5.36 1.45 25.00
CA ARG F 294 6.18 1.97 23.91
C ARG F 294 5.93 1.29 22.58
N TYR F 295 5.76 -0.02 22.60
CA TYR F 295 5.68 -0.79 21.38
C TYR F 295 4.29 -1.16 20.95
N PHE F 296 3.28 -0.45 21.40
CA PHE F 296 1.92 -0.77 20.98
C PHE F 296 1.18 0.43 20.41
N GLY F 297 0.23 0.13 19.53
CA GLY F 297 -0.62 1.11 18.90
C GLY F 297 -2.04 0.96 19.39
N HIS F 298 -3.00 1.21 18.50
CA HIS F 298 -4.41 1.14 18.84
C HIS F 298 -4.86 -0.30 18.71
N GLU F 299 -4.49 -1.12 19.68
CA GLU F 299 -4.80 -2.52 19.63
C GLU F 299 -4.81 -3.09 21.03
N PHE F 300 -5.36 -4.29 21.16
CA PHE F 300 -5.36 -5.03 22.41
C PHE F 300 -3.96 -5.10 23.00
N ILE F 301 -3.80 -4.58 24.21
CA ILE F 301 -2.50 -4.59 24.88
C ILE F 301 -2.52 -5.59 26.04
N PRO F 302 -2.02 -6.79 25.78
CA PRO F 302 -2.01 -7.87 26.79
C PRO F 302 -1.52 -7.43 28.16
N ALA F 303 -0.47 -6.61 28.19
CA ALA F 303 0.08 -6.14 29.45
C ALA F 303 -0.91 -5.33 30.27
N PHE F 304 -1.70 -4.49 29.59
CA PHE F 304 -2.66 -3.65 30.27
C PHE F 304 -3.90 -4.42 30.70
N GLN F 305 -4.17 -5.53 30.03
CA GLN F 305 -5.32 -6.33 30.38
C GLN F 305 -5.20 -6.72 31.84
N THR F 306 -4.10 -7.38 32.17
CA THR F 306 -3.85 -7.82 33.54
C THR F 306 -3.81 -6.64 34.50
N GLU F 307 -3.37 -5.48 34.02
CA GLU F 307 -3.36 -4.27 34.83
C GLU F 307 -4.77 -3.90 35.31
N LYS F 308 -5.72 -3.86 34.38
CA LYS F 308 -7.07 -3.46 34.71
C LYS F 308 -7.85 -4.53 35.48
N LEU F 309 -7.42 -5.78 35.33
CA LEU F 309 -8.02 -6.85 36.12
C LEU F 309 -7.72 -6.64 37.60
N SER F 310 -6.47 -6.30 37.91
CA SER F 310 -6.09 -5.99 39.29
C SER F 310 -6.82 -4.77 39.80
N PHE F 311 -6.76 -3.70 39.01
CA PHE F 311 -7.44 -2.46 39.34
C PHE F 311 -8.91 -2.72 39.69
N LEU F 312 -9.60 -3.47 38.83
CA LEU F 312 -11.01 -3.74 39.03
C LEU F 312 -11.22 -4.66 40.23
N GLN F 313 -10.35 -5.65 40.36
CA GLN F 313 -10.47 -6.61 41.45
C GLN F 313 -10.29 -5.92 42.80
N LYS F 314 -9.29 -5.05 42.90
CA LYS F 314 -9.04 -4.35 44.15
C LYS F 314 -10.22 -3.47 44.53
N HIS F 315 -10.80 -2.78 43.55
CA HIS F 315 -11.83 -1.79 43.83
C HIS F 315 -13.25 -2.33 43.86
N LEU F 316 -13.50 -3.44 43.15
CA LEU F 316 -14.86 -3.94 43.01
C LEU F 316 -15.10 -5.30 43.65
N LEU F 317 -14.09 -6.16 43.64
CA LEU F 317 -14.19 -7.45 44.31
C LEU F 317 -13.61 -7.38 45.70
N LEU F 318 -12.97 -6.25 46.02
CA LEU F 318 -12.27 -6.09 47.29
C LEU F 318 -11.69 -7.43 47.75
C1 DEP G . 10.59 -2.75 -18.60
C2 DEP G . 10.04 -3.81 -19.55
C3 DEP G . 14.75 -5.35 -16.89
C4 DEP G . 15.86 -5.00 -15.89
O1 DEP G . 11.52 -3.32 -17.66
O2 DEP G . 13.72 -4.35 -16.90
O3 DEP G . 13.50 -3.36 -19.24
P DEP G . 12.78 -4.15 -18.21
C1 DEP H . 19.24 -4.55 7.15
C2 DEP H . 18.17 -4.54 8.25
C3 DEP H . 20.59 -6.52 3.10
C4 DEP H . 21.66 -5.58 2.51
O1 DEP H . 19.61 -5.89 6.81
O2 DEP H . 20.01 -5.98 4.30
O3 DEP H . 21.27 -7.54 5.87
P DEP H . 20.77 -6.15 5.72
C1 DEP I . -20.34 4.43 -4.90
C2 DEP I . -21.03 3.62 -5.99
C3 DEP I . -19.30 7.98 -8.34
C4 DEP I . -19.00 9.48 -8.54
O1 DEP I . -19.78 5.63 -5.44
O2 DEP I . -19.60 7.68 -6.96
O3 DEP I . -21.86 6.95 -6.00
P DEP I . -20.59 6.44 -6.57
C1 DEP J . 2.71 18.60 -11.33
C2 DEP J . 3.21 19.04 -9.95
C3 DEP J . -2.30 19.86 -11.48
C4 DEP J . -3.54 19.45 -12.28
O1 DEP J . 1.29 18.42 -11.30
O2 DEP J . -1.19 18.98 -11.75
O3 DEP J . 0.66 19.85 -13.30
P DEP J . 0.32 19.59 -11.88
C1 DEP K . -0.31 -19.18 9.80
C2 DEP K . -0.68 -20.66 9.89
C3 DEP K . -3.73 -17.87 13.32
C4 DEP K . -4.00 -16.79 14.36
O1 DEP K . -1.10 -18.39 10.70
O2 DEP K . -2.35 -17.83 12.86
O3 DEP K . -0.66 -19.74 12.78
P DEP K . -1.73 -19.09 12.01
C1 DEP L . -11.23 5.74 17.77
C2 DEP L . -11.00 6.29 16.36
C3 DEP L . -10.67 1.29 19.92
C4 DEP L . -10.18 -0.13 19.60
O1 DEP L . -11.08 4.31 17.79
O2 DEP L . -11.25 1.95 18.76
O3 DEP L . -13.33 3.46 18.57
P DEP L . -11.89 3.45 18.88
#